data_7D81
# 
_entry.id   7D81 
# 
_audit_conform.dict_name       mmcif_pdbx.dic 
_audit_conform.dict_version    5.380 
_audit_conform.dict_location   http://mmcif.pdb.org/dictionaries/ascii/mmcif_pdbx.dic 
# 
loop_
_database_2.database_id 
_database_2.database_code 
_database_2.pdbx_database_accession 
_database_2.pdbx_DOI 
PDB   7D81         pdb_00007d81 10.2210/pdb7d81/pdb 
WWPDB D_1300018916 ?            ?                   
# 
_pdbx_database_status.status_code                     REL 
_pdbx_database_status.status_code_sf                  REL 
_pdbx_database_status.status_code_mr                  ? 
_pdbx_database_status.entry_id                        7D81 
_pdbx_database_status.recvd_initial_deposition_date   2020-10-06 
_pdbx_database_status.SG_entry                        N 
_pdbx_database_status.deposit_site                    PDBJ 
_pdbx_database_status.process_site                    PDBJ 
_pdbx_database_status.status_code_cs                  ? 
_pdbx_database_status.status_code_nmr_data            ? 
_pdbx_database_status.methods_development_category    ? 
_pdbx_database_status.pdb_format_compatible           Y 
# 
loop_
_audit_author.name 
_audit_author.pdbx_ordinal 
_audit_author.identifier_ORCID 
'Chen, H.'  1 0000-0001-7436-5895 
'Ren, A.M.' 2 0000-0002-5420-4899 
# 
_citation.abstract                  ? 
_citation.abstract_id_CAS           ? 
_citation.book_id_ISBN              ? 
_citation.book_publisher            ? 
_citation.book_publisher_city       ? 
_citation.book_title                ? 
_citation.coordinate_linkage        ? 
_citation.country                   UK 
_citation.database_id_Medline       ? 
_citation.details                   ? 
_citation.id                        primary 
_citation.journal_abbrev            'Nucleic Acids Res.' 
_citation.journal_id_ASTM           NARHAD 
_citation.journal_id_CSD            0389 
_citation.journal_id_ISSN           1362-4962 
_citation.journal_full              ? 
_citation.journal_issue             ? 
_citation.journal_volume            48 
_citation.language                  ? 
_citation.page_first                12394 
_citation.page_last                 12406 
_citation.title                     
'Structural distinctions between NAD+ riboswitch domains 1 and 2 determine differential folding and ligand binding.' 
_citation.year                      2020 
_citation.database_id_CSD           ? 
_citation.pdbx_database_id_DOI      10.1093/nar/gkaa1029 
_citation.pdbx_database_id_PubMed   33170270 
_citation.unpublished_flag          ? 
# 
loop_
_citation_author.citation_id 
_citation_author.name 
_citation_author.ordinal 
_citation_author.identifier_ORCID 
primary 'Chen, H.'         1 ? 
primary 'Egger, M.'        2 ? 
primary 'Xu, X.'           3 ? 
primary 'Flemmich, L.'     4 ? 
primary 'Krasheninina, O.' 5 ? 
primary 'Sun, A.'          6 ? 
primary 'Micura, R.'       7 ? 
primary 'Ren, A.'          8 ? 
# 
_cell.angle_alpha                  90.000 
_cell.angle_alpha_esd              ? 
_cell.angle_beta                   90.000 
_cell.angle_beta_esd               ? 
_cell.angle_gamma                  120.000 
_cell.angle_gamma_esd              ? 
_cell.entry_id                     7D81 
_cell.details                      ? 
_cell.formula_units_Z              ? 
_cell.length_a                     76.026 
_cell.length_a_esd                 ? 
_cell.length_b                     76.026 
_cell.length_b_esd                 ? 
_cell.length_c                     50.468 
_cell.length_c_esd                 ? 
_cell.volume                       ? 
_cell.volume_esd                   ? 
_cell.Z_PDB                        6 
_cell.reciprocal_angle_alpha       ? 
_cell.reciprocal_angle_beta        ? 
_cell.reciprocal_angle_gamma       ? 
_cell.reciprocal_angle_alpha_esd   ? 
_cell.reciprocal_angle_beta_esd    ? 
_cell.reciprocal_angle_gamma_esd   ? 
_cell.reciprocal_length_a          ? 
_cell.reciprocal_length_b          ? 
_cell.reciprocal_length_c          ? 
_cell.reciprocal_length_a_esd      ? 
_cell.reciprocal_length_b_esd      ? 
_cell.reciprocal_length_c_esd      ? 
_cell.pdbx_unique_axis             ? 
# 
_symmetry.entry_id                         7D81 
_symmetry.cell_setting                     ? 
_symmetry.Int_Tables_number                154 
_symmetry.space_group_name_Hall            ? 
_symmetry.space_group_name_H-M             'P 32 2 1' 
_symmetry.pdbx_full_space_group_name_H-M   ? 
# 
loop_
_entity.id 
_entity.type 
_entity.src_method 
_entity.pdbx_description 
_entity.formula_weight 
_entity.pdbx_number_of_molecules 
_entity.pdbx_ec 
_entity.pdbx_mutation 
_entity.pdbx_fragment 
_entity.details 
1 polymer     man '832GAAA (50-MER)'                16103.608 1  ? 'C2G, A27G, G49C' ? ? 
2 non-polymer syn 'MAGNESIUM ION'                   24.305    3  ? ?                 ? ? 
3 non-polymer syn NICOTINAMIDE-ADENINE-DINUCLEOTIDE 663.425   1  ? ?                 ? ? 
4 water       nat water                             18.015    27 ? ?                 ? ? 
# 
_entity_poly.entity_id                      1 
_entity_poly.type                           polyribonucleotide 
_entity_poly.nstd_linkage                   no 
_entity_poly.nstd_monomer                   no 
_entity_poly.pdbx_seq_one_letter_code       GGUUUCAACAUCCCCGUUCGGCGCUCGAAAGAGGUGGCCGGACUGAAGCC 
_entity_poly.pdbx_seq_one_letter_code_can   GGUUUCAACAUCCCCGUUCGGCGCUCGAAAGAGGUGGCCGGACUGAAGCC 
_entity_poly.pdbx_strand_id                 A 
_entity_poly.pdbx_target_identifier         ? 
# 
loop_
_entity_poly_seq.entity_id 
_entity_poly_seq.num 
_entity_poly_seq.mon_id 
_entity_poly_seq.hetero 
1 1  G n 
1 2  G n 
1 3  U n 
1 4  U n 
1 5  U n 
1 6  C n 
1 7  A n 
1 8  A n 
1 9  C n 
1 10 A n 
1 11 U n 
1 12 C n 
1 13 C n 
1 14 C n 
1 15 C n 
1 16 G n 
1 17 U n 
1 18 U n 
1 19 C n 
1 20 G n 
1 21 G n 
1 22 C n 
1 23 G n 
1 24 C n 
1 25 U n 
1 26 C n 
1 27 G n 
1 28 A n 
1 29 A n 
1 30 A n 
1 31 G n 
1 32 A n 
1 33 G n 
1 34 G n 
1 35 U n 
1 36 G n 
1 37 G n 
1 38 C n 
1 39 C n 
1 40 G n 
1 41 G n 
1 42 A n 
1 43 C n 
1 44 U n 
1 45 G n 
1 46 A n 
1 47 A n 
1 48 G n 
1 49 C n 
1 50 C n 
# 
_entity_src_gen.entity_id                          1 
_entity_src_gen.pdbx_src_id                        1 
_entity_src_gen.pdbx_alt_source_flag               sample 
_entity_src_gen.pdbx_seq_type                      'Biological sequence' 
_entity_src_gen.pdbx_beg_seq_num                   1 
_entity_src_gen.pdbx_end_seq_num                   50 
_entity_src_gen.gene_src_common_name               ? 
_entity_src_gen.gene_src_genus                     ? 
_entity_src_gen.pdbx_gene_src_gene                 ? 
_entity_src_gen.gene_src_species                   ? 
_entity_src_gen.gene_src_strain                    ? 
_entity_src_gen.gene_src_tissue                    ? 
_entity_src_gen.gene_src_tissue_fraction           ? 
_entity_src_gen.gene_src_details                   ? 
_entity_src_gen.pdbx_gene_src_fragment             ? 
_entity_src_gen.pdbx_gene_src_scientific_name      'Acidobacteriaceae bacterium KBS 83' 
_entity_src_gen.pdbx_gene_src_ncbi_taxonomy_id     1267533 
_entity_src_gen.pdbx_gene_src_variant              ? 
_entity_src_gen.pdbx_gene_src_cell_line            ? 
_entity_src_gen.pdbx_gene_src_atcc                 ? 
_entity_src_gen.pdbx_gene_src_organ                ? 
_entity_src_gen.pdbx_gene_src_organelle            ? 
_entity_src_gen.pdbx_gene_src_cell                 ? 
_entity_src_gen.pdbx_gene_src_cellular_location    ? 
_entity_src_gen.host_org_common_name               ? 
_entity_src_gen.pdbx_host_org_scientific_name      'in vitro transcription vector pT7-TP(deltai)' 
_entity_src_gen.pdbx_host_org_ncbi_taxonomy_id     905931 
_entity_src_gen.host_org_genus                     ? 
_entity_src_gen.pdbx_host_org_gene                 ? 
_entity_src_gen.pdbx_host_org_organ                ? 
_entity_src_gen.host_org_species                   ? 
_entity_src_gen.pdbx_host_org_tissue               ? 
_entity_src_gen.pdbx_host_org_tissue_fraction      ? 
_entity_src_gen.pdbx_host_org_strain               ? 
_entity_src_gen.pdbx_host_org_variant              ? 
_entity_src_gen.pdbx_host_org_cell_line            ? 
_entity_src_gen.pdbx_host_org_atcc                 ? 
_entity_src_gen.pdbx_host_org_culture_collection   ? 
_entity_src_gen.pdbx_host_org_cell                 ? 
_entity_src_gen.pdbx_host_org_organelle            ? 
_entity_src_gen.pdbx_host_org_cellular_location    ? 
_entity_src_gen.pdbx_host_org_vector_type          ? 
_entity_src_gen.pdbx_host_org_vector               ? 
_entity_src_gen.host_org_details                   ? 
_entity_src_gen.expression_system_id               ? 
_entity_src_gen.plasmid_name                       ? 
_entity_src_gen.plasmid_details                    ? 
_entity_src_gen.pdbx_description                   ? 
# 
_struct_ref.id                         1 
_struct_ref.db_name                    PDB 
_struct_ref.db_code                    7D81 
_struct_ref.pdbx_db_accession          7D81 
_struct_ref.pdbx_db_isoform            ? 
_struct_ref.entity_id                  1 
_struct_ref.pdbx_seq_one_letter_code   ? 
_struct_ref.pdbx_align_begin           1 
# 
_struct_ref_seq.align_id                      1 
_struct_ref_seq.ref_id                        1 
_struct_ref_seq.pdbx_PDB_id_code              7D81 
_struct_ref_seq.pdbx_strand_id                A 
_struct_ref_seq.seq_align_beg                 1 
_struct_ref_seq.pdbx_seq_align_beg_ins_code   ? 
_struct_ref_seq.seq_align_end                 50 
_struct_ref_seq.pdbx_seq_align_end_ins_code   ? 
_struct_ref_seq.pdbx_db_accession             7D81 
_struct_ref_seq.db_align_beg                  1 
_struct_ref_seq.pdbx_db_align_beg_ins_code    ? 
_struct_ref_seq.db_align_end                  50 
_struct_ref_seq.pdbx_db_align_end_ins_code    ? 
_struct_ref_seq.pdbx_auth_seq_align_beg       1 
_struct_ref_seq.pdbx_auth_seq_align_end       50 
# 
loop_
_chem_comp.id 
_chem_comp.type 
_chem_comp.mon_nstd_flag 
_chem_comp.name 
_chem_comp.pdbx_synonyms 
_chem_comp.formula 
_chem_comp.formula_weight 
A   'RNA linking' y "ADENOSINE-5'-MONOPHOSPHATE"      ? 'C10 H14 N5 O7 P'   347.221 
C   'RNA linking' y "CYTIDINE-5'-MONOPHOSPHATE"       ? 'C9 H14 N3 O8 P'    323.197 
G   'RNA linking' y "GUANOSINE-5'-MONOPHOSPHATE"      ? 'C10 H14 N5 O8 P'   363.221 
HOH non-polymer   . WATER                             ? 'H2 O'              18.015  
MG  non-polymer   . 'MAGNESIUM ION'                   ? 'Mg 2'              24.305  
NAD non-polymer   . NICOTINAMIDE-ADENINE-DINUCLEOTIDE ? 'C21 H27 N7 O14 P2' 663.425 
U   'RNA linking' y "URIDINE-5'-MONOPHOSPHATE"        ? 'C9 H13 N2 O9 P'    324.181 
# 
_exptl.absorpt_coefficient_mu     ? 
_exptl.absorpt_correction_T_max   ? 
_exptl.absorpt_correction_T_min   ? 
_exptl.absorpt_correction_type    ? 
_exptl.absorpt_process_details    ? 
_exptl.entry_id                   7D81 
_exptl.crystals_number            1 
_exptl.details                    ? 
_exptl.method                     'X-RAY DIFFRACTION' 
_exptl.method_details             ? 
# 
_exptl_crystal.colour                      ? 
_exptl_crystal.density_diffrn              ? 
_exptl_crystal.density_Matthews            2.61 
_exptl_crystal.density_method              ? 
_exptl_crystal.density_percent_sol         52.96 
_exptl_crystal.description                 ? 
_exptl_crystal.F_000                       ? 
_exptl_crystal.id                          1 
_exptl_crystal.preparation                 ? 
_exptl_crystal.size_max                    ? 
_exptl_crystal.size_mid                    ? 
_exptl_crystal.size_min                    ? 
_exptl_crystal.size_rad                    ? 
_exptl_crystal.colour_lustre               ? 
_exptl_crystal.colour_modifier             ? 
_exptl_crystal.colour_primary              ? 
_exptl_crystal.density_meas                ? 
_exptl_crystal.density_meas_esd            ? 
_exptl_crystal.density_meas_gt             ? 
_exptl_crystal.density_meas_lt             ? 
_exptl_crystal.density_meas_temp           ? 
_exptl_crystal.density_meas_temp_esd       ? 
_exptl_crystal.density_meas_temp_gt        ? 
_exptl_crystal.density_meas_temp_lt        ? 
_exptl_crystal.pdbx_crystal_image_url      ? 
_exptl_crystal.pdbx_crystal_image_format   ? 
_exptl_crystal.pdbx_mosaicity              ? 
_exptl_crystal.pdbx_mosaicity_esd          ? 
# 
_exptl_crystal_grow.apparatus       ? 
_exptl_crystal_grow.atmosphere      ? 
_exptl_crystal_grow.crystal_id      1 
_exptl_crystal_grow.details         ? 
_exptl_crystal_grow.method          'VAPOR DIFFUSION, SITTING DROP' 
_exptl_crystal_grow.method_ref      ? 
_exptl_crystal_grow.pH              ? 
_exptl_crystal_grow.pressure        ? 
_exptl_crystal_grow.pressure_esd    ? 
_exptl_crystal_grow.seeding         ? 
_exptl_crystal_grow.seeding_ref     ? 
_exptl_crystal_grow.temp            289 
_exptl_crystal_grow.temp_details    ? 
_exptl_crystal_grow.temp_esd        ? 
_exptl_crystal_grow.time            ? 
_exptl_crystal_grow.pdbx_details    
;0.2 M NaCl 
0.1 M CHES pH 9.5,
50% PEG400
;
_exptl_crystal_grow.pdbx_pH_range   ? 
# 
_diffrn.ambient_environment              ? 
_diffrn.ambient_temp                     100 
_diffrn.ambient_temp_details             ? 
_diffrn.ambient_temp_esd                 ? 
_diffrn.crystal_id                       1 
_diffrn.crystal_support                  ? 
_diffrn.crystal_treatment                ? 
_diffrn.details                          ? 
_diffrn.id                               1 
_diffrn.ambient_pressure                 ? 
_diffrn.ambient_pressure_esd             ? 
_diffrn.ambient_pressure_gt              ? 
_diffrn.ambient_pressure_lt              ? 
_diffrn.ambient_temp_gt                  ? 
_diffrn.ambient_temp_lt                  ? 
_diffrn.pdbx_serial_crystal_experiment   N 
# 
_diffrn_detector.details                      ? 
_diffrn_detector.detector                     PIXEL 
_diffrn_detector.diffrn_id                    1 
_diffrn_detector.type                         'DECTRIS PILATUS3 6M' 
_diffrn_detector.area_resol_mean              ? 
_diffrn_detector.dtime                        ? 
_diffrn_detector.pdbx_frames_total            ? 
_diffrn_detector.pdbx_collection_time_total   ? 
_diffrn_detector.pdbx_collection_date         2019-11-09 
_diffrn_detector.pdbx_frequency               ? 
# 
_diffrn_radiation.collimation                      ? 
_diffrn_radiation.diffrn_id                        1 
_diffrn_radiation.filter_edge                      ? 
_diffrn_radiation.inhomogeneity                    ? 
_diffrn_radiation.monochromator                    ? 
_diffrn_radiation.polarisn_norm                    ? 
_diffrn_radiation.polarisn_ratio                   ? 
_diffrn_radiation.probe                            ? 
_diffrn_radiation.type                             ? 
_diffrn_radiation.xray_symbol                      ? 
_diffrn_radiation.wavelength_id                    1 
_diffrn_radiation.pdbx_monochromatic_or_laue_m_l   M 
_diffrn_radiation.pdbx_wavelength_list             ? 
_diffrn_radiation.pdbx_wavelength                  ? 
_diffrn_radiation.pdbx_diffrn_protocol             'SINGLE WAVELENGTH' 
_diffrn_radiation.pdbx_analyzer                    ? 
_diffrn_radiation.pdbx_scattering_type             x-ray 
# 
_diffrn_radiation_wavelength.id           1 
_diffrn_radiation_wavelength.wavelength   0.97853 
_diffrn_radiation_wavelength.wt           1.0 
# 
_diffrn_source.current                     ? 
_diffrn_source.details                     ? 
_diffrn_source.diffrn_id                   1 
_diffrn_source.power                       ? 
_diffrn_source.size                        ? 
_diffrn_source.source                      SYNCHROTRON 
_diffrn_source.target                      ? 
_diffrn_source.type                        'SSRF BEAMLINE BL19U1' 
_diffrn_source.voltage                     ? 
_diffrn_source.take-off_angle              ? 
_diffrn_source.pdbx_wavelength_list        0.97853 
_diffrn_source.pdbx_wavelength             ? 
_diffrn_source.pdbx_synchrotron_beamline   BL19U1 
_diffrn_source.pdbx_synchrotron_site       SSRF 
# 
_reflns.B_iso_Wilson_estimate            ? 
_reflns.entry_id                         7D81 
_reflns.data_reduction_details           ? 
_reflns.data_reduction_method            ? 
_reflns.d_resolution_high                2.100 
_reflns.d_resolution_low                 50.000 
_reflns.details                          ? 
_reflns.limit_h_max                      ? 
_reflns.limit_h_min                      ? 
_reflns.limit_k_max                      ? 
_reflns.limit_k_min                      ? 
_reflns.limit_l_max                      ? 
_reflns.limit_l_min                      ? 
_reflns.number_all                       ? 
_reflns.number_obs                       10115 
_reflns.observed_criterion               ? 
_reflns.observed_criterion_F_max         ? 
_reflns.observed_criterion_F_min         ? 
_reflns.observed_criterion_I_max         ? 
_reflns.observed_criterion_I_min         ? 
_reflns.observed_criterion_sigma_F       ? 
_reflns.observed_criterion_sigma_I       ? 
_reflns.percent_possible_obs             100.000 
_reflns.R_free_details                   ? 
_reflns.Rmerge_F_all                     ? 
_reflns.Rmerge_F_obs                     ? 
_reflns.Friedel_coverage                 ? 
_reflns.number_gt                        ? 
_reflns.threshold_expression             ? 
_reflns.pdbx_redundancy                  18.900 
_reflns.pdbx_Rmerge_I_obs                0.081 
_reflns.pdbx_Rmerge_I_all                ? 
_reflns.pdbx_Rsym_value                  ? 
_reflns.pdbx_netI_over_av_sigmaI         ? 
_reflns.pdbx_netI_over_sigmaI            5.400 
_reflns.pdbx_res_netI_over_av_sigmaI_2   ? 
_reflns.pdbx_res_netI_over_sigmaI_2      ? 
_reflns.pdbx_chi_squared                 0.846 
_reflns.pdbx_scaling_rejects             ? 
_reflns.pdbx_d_res_high_opt              ? 
_reflns.pdbx_d_res_low_opt               ? 
_reflns.pdbx_d_res_opt_method            ? 
_reflns.phase_calculation_details        ? 
_reflns.pdbx_Rrim_I_all                  0.083 
_reflns.pdbx_Rpim_I_all                  0.019 
_reflns.pdbx_d_opt                       ? 
_reflns.pdbx_number_measured_all         191116 
_reflns.pdbx_diffrn_id                   1 
_reflns.pdbx_ordinal                     1 
_reflns.pdbx_CC_half                     ? 
_reflns.pdbx_CC_star                     ? 
_reflns.pdbx_R_split                     ? 
# 
loop_
_reflns_shell.d_res_high 
_reflns_shell.d_res_low 
_reflns_shell.meanI_over_sigI_all 
_reflns_shell.meanI_over_sigI_obs 
_reflns_shell.number_measured_all 
_reflns_shell.number_measured_obs 
_reflns_shell.number_possible 
_reflns_shell.number_unique_all 
_reflns_shell.number_unique_obs 
_reflns_shell.percent_possible_all 
_reflns_shell.percent_possible_obs 
_reflns_shell.Rmerge_F_all 
_reflns_shell.Rmerge_F_obs 
_reflns_shell.Rmerge_I_all 
_reflns_shell.Rmerge_I_obs 
_reflns_shell.meanI_over_sigI_gt 
_reflns_shell.meanI_over_uI_all 
_reflns_shell.meanI_over_uI_gt 
_reflns_shell.number_measured_gt 
_reflns_shell.number_unique_gt 
_reflns_shell.percent_possible_gt 
_reflns_shell.Rmerge_F_gt 
_reflns_shell.Rmerge_I_gt 
_reflns_shell.pdbx_redundancy 
_reflns_shell.pdbx_Rsym_value 
_reflns_shell.pdbx_chi_squared 
_reflns_shell.pdbx_netI_over_sigmaI_all 
_reflns_shell.pdbx_netI_over_sigmaI_obs 
_reflns_shell.pdbx_Rrim_I_all 
_reflns_shell.pdbx_Rpim_I_all 
_reflns_shell.pdbx_rejects 
_reflns_shell.pdbx_ordinal 
_reflns_shell.pdbx_diffrn_id 
_reflns_shell.pdbx_CC_half 
_reflns_shell.pdbx_CC_star 
_reflns_shell.pdbx_R_split 
2.100 2.180  ? ? ? ? ? ? 995  100.000 ? ? ? ? 1.132 ? ? ? ? ? ? ? ? 16.200 ? 0.438 ? ? 1.167 0.281 ? 1  1 0.875 ? ? 
2.180 2.260  ? ? ? ? ? ? 978  100.000 ? ? ? ? 0.858 ? ? ? ? ? ? ? ? 18.500 ? 0.522 ? ? 0.882 0.202 ? 2  1 0.934 ? ? 
2.260 2.370  ? ? ? ? ? ? 1004 100.000 ? ? ? ? 0.666 ? ? ? ? ? ? ? ? 19.400 ? 0.458 ? ? 0.683 0.154 ? 3  1 0.967 ? ? 
2.370 2.490  ? ? ? ? ? ? 992  100.000 ? ? ? ? 0.460 ? ? ? ? ? ? ? ? 18.200 ? 0.474 ? ? 0.473 0.110 ? 4  1 0.987 ? ? 
2.490 2.650  ? ? ? ? ? ? 1006 100.000 ? ? ? ? 0.320 ? ? ? ? ? ? ? ? 20.000 ? 0.512 ? ? 0.328 0.073 ? 5  1 0.990 ? ? 
2.650 2.850  ? ? ? ? ? ? 1006 100.000 ? ? ? ? 0.216 ? ? ? ? ? ? ? ? 20.100 ? 0.646 ? ? 0.222 0.049 ? 6  1 0.995 ? ? 
2.850 3.140  ? ? ? ? ? ? 1019 100.000 ? ? ? ? 0.119 ? ? ? ? ? ? ? ? 19.500 ? 1.068 ? ? 0.122 0.028 ? 7  1 0.997 ? ? 
3.140 3.590  ? ? ? ? ? ? 1007 99.900  ? ? ? ? 0.091 ? ? ? ? ? ? ? ? 19.300 ? 1.466 ? ? 0.093 0.021 ? 8  1 0.998 ? ? 
3.590 4.520  ? ? ? ? ? ? 1023 100.000 ? ? ? ? 0.071 ? ? ? ? ? ? ? ? 19.600 ? 1.661 ? ? 0.073 0.017 ? 9  1 0.999 ? ? 
4.520 50.000 ? ? ? ? ? ? 1085 99.900  ? ? ? ? 0.046 ? ? ? ? ? ? ? ? 18.000 ? 1.077 ? ? 0.048 0.011 ? 10 1 0.999 ? ? 
# 
_refine.aniso_B[1][1]                            ? 
_refine.aniso_B[1][2]                            ? 
_refine.aniso_B[1][3]                            ? 
_refine.aniso_B[2][2]                            ? 
_refine.aniso_B[2][3]                            ? 
_refine.aniso_B[3][3]                            ? 
_refine.B_iso_max                                132.220 
_refine.B_iso_mean                               68.8862 
_refine.B_iso_min                                32.980 
_refine.correlation_coeff_Fo_to_Fc               ? 
_refine.correlation_coeff_Fo_to_Fc_free          ? 
_refine.details                                  ? 
_refine.diff_density_max                         ? 
_refine.diff_density_max_esd                     ? 
_refine.diff_density_min                         ? 
_refine.diff_density_min_esd                     ? 
_refine.diff_density_rms                         ? 
_refine.diff_density_rms_esd                     ? 
_refine.entry_id                                 7D81 
_refine.pdbx_refine_id                           'X-RAY DIFFRACTION' 
_refine.ls_abs_structure_details                 ? 
_refine.ls_abs_structure_Flack                   ? 
_refine.ls_abs_structure_Flack_esd               ? 
_refine.ls_abs_structure_Rogers                  ? 
_refine.ls_abs_structure_Rogers_esd              ? 
_refine.ls_d_res_high                            2.1000 
_refine.ls_d_res_low                             30.3640 
_refine.ls_extinction_coef                       ? 
_refine.ls_extinction_coef_esd                   ? 
_refine.ls_extinction_expression                 ? 
_refine.ls_extinction_method                     ? 
_refine.ls_goodness_of_fit_all                   ? 
_refine.ls_goodness_of_fit_all_esd               ? 
_refine.ls_goodness_of_fit_obs                   ? 
_refine.ls_goodness_of_fit_obs_esd               ? 
_refine.ls_hydrogen_treatment                    ? 
_refine.ls_matrix_type                           ? 
_refine.ls_number_constraints                    ? 
_refine.ls_number_parameters                     ? 
_refine.ls_number_reflns_all                     ? 
_refine.ls_number_reflns_obs                     10087 
_refine.ls_number_reflns_R_free                  535 
_refine.ls_number_reflns_R_work                  9552 
_refine.ls_number_restraints                     ? 
_refine.ls_percent_reflns_obs                    99.8100 
_refine.ls_percent_reflns_R_free                 5.3000 
_refine.ls_R_factor_all                          ? 
_refine.ls_R_factor_obs                          0.2259 
_refine.ls_R_factor_R_free                       0.2507 
_refine.ls_R_factor_R_free_error                 ? 
_refine.ls_R_factor_R_free_error_details         ? 
_refine.ls_R_factor_R_work                       0.2244 
_refine.ls_R_Fsqd_factor_obs                     ? 
_refine.ls_R_I_factor_obs                        ? 
_refine.ls_redundancy_reflns_all                 ? 
_refine.ls_redundancy_reflns_obs                 ? 
_refine.ls_restrained_S_all                      ? 
_refine.ls_restrained_S_obs                      ? 
_refine.ls_shift_over_esd_max                    ? 
_refine.ls_shift_over_esd_mean                   ? 
_refine.ls_structure_factor_coef                 ? 
_refine.ls_weighting_details                     ? 
_refine.ls_weighting_scheme                      ? 
_refine.ls_wR_factor_all                         ? 
_refine.ls_wR_factor_obs                         ? 
_refine.ls_wR_factor_R_free                      ? 
_refine.ls_wR_factor_R_work                      ? 
_refine.occupancy_max                            ? 
_refine.occupancy_min                            ? 
_refine.solvent_model_details                    'FLAT BULK SOLVENT MODEL' 
_refine.solvent_model_param_bsol                 ? 
_refine.solvent_model_param_ksol                 ? 
_refine.pdbx_R_complete                          ? 
_refine.ls_R_factor_gt                           ? 
_refine.ls_goodness_of_fit_gt                    ? 
_refine.ls_goodness_of_fit_ref                   ? 
_refine.ls_shift_over_su_max                     ? 
_refine.ls_shift_over_su_max_lt                  ? 
_refine.ls_shift_over_su_mean                    ? 
_refine.ls_shift_over_su_mean_lt                 ? 
_refine.pdbx_ls_sigma_I                          ? 
_refine.pdbx_ls_sigma_F                          1.380 
_refine.pdbx_ls_sigma_Fsqd                       ? 
_refine.pdbx_data_cutoff_high_absF               ? 
_refine.pdbx_data_cutoff_high_rms_absF           ? 
_refine.pdbx_data_cutoff_low_absF                ? 
_refine.pdbx_isotropic_thermal_model             ? 
_refine.pdbx_ls_cross_valid_method               THROUGHOUT 
_refine.pdbx_method_to_determine_struct          'MOLECULAR REPLACEMENT' 
_refine.pdbx_starting_model                      7D7V 
_refine.pdbx_stereochemistry_target_values       ML 
_refine.pdbx_R_Free_selection_details            ? 
_refine.pdbx_stereochem_target_val_spec_case     ? 
_refine.pdbx_overall_ESU_R                       ? 
_refine.pdbx_overall_ESU_R_Free                  ? 
_refine.pdbx_solvent_vdw_probe_radii             1.1100 
_refine.pdbx_solvent_ion_probe_radii             ? 
_refine.pdbx_solvent_shrinkage_radii             0.9000 
_refine.pdbx_real_space_R                        ? 
_refine.pdbx_density_correlation                 ? 
_refine.pdbx_pd_number_of_powder_patterns        ? 
_refine.pdbx_pd_number_of_points                 ? 
_refine.pdbx_pd_meas_number_of_points            ? 
_refine.pdbx_pd_proc_ls_prof_R_factor            ? 
_refine.pdbx_pd_proc_ls_prof_wR_factor           ? 
_refine.pdbx_pd_Marquardt_correlation_coeff      ? 
_refine.pdbx_pd_Fsqrd_R_factor                   ? 
_refine.pdbx_pd_ls_matrix_band_width             ? 
_refine.pdbx_overall_phase_error                 30.9600 
_refine.pdbx_overall_SU_R_free_Cruickshank_DPI   ? 
_refine.pdbx_overall_SU_R_free_Blow_DPI          ? 
_refine.pdbx_overall_SU_R_Blow_DPI               ? 
_refine.pdbx_TLS_residual_ADP_flag               ? 
_refine.pdbx_diffrn_id                           1 
_refine.overall_SU_B                             ? 
_refine.overall_SU_ML                            0.2300 
_refine.overall_SU_R_Cruickshank_DPI             ? 
_refine.overall_SU_R_free                        ? 
_refine.overall_FOM_free_R_set                   ? 
_refine.overall_FOM_work_R_set                   ? 
_refine.pdbx_average_fsc_overall                 ? 
_refine.pdbx_average_fsc_work                    ? 
_refine.pdbx_average_fsc_free                    ? 
# 
_refine_hist.pdbx_refine_id                   'X-RAY DIFFRACTION' 
_refine_hist.cycle_id                         final 
_refine_hist.details                          ? 
_refine_hist.d_res_high                       2.1000 
_refine_hist.d_res_low                        30.3640 
_refine_hist.number_atoms_solvent             27 
_refine_hist.number_atoms_total               1142 
_refine_hist.number_reflns_all                ? 
_refine_hist.number_reflns_obs                ? 
_refine_hist.number_reflns_R_free             ? 
_refine_hist.number_reflns_R_work             ? 
_refine_hist.R_factor_all                     ? 
_refine_hist.R_factor_obs                     ? 
_refine_hist.R_factor_R_free                  ? 
_refine_hist.R_factor_R_work                  ? 
_refine_hist.pdbx_number_residues_total       50 
_refine_hist.pdbx_B_iso_mean_ligand           73.62 
_refine_hist.pdbx_B_iso_mean_solvent          52.61 
_refine_hist.pdbx_number_atoms_protein        0 
_refine_hist.pdbx_number_atoms_nucleic_acid   1068 
_refine_hist.pdbx_number_atoms_ligand         47 
_refine_hist.pdbx_number_atoms_lipid          ? 
_refine_hist.pdbx_number_atoms_carb           ? 
_refine_hist.pdbx_pseudo_atom_details         ? 
# 
loop_
_refine_ls_shell.pdbx_refine_id 
_refine_ls_shell.d_res_high 
_refine_ls_shell.d_res_low 
_refine_ls_shell.number_reflns_all 
_refine_ls_shell.number_reflns_obs 
_refine_ls_shell.number_reflns_R_free 
_refine_ls_shell.number_reflns_R_work 
_refine_ls_shell.percent_reflns_obs 
_refine_ls_shell.percent_reflns_R_free 
_refine_ls_shell.R_factor_all 
_refine_ls_shell.R_factor_obs 
_refine_ls_shell.R_factor_R_free 
_refine_ls_shell.R_factor_R_free_error 
_refine_ls_shell.R_factor_R_work 
_refine_ls_shell.redundancy_reflns_all 
_refine_ls_shell.redundancy_reflns_obs 
_refine_ls_shell.wR_factor_all 
_refine_ls_shell.wR_factor_obs 
_refine_ls_shell.wR_factor_R_free 
_refine_ls_shell.wR_factor_R_work 
_refine_ls_shell.pdbx_R_complete 
_refine_ls_shell.pdbx_total_number_of_bins_used 
_refine_ls_shell.pdbx_phase_error 
_refine_ls_shell.pdbx_fsc_work 
_refine_ls_shell.pdbx_fsc_free 
'X-RAY DIFFRACTION' 2.1003 2.3116  . . 146 2327 100.0000 . . . 0.3030 0.0000 0.2541 . . . . . . . . . . . 
'X-RAY DIFFRACTION' 2.3116 2.6459  . . 135 2350 100.0000 . . . 0.3664 0.0000 0.2882 . . . . . . . . . . . 
'X-RAY DIFFRACTION' 2.6459 3.3329  . . 109 2410 100.0000 . . . 0.3294 0.0000 0.2734 . . . . . . . . . . . 
'X-RAY DIFFRACTION' 3.3329 30.3640 . . 145 2465 100.0000 . . . 0.2076 0.0000 0.1935 . . . . . . . . . . . 
# 
_struct.entry_id                     7D81 
_struct.title                        
'Crystal Structure of the Domain2 of NAD+ Riboswitch with nicotinamide adenine dinucleotide (NAD+)' 
_struct.pdbx_model_details           ? 
_struct.pdbx_formula_weight          ? 
_struct.pdbx_formula_weight_method   ? 
_struct.pdbx_model_type_details      ? 
_struct.pdbx_CASP_flag               N 
# 
_struct_keywords.entry_id        7D81 
_struct_keywords.text            'riboswitch, RNA structure, RNA folding, RNA-ligand interactions, RNA crystallography, RNA' 
_struct_keywords.pdbx_keywords   RNA 
# 
loop_
_struct_asym.id 
_struct_asym.pdbx_blank_PDB_chainid_flag 
_struct_asym.pdbx_modified 
_struct_asym.entity_id 
_struct_asym.details 
A N N 1 ? 
B N N 2 ? 
C N N 2 ? 
D N N 2 ? 
E N N 3 ? 
F N N 4 ? 
# 
loop_
_struct_conn.id 
_struct_conn.conn_type_id 
_struct_conn.pdbx_leaving_atom_flag 
_struct_conn.pdbx_PDB_id 
_struct_conn.ptnr1_label_asym_id 
_struct_conn.ptnr1_label_comp_id 
_struct_conn.ptnr1_label_seq_id 
_struct_conn.ptnr1_label_atom_id 
_struct_conn.pdbx_ptnr1_label_alt_id 
_struct_conn.pdbx_ptnr1_PDB_ins_code 
_struct_conn.pdbx_ptnr1_standard_comp_id 
_struct_conn.ptnr1_symmetry 
_struct_conn.ptnr2_label_asym_id 
_struct_conn.ptnr2_label_comp_id 
_struct_conn.ptnr2_label_seq_id 
_struct_conn.ptnr2_label_atom_id 
_struct_conn.pdbx_ptnr2_label_alt_id 
_struct_conn.pdbx_ptnr2_PDB_ins_code 
_struct_conn.ptnr1_auth_asym_id 
_struct_conn.ptnr1_auth_comp_id 
_struct_conn.ptnr1_auth_seq_id 
_struct_conn.ptnr2_auth_asym_id 
_struct_conn.ptnr2_auth_comp_id 
_struct_conn.ptnr2_auth_seq_id 
_struct_conn.ptnr2_symmetry 
_struct_conn.pdbx_ptnr3_label_atom_id 
_struct_conn.pdbx_ptnr3_label_seq_id 
_struct_conn.pdbx_ptnr3_label_comp_id 
_struct_conn.pdbx_ptnr3_label_asym_id 
_struct_conn.pdbx_ptnr3_label_alt_id 
_struct_conn.pdbx_ptnr3_PDB_ins_code 
_struct_conn.details 
_struct_conn.pdbx_dist_value 
_struct_conn.pdbx_value_order 
_struct_conn.pdbx_role 
metalc1  metalc ? ? A A  7  OP2 ? ? ? 1_555 B MG  .  MG  ? ? A A  7   A MG  101 1_555 ? ? ? ? ? ? ?             2.135 ? ? 
metalc2  metalc ? ? A A  8  OP2 ? ? ? 1_555 C MG  .  MG  ? ? A A  8   A MG  102 1_555 ? ? ? ? ? ? ?             2.150 ? ? 
metalc3  metalc ? ? A A  8  OP1 ? ? ? 1_555 D MG  .  MG  ? ? A A  8   A MG  103 1_555 ? ? ? ? ? ? ?             2.121 ? ? 
metalc4  metalc ? ? A C  9  OP2 ? ? ? 1_555 C MG  .  MG  ? ? A C  9   A MG  102 1_555 ? ? ? ? ? ? ?             1.897 ? ? 
metalc5  metalc ? ? B MG .  MG  ? ? ? 1_555 F HOH .  O   ? ? A MG 101 A HOH 205 1_555 ? ? ? ? ? ? ?             2.291 ? ? 
metalc6  metalc ? ? B MG .  MG  ? ? ? 1_555 F HOH .  O   ? ? A MG 101 A HOH 218 1_555 ? ? ? ? ? ? ?             2.166 ? ? 
metalc7  metalc ? ? B MG .  MG  ? ? ? 1_555 F HOH .  O   ? ? A MG 101 A HOH 219 1_555 ? ? ? ? ? ? ?             2.782 ? ? 
metalc8  metalc ? ? B MG .  MG  ? ? ? 1_555 F HOH .  O   ? ? A MG 101 A HOH 221 1_555 ? ? ? ? ? ? ?             2.214 ? ? 
metalc9  metalc ? ? B MG .  MG  ? ? ? 1_555 F HOH .  O   ? ? A MG 101 A HOH 223 1_555 ? ? ? ? ? ? ?             2.234 ? ? 
metalc10 metalc ? ? C MG .  MG  ? ? ? 1_555 F HOH .  O   ? ? A MG 102 A HOH 210 1_555 ? ? ? ? ? ? ?             2.204 ? ? 
metalc11 metalc ? ? C MG .  MG  ? ? ? 1_555 F HOH .  O   ? ? A MG 102 A HOH 211 1_555 ? ? ? ? ? ? ?             2.278 ? ? 
metalc12 metalc ? ? C MG .  MG  ? ? ? 1_555 F HOH .  O   ? ? A MG 102 A HOH 222 1_555 ? ? ? ? ? ? ?             2.146 ? ? 
metalc13 metalc ? ? D MG .  MG  ? ? ? 1_555 E NAD .  O2A ? ? A MG 103 A NAD 104 1_555 ? ? ? ? ? ? ?             1.925 ? ? 
metalc14 metalc ? ? D MG .  MG  ? ? ? 1_555 E NAD .  O1N ? ? A MG 103 A NAD 104 1_555 ? ? ? ? ? ? ?             1.839 ? ? 
metalc15 metalc ? ? D MG .  MG  ? ? ? 1_555 F HOH .  O   ? ? A MG 103 A HOH 202 1_555 ? ? ? ? ? ? ?             2.202 ? ? 
metalc16 metalc ? ? D MG .  MG  ? ? ? 1_555 F HOH .  O   ? ? A MG 103 A HOH 204 1_555 ? ? ? ? ? ? ?             2.065 ? ? 
metalc17 metalc ? ? D MG .  MG  ? ? ? 1_555 F HOH .  O   ? ? A MG 103 A HOH 215 1_555 ? ? ? ? ? ? ?             2.151 ? ? 
hydrog1  hydrog ? ? A G  1  O6  ? ? ? 1_555 A C   50 N4  ? ? A G  1   A C   50  1_555 ? ? ? ? ? ? 'G-C PAIR'    ?     ? ? 
hydrog2  hydrog ? ? A G  2  N1  ? ? ? 1_555 A C   49 N3  ? ? A G  2   A C   49  1_555 ? ? ? ? ? ? WATSON-CRICK  ?     ? ? 
hydrog3  hydrog ? ? A G  2  N2  ? ? ? 1_555 A C   49 O2  ? ? A G  2   A C   49  1_555 ? ? ? ? ? ? WATSON-CRICK  ?     ? ? 
hydrog4  hydrog ? ? A G  2  O6  ? ? ? 1_555 A C   49 N4  ? ? A G  2   A C   49  1_555 ? ? ? ? ? ? WATSON-CRICK  ?     ? ? 
hydrog5  hydrog ? ? A U  3  N3  ? ? ? 1_555 A G   48 O6  ? ? A U  3   A G   48  1_555 ? ? ? ? ? ? TYPE_28_PAIR  ?     ? ? 
hydrog6  hydrog ? ? A U  3  O2  ? ? ? 1_555 A G   48 N1  ? ? A U  3   A G   48  1_555 ? ? ? ? ? ? TYPE_28_PAIR  ?     ? ? 
hydrog7  hydrog ? ? A U  4  N3  ? ? ? 1_555 A A   47 N1  ? ? A U  4   A A   47  1_555 ? ? ? ? ? ? WATSON-CRICK  ?     ? ? 
hydrog8  hydrog ? ? A U  4  O4  ? ? ? 1_555 A A   47 N6  ? ? A U  4   A A   47  1_555 ? ? ? ? ? ? WATSON-CRICK  ?     ? ? 
hydrog9  hydrog ? ? A U  5  N3  ? ? ? 1_555 A A   46 N1  ? ? A U  5   A A   46  1_555 ? ? ? ? ? ? WATSON-CRICK  ?     ? ? 
hydrog10 hydrog ? ? A U  5  O4  ? ? ? 1_555 A A   46 N6  ? ? A U  5   A A   46  1_555 ? ? ? ? ? ? WATSON-CRICK  ?     ? ? 
hydrog11 hydrog ? ? A C  6  N3  ? ? ? 1_555 A G   45 N1  ? ? A C  6   A G   45  1_555 ? ? ? ? ? ? WATSON-CRICK  ?     ? ? 
hydrog12 hydrog ? ? A C  6  N4  ? ? ? 1_555 A G   45 O6  ? ? A C  6   A G   45  1_555 ? ? ? ? ? ? WATSON-CRICK  ?     ? ? 
hydrog13 hydrog ? ? A C  6  O2  ? ? ? 1_555 A G   45 N2  ? ? A C  6   A G   45  1_555 ? ? ? ? ? ? WATSON-CRICK  ?     ? ? 
hydrog14 hydrog ? ? A A  7  N1  ? ? ? 1_555 A U   44 N3  ? ? A A  7   A U   44  1_555 ? ? ? ? ? ? WATSON-CRICK  ?     ? ? 
hydrog15 hydrog ? ? A A  7  N6  ? ? ? 1_555 A U   44 O4  ? ? A A  7   A U   44  1_555 ? ? ? ? ? ? WATSON-CRICK  ?     ? ? 
hydrog16 hydrog ? ? A G  16 N1  ? ? ? 1_555 A C   43 N3  ? ? A G  16  A C   43  1_555 ? ? ? ? ? ? WATSON-CRICK  ?     ? ? 
hydrog17 hydrog ? ? A G  16 N2  ? ? ? 1_555 A C   43 O2  ? ? A G  16  A C   43  1_555 ? ? ? ? ? ? WATSON-CRICK  ?     ? ? 
hydrog18 hydrog ? ? A G  16 O6  ? ? ? 1_555 A C   43 N4  ? ? A G  16  A C   43  1_555 ? ? ? ? ? ? WATSON-CRICK  ?     ? ? 
hydrog19 hydrog ? ? A U  17 N3  ? ? ? 1_555 A A   42 N1  ? ? A U  17  A A   42  1_555 ? ? ? ? ? ? WATSON-CRICK  ?     ? ? 
hydrog20 hydrog ? ? A U  17 O4  ? ? ? 1_555 A A   42 N6  ? ? A U  17  A A   42  1_555 ? ? ? ? ? ? WATSON-CRICK  ?     ? ? 
hydrog21 hydrog ? ? A U  18 N3  ? ? ? 1_555 A G   41 O6  ? ? A U  18  A G   41  1_555 ? ? ? ? ? ? TYPE_28_PAIR  ?     ? ? 
hydrog22 hydrog ? ? A U  18 O2  ? ? ? 1_555 A G   41 N1  ? ? A U  18  A G   41  1_555 ? ? ? ? ? ? TYPE_28_PAIR  ?     ? ? 
hydrog23 hydrog ? ? A C  19 N3  ? ? ? 1_555 A G   40 N1  ? ? A C  19  A G   40  1_555 ? ? ? ? ? ? WATSON-CRICK  ?     ? ? 
hydrog24 hydrog ? ? A C  19 N4  ? ? ? 1_555 A G   40 O6  ? ? A C  19  A G   40  1_555 ? ? ? ? ? ? WATSON-CRICK  ?     ? ? 
hydrog25 hydrog ? ? A C  19 O2  ? ? ? 1_555 A G   40 N2  ? ? A C  19  A G   40  1_555 ? ? ? ? ? ? WATSON-CRICK  ?     ? ? 
hydrog26 hydrog ? ? A G  20 N1  ? ? ? 1_555 A C   39 N3  ? ? A G  20  A C   39  1_555 ? ? ? ? ? ? WATSON-CRICK  ?     ? ? 
hydrog27 hydrog ? ? A G  20 N2  ? ? ? 1_555 A C   39 O2  ? ? A G  20  A C   39  1_555 ? ? ? ? ? ? WATSON-CRICK  ?     ? ? 
hydrog28 hydrog ? ? A G  20 O6  ? ? ? 1_555 A C   39 N4  ? ? A G  20  A C   39  1_555 ? ? ? ? ? ? WATSON-CRICK  ?     ? ? 
hydrog29 hydrog ? ? A G  21 N1  ? ? ? 1_555 A C   38 N3  ? ? A G  21  A C   38  1_555 ? ? ? ? ? ? WATSON-CRICK  ?     ? ? 
hydrog30 hydrog ? ? A G  21 N2  ? ? ? 1_555 A C   38 O2  ? ? A G  21  A C   38  1_555 ? ? ? ? ? ? WATSON-CRICK  ?     ? ? 
hydrog31 hydrog ? ? A G  21 O6  ? ? ? 1_555 A C   38 N4  ? ? A G  21  A C   38  1_555 ? ? ? ? ? ? WATSON-CRICK  ?     ? ? 
hydrog32 hydrog ? ? A C  22 N3  ? ? ? 1_555 A G   37 N1  ? ? A C  22  A G   37  1_555 ? ? ? ? ? ? WATSON-CRICK  ?     ? ? 
hydrog33 hydrog ? ? A C  22 N4  ? ? ? 1_555 A G   37 O6  ? ? A C  22  A G   37  1_555 ? ? ? ? ? ? WATSON-CRICK  ?     ? ? 
hydrog34 hydrog ? ? A C  22 O2  ? ? ? 1_555 A G   37 N2  ? ? A C  22  A G   37  1_555 ? ? ? ? ? ? WATSON-CRICK  ?     ? ? 
hydrog35 hydrog ? ? A G  23 O6  ? ? ? 1_555 A G   34 N2  ? ? A G  23  A G   34  1_555 ? ? ? ? ? ? 'G-G MISPAIR' ?     ? ? 
hydrog36 hydrog ? ? A C  24 N3  ? ? ? 1_555 A G   33 N1  ? ? A C  24  A G   33  1_555 ? ? ? ? ? ? WATSON-CRICK  ?     ? ? 
hydrog37 hydrog ? ? A C  24 N4  ? ? ? 1_555 A G   33 O6  ? ? A C  24  A G   33  1_555 ? ? ? ? ? ? WATSON-CRICK  ?     ? ? 
hydrog38 hydrog ? ? A C  24 O2  ? ? ? 1_555 A G   33 N2  ? ? A C  24  A G   33  1_555 ? ? ? ? ? ? WATSON-CRICK  ?     ? ? 
hydrog39 hydrog ? ? A U  25 N3  ? ? ? 1_555 A A   32 N1  ? ? A U  25  A A   32  1_555 ? ? ? ? ? ? WATSON-CRICK  ?     ? ? 
hydrog40 hydrog ? ? A U  25 O4  ? ? ? 1_555 A A   32 N6  ? ? A U  25  A A   32  1_555 ? ? ? ? ? ? WATSON-CRICK  ?     ? ? 
hydrog41 hydrog ? ? A C  26 N3  ? ? ? 1_555 A G   31 N1  ? ? A C  26  A G   31  1_555 ? ? ? ? ? ? WATSON-CRICK  ?     ? ? 
hydrog42 hydrog ? ? A C  26 N4  ? ? ? 1_555 A G   31 O6  ? ? A C  26  A G   31  1_555 ? ? ? ? ? ? WATSON-CRICK  ?     ? ? 
hydrog43 hydrog ? ? A C  26 O2  ? ? ? 1_555 A G   31 N2  ? ? A C  26  A G   31  1_555 ? ? ? ? ? ? WATSON-CRICK  ?     ? ? 
# 
loop_
_struct_conn_type.id 
_struct_conn_type.criteria 
_struct_conn_type.reference 
metalc ? ? 
hydrog ? ? 
# 
_atom_sites.entry_id                    7D81 
_atom_sites.Cartn_transf_matrix[1][1]   ? 
_atom_sites.Cartn_transf_matrix[1][2]   ? 
_atom_sites.Cartn_transf_matrix[1][3]   ? 
_atom_sites.Cartn_transf_matrix[2][1]   ? 
_atom_sites.Cartn_transf_matrix[2][2]   ? 
_atom_sites.Cartn_transf_matrix[2][3]   ? 
_atom_sites.Cartn_transf_matrix[3][1]   ? 
_atom_sites.Cartn_transf_matrix[3][2]   ? 
_atom_sites.Cartn_transf_matrix[3][3]   ? 
_atom_sites.Cartn_transf_vector[1]      ? 
_atom_sites.Cartn_transf_vector[2]      ? 
_atom_sites.Cartn_transf_vector[3]      ? 
_atom_sites.fract_transf_matrix[1][1]   0.00032166 
_atom_sites.fract_transf_matrix[1][2]   0.00172242 
_atom_sites.fract_transf_matrix[1][3]   -0.01508642 
_atom_sites.fract_transf_matrix[2][1]   0.00180320 
_atom_sites.fract_transf_matrix[2][2]   0.01382321 
_atom_sites.fract_transf_matrix[2][3]   -0.00602849 
_atom_sites.fract_transf_matrix[3][1]   0.01965544 
_atom_sites.fract_transf_matrix[3][2]   -0.00250602 
_atom_sites.fract_transf_matrix[3][3]   0.00013297 
_atom_sites.fract_transf_vector[1]      0.378410 
_atom_sites.fract_transf_vector[2]      -0.183578 
_atom_sites.fract_transf_vector[3]      -0.296313 
_atom_sites.solution_primary            ? 
_atom_sites.solution_secondary          ? 
_atom_sites.solution_hydrogens          ? 
_atom_sites.special_details             ? 
# 
loop_
_atom_type.symbol 
C  
MG 
N  
O  
P  
# 
loop_
_atom_site.group_PDB 
_atom_site.id 
_atom_site.type_symbol 
_atom_site.label_atom_id 
_atom_site.label_alt_id 
_atom_site.label_comp_id 
_atom_site.label_asym_id 
_atom_site.label_entity_id 
_atom_site.label_seq_id 
_atom_site.pdbx_PDB_ins_code 
_atom_site.Cartn_x 
_atom_site.Cartn_y 
_atom_site.Cartn_z 
_atom_site.occupancy 
_atom_site.B_iso_or_equiv 
_atom_site.pdbx_formal_charge 
_atom_site.auth_seq_id 
_atom_site.auth_comp_id 
_atom_site.auth_asym_id 
_atom_site.auth_atom_id 
_atom_site.pdbx_PDB_model_num 
ATOM   1    P  P     . G   A 1 1  ? 10.241  -2.911  18.504  1.00 99.00  ? 1   G   A P     1 
ATOM   2    O  OP1   . G   A 1 1  ? 9.111   -2.058  18.045  1.00 93.80  ? 1   G   A OP1   1 
ATOM   3    O  OP2   . G   A 1 1  ? 11.351  -2.331  19.308  1.00 92.98  ? 1   G   A OP2   1 
ATOM   4    O  "O5'" . G   A 1 1  ? 9.605   -4.126  19.315  1.00 96.02  ? 1   G   A "O5'" 1 
ATOM   5    C  "C5'" . G   A 1 1  ? 8.237   -4.471  19.144  1.00 96.96  ? 1   G   A "C5'" 1 
ATOM   6    C  "C4'" . G   A 1 1  ? 7.503   -4.533  20.463  1.00 98.21  ? 1   G   A "C4'" 1 
ATOM   7    O  "O4'" . G   A 1 1  ? 8.218   -3.774  21.470  1.00 98.11  ? 1   G   A "O4'" 1 
ATOM   8    C  "C3'" . G   A 1 1  ? 6.093   -3.950  20.461  1.00 95.96  ? 1   G   A "C3'" 1 
ATOM   9    O  "O3'" . G   A 1 1  ? 5.150   -4.900  19.985  1.00 98.83  ? 1   G   A "O3'" 1 
ATOM   10   C  "C2'" . G   A 1 1  ? 5.888   -3.514  21.914  1.00 95.70  ? 1   G   A "C2'" 1 
ATOM   11   O  "O2'" . G   A 1 1  ? 5.448   -4.596  22.720  1.00 95.84  ? 1   G   A "O2'" 1 
ATOM   12   C  "C1'" . G   A 1 1  ? 7.311   -3.133  22.340  1.00 96.90  ? 1   G   A "C1'" 1 
ATOM   13   N  N9    . G   A 1 1  ? 7.579   -1.683  22.280  1.00 95.66  ? 1   G   A N9    1 
ATOM   14   C  C8    . G   A 1 1  ? 8.658   -1.111  21.641  1.00 97.10  ? 1   G   A C8    1 
ATOM   15   N  N7    . G   A 1 1  ? 8.696   0.189   21.734  1.00 95.37  ? 1   G   A N7    1 
ATOM   16   C  C5    . G   A 1 1  ? 7.574   0.496   22.494  1.00 93.73  ? 1   G   A C5    1 
ATOM   17   C  C6    . G   A 1 1  ? 7.094   1.761   22.924  1.00 93.37  ? 1   G   A C6    1 
ATOM   18   O  O6    . G   A 1 1  ? 7.581   2.880   22.708  1.00 93.12  ? 1   G   A O6    1 
ATOM   19   N  N1    . G   A 1 1  ? 5.926   1.638   23.674  1.00 91.82  ? 1   G   A N1    1 
ATOM   20   C  C2    . G   A 1 1  ? 5.298   0.453   23.974  1.00 92.68  ? 1   G   A C2    1 
ATOM   21   N  N2    . G   A 1 1  ? 4.181   0.564   24.711  1.00 90.93  ? 1   G   A N2    1 
ATOM   22   N  N3    . G   A 1 1  ? 5.735   -0.740  23.579  1.00 93.81  ? 1   G   A N3    1 
ATOM   23   C  C4    . G   A 1 1  ? 6.872   -0.645  22.848  1.00 93.96  ? 1   G   A C4    1 
ATOM   24   P  P     . G   A 1 2  ? 3.555   -4.695  20.107  1.00 104.80 ? 2   G   A P     1 
ATOM   25   O  OP1   . G   A 1 2  ? 3.145   -4.818  21.532  1.00 101.08 ? 2   G   A OP1   1 
ATOM   26   O  OP2   . G   A 1 2  ? 2.919   -5.564  19.084  1.00 95.15  ? 2   G   A OP2   1 
ATOM   27   O  "O5'" . G   A 1 2  ? 3.279   -3.210  19.622  1.00 94.16  ? 2   G   A "O5'" 1 
ATOM   28   C  "C5'" . G   A 1 2  ? 1.943   -2.782  19.409  1.00 95.15  ? 2   G   A "C5'" 1 
ATOM   29   C  "C4'" . G   A 1 2  ? 1.255   -2.442  20.709  1.00 94.26  ? 2   G   A "C4'" 1 
ATOM   30   O  "O4'" . G   A 1 2  ? 2.251   -2.015  21.677  1.00 94.41  ? 2   G   A "O4'" 1 
ATOM   31   C  "C3'" . G   A 1 2  ? 0.257   -1.294  20.626  1.00 92.13  ? 2   G   A "C3'" 1 
ATOM   32   O  "O3'" . G   A 1 2  ? -1.050  -1.748  20.314  1.00 94.00  ? 2   G   A "O3'" 1 
ATOM   33   C  "C2'" . G   A 1 2  ? 0.357   -0.632  21.995  1.00 89.93  ? 2   G   A "C2'" 1 
ATOM   34   O  "O2'" . G   A 1 2  ? -0.425  -1.333  22.949  1.00 88.07  ? 2   G   A "O2'" 1 
ATOM   35   C  "C1'" . G   A 1 2  ? 1.828   -0.848  22.337  1.00 90.78  ? 2   G   A "C1'" 1 
ATOM   36   N  N9    . G   A 1 2  ? 2.703   0.246   21.872  1.00 88.86  ? 2   G   A N9    1 
ATOM   37   C  C8    . G   A 1 2  ? 3.831   0.028   21.112  1.00 90.94  ? 2   G   A C8    1 
ATOM   38   N  N7    . G   A 1 2  ? 4.481   1.113   20.815  1.00 89.30  ? 2   G   A N7    1 
ATOM   39   C  C5    . G   A 1 2  ? 3.742   2.113   21.425  1.00 87.86  ? 2   G   A C5    1 
ATOM   40   C  C6    . G   A 1 2  ? 3.978   3.504   21.431  1.00 86.95  ? 2   G   A C6    1 
ATOM   41   O  O6    . G   A 1 2  ? 4.911   4.108   20.882  1.00 86.53  ? 2   G   A O6    1 
ATOM   42   N  N1    . G   A 1 2  ? 2.996   4.180   22.151  1.00 85.60  ? 2   G   A N1    1 
ATOM   43   C  C2    . G   A 1 2  ? 1.929   3.586   22.783  1.00 85.94  ? 2   G   A C2    1 
ATOM   44   N  N2    . G   A 1 2  ? 1.099   4.416   23.428  1.00 88.89  ? 2   G   A N2    1 
ATOM   45   N  N3    . G   A 1 2  ? 1.696   2.283   22.783  1.00 84.49  ? 2   G   A N3    1 
ATOM   46   C  C4    . G   A 1 2  ? 2.637   1.606   22.087  1.00 88.05  ? 2   G   A C4    1 
ATOM   47   P  P     . U   A 1 3  ? -1.665  -1.553  18.841  1.00 95.92  ? 3   U   A P     1 
ATOM   48   O  OP1   . U   A 1 3  ? -2.935  -2.322  18.763  1.00 94.34  ? 3   U   A OP1   1 
ATOM   49   O  OP2   . U   A 1 3  ? -0.585  -1.767  17.841  1.00 94.56  ? 3   U   A OP2   1 
ATOM   50   O  "O5'" . U   A 1 3  ? -2.086  -0.024  18.809  1.00 90.14  ? 3   U   A "O5'" 1 
ATOM   51   C  "C5'" . U   A 1 3  ? -2.787  0.541   19.902  1.00 90.10  ? 3   U   A "C5'" 1 
ATOM   52   C  "C4'" . U   A 1 3  ? -2.519  2.014   19.997  1.00 88.29  ? 3   U   A "C4'" 1 
ATOM   53   O  "O4'" . U   A 1 3  ? -1.207  2.251   20.566  1.00 88.50  ? 3   U   A "O4'" 1 
ATOM   54   C  "C3'" . U   A 1 3  ? -2.467  2.747   18.674  1.00 87.56  ? 3   U   A "C3'" 1 
ATOM   55   O  "O3'" . U   A 1 3  ? -3.747  2.995   18.133  1.00 89.67  ? 3   U   A "O3'" 1 
ATOM   56   C  "C2'" . U   A 1 3  ? -1.686  4.003   19.030  1.00 88.22  ? 3   U   A "C2'" 1 
ATOM   57   O  "O2'" . U   A 1 3  ? -2.519  4.932   19.707  1.00 86.06  ? 3   U   A "O2'" 1 
ATOM   58   C  "C1'" . U   A 1 3  ? -0.671  3.448   20.034  1.00 86.53  ? 3   U   A "C1'" 1 
ATOM   59   N  N1    . U   A 1 3  ? 0.655   3.172   19.428  1.00 85.93  ? 3   U   A N1    1 
ATOM   60   C  C2    . U   A 1 3  ? 1.505   4.248   19.218  1.00 84.04  ? 3   U   A C2    1 
ATOM   61   O  O2    . U   A 1 3  ? 1.204   5.401   19.488  1.00 82.24  ? 3   U   A O2    1 
ATOM   62   N  N3    . U   A 1 3  ? 2.727   3.934   18.667  1.00 83.45  ? 3   U   A N3    1 
ATOM   63   C  C4    . U   A 1 3  ? 3.194   2.683   18.315  1.00 83.76  ? 3   U   A C4    1 
ATOM   64   O  O4    . U   A 1 3  ? 4.326   2.567   17.835  1.00 82.09  ? 3   U   A O4    1 
ATOM   65   C  C5    . U   A 1 3  ? 2.261   1.623   18.567  1.00 89.21  ? 3   U   A C5    1 
ATOM   66   C  C6    . U   A 1 3  ? 1.060   1.894   19.104  1.00 86.63  ? 3   U   A C6    1 
ATOM   67   P  P     . U   A 1 4  ? -3.962  2.947   16.543  1.00 94.84  ? 4   U   A P     1 
ATOM   68   O  OP1   . U   A 1 4  ? -5.389  2.619   16.293  1.00 87.31  ? 4   U   A OP1   1 
ATOM   69   O  OP2   . U   A 1 4  ? -2.894  2.091   15.959  1.00 85.21  ? 4   U   A OP2   1 
ATOM   70   O  "O5'" . U   A 1 4  ? -3.742  4.460   16.096  1.00 88.02  ? 4   U   A "O5'" 1 
ATOM   71   C  "C5'" . U   A 1 4  ? -4.470  5.503   16.727  1.00 82.49  ? 4   U   A "C5'" 1 
ATOM   72   C  "C4'" . U   A 1 4  ? -3.808  6.840   16.519  1.00 80.99  ? 4   U   A "C4'" 1 
ATOM   73   O  "O4'" . U   A 1 4  ? -2.563  6.905   17.259  1.00 83.67  ? 4   U   A "O4'" 1 
ATOM   74   C  "C3'" . U   A 1 4  ? -3.397  7.157   15.097  1.00 82.12  ? 4   U   A "C3'" 1 
ATOM   75   O  "O3'" . U   A 1 4  ? -4.481  7.574   14.289  1.00 84.45  ? 4   U   A "O3'" 1 
ATOM   76   C  "C2'" . U   A 1 4  ? -2.328  8.223   15.300  1.00 80.80  ? 4   U   A "C2'" 1 
ATOM   77   O  "O2'" . U   A 1 4  ? -2.925  9.474   15.607  1.00 84.42  ? 4   U   A "O2'" 1 
ATOM   78   C  "C1'" . U   A 1 4  ? -1.634  7.710   16.560  1.00 80.42  ? 4   U   A "C1'" 1 
ATOM   79   N  N1    . U   A 1 4  ? -0.431  6.899   16.257  1.00 78.83  ? 4   U   A N1    1 
ATOM   80   C  C2    . U   A 1 4  ? 0.755   7.565   15.986  1.00 77.76  ? 4   U   A C2    1 
ATOM   81   O  O2    . U   A 1 4  ? 0.845   8.783   15.974  1.00 77.89  ? 4   U   A O2    1 
ATOM   82   N  N3    . U   A 1 4  ? 1.835   6.755   15.731  1.00 71.88  ? 4   U   A N3    1 
ATOM   83   C  C4    . U   A 1 4  ? 1.847   5.377   15.715  1.00 75.64  ? 4   U   A C4    1 
ATOM   84   O  O4    . U   A 1 4  ? 2.899   4.787   15.465  1.00 76.52  ? 4   U   A O4    1 
ATOM   85   C  C5    . U   A 1 4  ? 0.586   4.761   16.008  1.00 79.87  ? 4   U   A C5    1 
ATOM   86   C  C6    . U   A 1 4  ? -0.479  5.525   16.261  1.00 78.91  ? 4   U   A C6    1 
ATOM   87   P  P     . U   A 1 5  ? -4.511  7.168   12.738  1.00 85.64  ? 5   U   A P     1 
ATOM   88   O  OP1   . U   A 1 5  ? -5.875  7.421   12.208  1.00 87.77  ? 5   U   A OP1   1 
ATOM   89   O  OP2   . U   A 1 5  ? -3.896  5.818   12.635  1.00 85.28  ? 5   U   A OP2   1 
ATOM   90   O  "O5'" . U   A 1 5  ? -3.513  8.206   12.051  1.00 81.59  ? 5   U   A "O5'" 1 
ATOM   91   C  "C5'" . U   A 1 5  ? -3.707  9.607   12.190  1.00 77.46  ? 5   U   A "C5'" 1 
ATOM   92   C  "C4'" . U   A 1 5  ? -2.443  10.374  11.882  1.00 78.35  ? 5   U   A "C4'" 1 
ATOM   93   O  "O4'" . U   A 1 5  ? -1.392  10.009  12.814  1.00 79.08  ? 5   U   A "O4'" 1 
ATOM   94   C  "C3'" . U   A 1 5  ? -1.821  10.117  10.519  1.00 75.24  ? 5   U   A "C3'" 1 
ATOM   95   O  "O3'" . U   A 1 5  ? -2.459  10.823  9.476   1.00 74.42  ? 5   U   A "O3'" 1 
ATOM   96   C  "C2'" . U   A 1 5  ? -0.372  10.534  10.730  1.00 70.43  ? 5   U   A "C2'" 1 
ATOM   97   O  "O2'" . U   A 1 5  ? -0.250  11.947  10.680  1.00 69.08  ? 5   U   A "O2'" 1 
ATOM   98   C  "C1'" . U   A 1 5  ? -0.133  10.076  12.167  1.00 74.36  ? 5   U   A "C1'" 1 
ATOM   99   N  N1    . U   A 1 5  ? 0.529   8.750   12.238  1.00 70.90  ? 5   U   A N1    1 
ATOM   100  C  C2    . U   A 1 5  ? 1.903   8.741   12.080  1.00 66.53  ? 5   U   A C2    1 
ATOM   101  O  O2    . U   A 1 5  ? 2.548   9.752   11.872  1.00 64.13  ? 5   U   A O2    1 
ATOM   102  N  N3    . U   A 1 5  ? 2.496   7.509   12.163  1.00 64.81  ? 5   U   A N3    1 
ATOM   103  C  C4    . U   A 1 5  ? 1.872   6.301   12.386  1.00 67.40  ? 5   U   A C4    1 
ATOM   104  O  O4    . U   A 1 5  ? 2.556   5.276   12.434  1.00 63.63  ? 5   U   A O4    1 
ATOM   105  C  C5    . U   A 1 5  ? 0.448   6.386   12.547  1.00 70.98  ? 5   U   A C5    1 
ATOM   106  C  C6    . U   A 1 5  ? -0.161  7.581   12.472  1.00 72.20  ? 5   U   A C6    1 
ATOM   107  P  P     . C   A 1 6  ? -2.486  10.190  8.006   1.00 78.40  ? 6   C   A P     1 
ATOM   108  O  OP1   . C   A 1 6  ? -2.599  11.315  7.041   1.00 83.85  ? 6   C   A OP1   1 
ATOM   109  O  OP2   . C   A 1 6  ? -3.484  9.097   8.008   1.00 83.27  ? 6   C   A OP2   1 
ATOM   110  O  "O5'" . C   A 1 6  ? -1.070  9.468   7.888   1.00 80.29  ? 6   C   A "O5'" 1 
ATOM   111  C  "C5'" . C   A 1 6  ? -0.298  9.536   6.703   1.00 70.66  ? 6   C   A "C5'" 1 
ATOM   112  C  "C4'" . C   A 1 6  ? 1.146   9.822   7.017   1.00 68.27  ? 6   C   A "C4'" 1 
ATOM   113  O  "O4'" . C   A 1 6  ? 1.506   9.227   8.286   1.00 67.31  ? 6   C   A "O4'" 1 
ATOM   114  C  "C3'" . C   A 1 6  ? 2.147   9.240   6.040   1.00 59.49  ? 6   C   A "C3'" 1 
ATOM   115  O  "O3'" . C   A 1 6  ? 2.294   10.034  4.881   1.00 55.61  ? 6   C   A "O3'" 1 
ATOM   116  C  "C2'" . C   A 1 6  ? 3.418   9.127   6.869   1.00 63.99  ? 6   C   A "C2'" 1 
ATOM   117  O  "O2'" . C   A 1 6  ? 4.114   10.367  6.914   1.00 59.67  ? 6   C   A "O2'" 1 
ATOM   118  C  "C1'" . C   A 1 6  ? 2.856   8.821   8.262   1.00 60.22  ? 6   C   A "C1'" 1 
ATOM   119  N  N1    . C   A 1 6  ? 2.931   7.385   8.620   1.00 59.03  ? 6   C   A N1    1 
ATOM   120  C  C2    . C   A 1 6  ? 4.181   6.771   8.770   1.00 62.95  ? 6   C   A C2    1 
ATOM   121  O  O2    . C   A 1 6  ? 5.227   7.418   8.576   1.00 59.36  ? 6   C   A O2    1 
ATOM   122  N  N3    . C   A 1 6  ? 4.230   5.461   9.112   1.00 59.29  ? 6   C   A N3    1 
ATOM   123  C  C4    . C   A 1 6  ? 3.112   4.765   9.303   1.00 55.88  ? 6   C   A C4    1 
ATOM   124  N  N4    . C   A 1 6  ? 3.249   3.480   9.642   1.00 56.35  ? 6   C   A N4    1 
ATOM   125  C  C5    . C   A 1 6  ? 1.829   5.360   9.166   1.00 58.24  ? 6   C   A C5    1 
ATOM   126  C  C6    . C   A 1 6  ? 1.791   6.657   8.831   1.00 59.70  ? 6   C   A C6    1 
ATOM   127  P  P     . A   A 1 7  ? 2.564   9.317   3.476   1.00 55.02  ? 7   A   A P     1 
ATOM   128  O  OP1   . A   A 1 7  ? 2.460   10.345  2.417   1.00 55.25  ? 7   A   A OP1   1 
ATOM   129  O  OP2   . A   A 1 7  ? 1.714   8.101   3.379   1.00 58.27  ? 7   A   A OP2   1 
ATOM   130  O  "O5'" . A   A 1 7  ? 4.057   8.777   3.633   1.00 54.72  ? 7   A   A "O5'" 1 
ATOM   131  C  "C5'" . A   A 1 7  ? 5.165   9.660   3.788   1.00 57.70  ? 7   A   A "C5'" 1 
ATOM   132  C  "C4'" . A   A 1 7  ? 6.454   9.013   3.324   1.00 54.62  ? 7   A   A "C4'" 1 
ATOM   133  O  "O4'" . A   A 1 7  ? 6.853   7.991   4.282   1.00 55.25  ? 7   A   A "O4'" 1 
ATOM   134  C  "C3'" . A   A 1 7  ? 6.361   8.316   1.971   1.00 53.50  ? 7   A   A "C3'" 1 
ATOM   135  O  "O3'" . A   A 1 7  ? 7.611   8.408   1.292   1.00 54.54  ? 7   A   A "O3'" 1 
ATOM   136  C  "C2'" . A   A 1 7  ? 6.102   6.863   2.356   1.00 52.81  ? 7   A   A "C2'" 1 
ATOM   137  O  "O2'" . A   A 1 7  ? 6.525   5.919   1.395   1.00 53.80  ? 7   A   A "O2'" 1 
ATOM   138  C  "C1'" . A   A 1 7  ? 6.900   6.725   3.652   1.00 51.49  ? 7   A   A "C1'" 1 
ATOM   139  N  N9    . A   A 1 7  ? 6.291   5.752   4.558   1.00 52.94  ? 7   A   A N9    1 
ATOM   140  C  C8    . A   A 1 7  ? 4.992   5.803   5.004   1.00 53.62  ? 7   A   A C8    1 
ATOM   141  N  N7    . A   A 1 7  ? 4.664   4.814   5.787   1.00 54.71  ? 7   A   A N7    1 
ATOM   142  C  C5    . A   A 1 7  ? 5.816   4.052   5.841   1.00 51.76  ? 7   A   A C5    1 
ATOM   143  C  C6    . A   A 1 7  ? 6.107   2.860   6.506   1.00 50.64  ? 7   A   A C6    1 
ATOM   144  N  N6    . A   A 1 7  ? 5.212   2.237   7.267   1.00 50.24  ? 7   A   A N6    1 
ATOM   145  N  N1    . A   A 1 7  ? 7.355   2.336   6.374   1.00 53.28  ? 7   A   A N1    1 
ATOM   146  C  C2    . A   A 1 7  ? 8.238   2.980   5.599   1.00 49.48  ? 7   A   A C2    1 
ATOM   147  N  N3    . A   A 1 7  ? 8.069   4.113   4.921   1.00 49.33  ? 7   A   A N3    1 
ATOM   148  C  C4    . A   A 1 7  ? 6.830   4.610   5.090   1.00 51.71  ? 7   A   A C4    1 
ATOM   149  P  P     . A   A 1 8  ? 8.032   9.765   0.539   1.00 48.13  ? 8   A   A P     1 
ATOM   150  O  OP1   . A   A 1 8  ? 6.964   10.799  0.607   1.00 47.97  ? 8   A   A OP1   1 
ATOM   151  O  OP2   . A   A 1 8  ? 8.505   9.308   -0.801  1.00 49.16  ? 8   A   A OP2   1 
ATOM   152  O  "O5'" . A   A 1 8  ? 9.295   10.249  1.394   1.00 48.86  ? 8   A   A "O5'" 1 
ATOM   153  C  "C5'" . A   A 1 8  ? 9.694   11.609  1.455   1.00 57.30  ? 8   A   A "C5'" 1 
ATOM   154  C  "C4'" . A   A 1 8  ? 11.088  11.722  2.023   1.00 51.60  ? 8   A   A "C4'" 1 
ATOM   155  O  "O4'" . A   A 1 8  ? 11.096  11.222  3.386   1.00 57.05  ? 8   A   A "O4'" 1 
ATOM   156  C  "C3'" . A   A 1 8  ? 12.133  10.888  1.304   1.00 58.17  ? 8   A   A "C3'" 1 
ATOM   157  O  "O3'" . A   A 1 8  ? 12.682  11.571  0.196   1.00 56.29  ? 8   A   A "O3'" 1 
ATOM   158  C  "C2'" . A   A 1 8  ? 13.142  10.561  2.401   1.00 63.46  ? 8   A   A "C2'" 1 
ATOM   159  O  "O2'" . A   A 1 8  ? 14.012  11.658  2.633   1.00 57.71  ? 8   A   A "O2'" 1 
ATOM   160  C  "C1'" . A   A 1 8  ? 12.229  10.411  3.609   1.00 62.87  ? 8   A   A "C1'" 1 
ATOM   161  N  N9    . A   A 1 8  ? 11.750  9.028   3.773   1.00 61.94  ? 8   A   A N9    1 
ATOM   162  C  C8    . A   A 1 8  ? 10.429  8.652   3.740   1.00 61.36  ? 8   A   A C8    1 
ATOM   163  N  N7    . A   A 1 8  ? 10.232  7.370   3.908   1.00 58.27  ? 8   A   A N7    1 
ATOM   164  C  C5    . A   A 1 8  ? 11.508  6.870   4.073   1.00 61.79  ? 8   A   A C5    1 
ATOM   165  C  C6    . A   A 1 8  ? 11.950  5.561   4.292   1.00 61.66  ? 8   A   A C6    1 
ATOM   166  N  N6    . A   A 1 8  ? 11.093  4.537   4.381   1.00 54.97  ? 8   A   A N6    1 
ATOM   167  N  N1    . A   A 1 8  ? 13.295  5.363   4.415   1.00 64.03  ? 8   A   A N1    1 
ATOM   168  C  C2    . A   A 1 8  ? 14.111  6.425   4.321   1.00 54.52  ? 8   A   A C2    1 
ATOM   169  N  N3    . A   A 1 8  ? 13.802  7.704   4.116   1.00 59.65  ? 8   A   A N3    1 
ATOM   170  C  C4    . A   A 1 8  ? 12.468  7.870   3.997   1.00 63.39  ? 8   A   A C4    1 
ATOM   171  P  P     . C   A 1 9  ? 12.640  10.894  -1.252  1.00 61.84  ? 9   C   A P     1 
ATOM   172  O  OP1   . C   A 1 9  ? 13.320  11.810  -2.203  1.00 63.60  ? 9   C   A OP1   1 
ATOM   173  O  OP2   . C   A 1 9  ? 11.249  10.433  -1.519  1.00 54.96  ? 9   C   A OP2   1 
ATOM   174  O  "O5'" . C   A 1 9  ? 13.594  9.640   -1.085  1.00 62.19  ? 9   C   A "O5'" 1 
ATOM   175  C  "C5'" . C   A 1 9  ? 14.964  9.823   -0.779  1.00 63.61  ? 9   C   A "C5'" 1 
ATOM   176  C  "C4'" . C   A 1 9  ? 15.598  8.512   -0.422  1.00 62.88  ? 9   C   A "C4'" 1 
ATOM   177  O  "O4'" . C   A 1 9  ? 14.911  7.975   0.732   1.00 58.53  ? 9   C   A "O4'" 1 
ATOM   178  C  "C3'" . C   A 1 9  ? 15.491  7.430   -1.487  1.00 59.12  ? 9   C   A "C3'" 1 
ATOM   179  O  "O3'" . C   A 1 9  ? 16.611  7.431   -2.352  1.00 61.99  ? 9   C   A "O3'" 1 
ATOM   180  C  "C2'" . C   A 1 9  ? 15.432  6.137   -0.683  1.00 61.48  ? 9   C   A "C2'" 1 
ATOM   181  O  "O2'" . C   A 1 9  ? 16.736  5.657   -0.404  1.00 64.13  ? 9   C   A "O2'" 1 
ATOM   182  C  "C1'" . C   A 1 9  ? 14.792  6.582   0.628   1.00 59.83  ? 9   C   A "C1'" 1 
ATOM   183  N  N1    . C   A 1 9  ? 13.364  6.221   0.718   1.00 59.89  ? 9   C   A N1    1 
ATOM   184  C  C2    . C   A 1 9  ? 13.093  4.913   1.097   1.00 59.66  ? 9   C   A C2    1 
ATOM   185  O  O2    . C   A 1 9  ? 14.062  4.152   1.312   1.00 52.00  ? 9   C   A O2    1 
ATOM   186  N  N3    . C   A 1 9  ? 11.796  4.539   1.205   1.00 53.34  ? 9   C   A N3    1 
ATOM   187  C  C4    . C   A 1 9  ? 10.817  5.424   0.949   1.00 54.91  ? 9   C   A C4    1 
ATOM   188  N  N4    . C   A 1 9  ? 9.561   4.999   1.072   1.00 48.29  ? 9   C   A N4    1 
ATOM   189  C  C5    . C   A 1 9  ? 11.077  6.771   0.553   1.00 57.16  ? 9   C   A C5    1 
ATOM   190  C  C6    . C   A 1 9  ? 12.366  7.130   0.460   1.00 54.97  ? 9   C   A C6    1 
ATOM   191  P  P     . A   A 1 10 ? 16.667  8.296   -3.704  1.00 62.61  ? 10  A   A P     1 
ATOM   192  O  OP1   . A   A 1 10 ? 18.038  8.075   -4.238  1.00 71.89  ? 10  A   A OP1   1 
ATOM   193  O  OP2   . A   A 1 10 ? 16.173  9.685   -3.480  1.00 55.58  ? 10  A   A OP2   1 
ATOM   194  O  "O5'" . A   A 1 10 ? 15.645  7.567   -4.677  1.00 64.57  ? 10  A   A "O5'" 1 
ATOM   195  C  "C5'" . A   A 1 10 ? 15.696  6.162   -4.878  1.00 58.81  ? 10  A   A "C5'" 1 
ATOM   196  C  "C4'" . A   A 1 10 ? 14.505  5.683   -5.672  1.00 60.67  ? 10  A   A "C4'" 1 
ATOM   197  O  "O4'" . A   A 1 10 ? 13.330  5.569   -4.811  1.00 53.47  ? 10  A   A "O4'" 1 
ATOM   198  C  "C3'" . A   A 1 10 ? 14.088  6.581   -6.844  1.00 56.01  ? 10  A   A "C3'" 1 
ATOM   199  O  "O3'" . A   A 1 10 ? 13.633  5.753   -7.912  1.00 58.97  ? 10  A   A "O3'" 1 
ATOM   200  C  "C2'" . A   A 1 10 ? 12.897  7.346   -6.264  1.00 54.54  ? 10  A   A "C2'" 1 
ATOM   201  O  "O2'" . A   A 1 10 ? 12.000  7.875   -7.220  1.00 51.95  ? 10  A   A "O2'" 1 
ATOM   202  C  "C1'" . A   A 1 10 ? 12.251  6.266   -5.413  1.00 54.44  ? 10  A   A "C1'" 1 
ATOM   203  N  N9    . A   A 1 10 ? 11.313  6.752   -4.390  1.00 56.77  ? 10  A   A N9    1 
ATOM   204  C  C8    . A   A 1 10 ? 11.227  7.969   -3.741  1.00 57.28  ? 10  A   A C8    1 
ATOM   205  N  N7    . A   A 1 10 ? 10.212  8.063   -2.901  1.00 52.96  ? 10  A   A N7    1 
ATOM   206  C  C5    . A   A 1 10 ? 9.594   6.822   -3.006  1.00 49.37  ? 10  A   A C5    1 
ATOM   207  C  C6    . A   A 1 10 ? 8.460   6.257   -2.383  1.00 48.87  ? 10  A   A C6    1 
ATOM   208  N  N6    . A   A 1 10 ? 7.714   6.902   -1.479  1.00 49.10  ? 10  A   A N6    1 
ATOM   209  N  N1    . A   A 1 10 ? 8.105   5.000   -2.736  1.00 43.72  ? 10  A   A N1    1 
ATOM   210  C  C2    . A   A 1 10 ? 8.849   4.349   -3.638  1.00 52.62  ? 10  A   A C2    1 
ATOM   211  N  N3    . A   A 1 10 ? 9.934   4.762   -4.289  1.00 47.87  ? 10  A   A N3    1 
ATOM   212  C  C4    . A   A 1 10 ? 10.254  6.017   -3.924  1.00 50.90  ? 10  A   A C4    1 
ATOM   213  P  P     . U   A 1 11 ? 14.297  5.859   -9.370  1.00 68.37  ? 11  U   A P     1 
ATOM   214  O  OP1   . U   A 1 11 ? 13.796  4.715   -10.176 1.00 70.06  ? 11  U   A OP1   1 
ATOM   215  O  OP2   . U   A 1 11 ? 15.746  6.023   -9.174  1.00 67.14  ? 11  U   A OP2   1 
ATOM   216  O  "O5'" . U   A 1 11 ? 13.643  7.182   -9.989  1.00 72.96  ? 11  U   A "O5'" 1 
ATOM   217  C  "C5'" . U   A 1 11 ? 14.423  8.338   -10.284 1.00 72.10  ? 11  U   A "C5'" 1 
ATOM   218  C  "C4'" . U   A 1 11 ? 14.231  8.806   -11.710 1.00 70.71  ? 11  U   A "C4'" 1 
ATOM   219  O  "O4'" . U   A 1 11 ? 15.477  8.648   -12.450 1.00 76.12  ? 11  U   A "O4'" 1 
ATOM   220  C  "C3'" . U   A 1 11 ? 13.173  8.055   -12.523 1.00 65.52  ? 11  U   A "C3'" 1 
ATOM   221  O  "O3'" . U   A 1 11 ? 12.664  8.938   -13.509 1.00 60.12  ? 11  U   A "O3'" 1 
ATOM   222  C  "C2'" . U   A 1 11 ? 14.010  7.028   -13.264 1.00 77.42  ? 11  U   A "C2'" 1 
ATOM   223  O  "O2'" . U   A 1 11 ? 13.400  6.489   -14.421 1.00 76.88  ? 11  U   A "O2'" 1 
ATOM   224  C  "C1'" . U   A 1 11 ? 15.225  7.874   -13.609 1.00 75.41  ? 11  U   A "C1'" 1 
ATOM   225  N  N1    . U   A 1 11 ? 16.413  7.107   -14.000 1.00 88.90  ? 11  U   A N1    1 
ATOM   226  C  C2    . U   A 1 11 ? 17.437  6.818   -13.105 1.00 91.86  ? 11  U   A C2    1 
ATOM   227  O  O2    . U   A 1 11 ? 17.458  7.148   -11.923 1.00 88.16  ? 11  U   A O2    1 
ATOM   228  N  N3    . U   A 1 11 ? 18.465  6.092   -13.667 1.00 97.05  ? 11  U   A N3    1 
ATOM   229  C  C4    . U   A 1 11 ? 18.577  5.649   -14.976 1.00 98.97  ? 11  U   A C4    1 
ATOM   230  O  O4    . U   A 1 11 ? 19.577  5.006   -15.316 1.00 102.20 ? 11  U   A O4    1 
ATOM   231  C  C5    . U   A 1 11 ? 17.478  5.997   -15.827 1.00 96.18  ? 11  U   A C5    1 
ATOM   232  C  C6    . U   A 1 11 ? 16.465  6.698   -15.316 1.00 90.62  ? 11  U   A C6    1 
ATOM   233  P  P     . C   A 1 12 ? 11.095  9.064   -13.743 1.00 59.62  ? 12  C   A P     1 
ATOM   234  O  OP1   . C   A 1 12 ? 10.420  8.006   -12.953 1.00 54.96  ? 12  C   A OP1   1 
ATOM   235  O  OP2   . C   A 1 12 ? 10.803  9.199   -15.195 1.00 59.62  ? 12  C   A OP2   1 
ATOM   236  O  "O5'" . C   A 1 12 ? 10.791  10.458  -13.069 1.00 62.04  ? 12  C   A "O5'" 1 
ATOM   237  C  "C5'" . C   A 1 12 ? 11.643  11.566  -13.298 1.00 57.93  ? 12  C   A "C5'" 1 
ATOM   238  C  "C4'" . C   A 1 12 ? 10.885  12.828  -13.023 1.00 51.31  ? 12  C   A "C4'" 1 
ATOM   239  O  "O4'" . C   A 1 12 ? 9.986   13.096  -14.129 1.00 54.72  ? 12  C   A "O4'" 1 
ATOM   240  C  "C3'" . C   A 1 12 ? 9.971   12.743  -11.818 1.00 48.04  ? 12  C   A "C3'" 1 
ATOM   241  O  "O3'" . C   A 1 12 ? 10.666  12.949  -10.598 1.00 44.87  ? 12  C   A "O3'" 1 
ATOM   242  C  "C2'" . C   A 1 12 ? 8.914   13.792  -12.134 1.00 50.55  ? 12  C   A "C2'" 1 
ATOM   243  O  "O2'" . C   A 1 12 ? 9.434   15.093  -11.904 1.00 48.01  ? 12  C   A "O2'" 1 
ATOM   244  C  "C1'" . C   A 1 12 ? 8.761   13.607  -13.641 1.00 51.88  ? 12  C   A "C1'" 1 
ATOM   245  N  N1    . C   A 1 12 ? 7.680   12.653  -13.996 1.00 56.03  ? 12  C   A N1    1 
ATOM   246  C  C2    . C   A 1 12 ? 6.341   13.042  -13.904 1.00 54.78  ? 12  C   A C2    1 
ATOM   247  O  O2    . C   A 1 12 ? 6.076   14.183  -13.502 1.00 49.54  ? 12  C   A O2    1 
ATOM   248  N  N3    . C   A 1 12 ? 5.362   12.168  -14.243 1.00 56.40  ? 12  C   A N3    1 
ATOM   249  C  C4    . C   A 1 12 ? 5.670   10.945  -14.661 1.00 57.25  ? 12  C   A C4    1 
ATOM   250  N  N4    . C   A 1 12 ? 4.675   10.121  -14.979 1.00 59.09  ? 12  C   A N4    1 
ATOM   251  C  C5    . C   A 1 12 ? 7.021   10.514  -14.785 1.00 60.14  ? 12  C   A C5    1 
ATOM   252  C  C6    . C   A 1 12 ? 7.981   11.393  -14.449 1.00 57.91  ? 12  C   A C6    1 
ATOM   253  P  P     . C   A 1 13 ? 10.170  12.259  -9.232  1.00 51.13  ? 13  C   A P     1 
ATOM   254  O  OP1   . C   A 1 13 ? 10.823  12.985  -8.108  1.00 46.78  ? 13  C   A OP1   1 
ATOM   255  O  OP2   . C   A 1 13 ? 10.342  10.784  -9.333  1.00 53.88  ? 13  C   A OP2   1 
ATOM   256  O  "O5'" . C   A 1 13 ? 8.621   12.628  -9.178  1.00 51.13  ? 13  C   A "O5'" 1 
ATOM   257  C  "C5'" . C   A 1 13 ? 8.184   13.910  -8.751  1.00 46.66  ? 13  C   A "C5'" 1 
ATOM   258  C  "C4'" . C   A 1 13 ? 6.673   13.941  -8.691  1.00 45.19  ? 13  C   A "C4'" 1 
ATOM   259  O  "O4'" . C   A 1 13 ? 6.134   13.630  -9.998  1.00 46.01  ? 13  C   A "O4'" 1 
ATOM   260  C  "C3'" . C   A 1 13 ? 6.050   12.900  -7.783  1.00 45.82  ? 13  C   A "C3'" 1 
ATOM   261  O  "O3'" . C   A 1 13 ? 6.025   13.324  -6.438  1.00 47.01  ? 13  C   A "O3'" 1 
ATOM   262  C  "C2'" . C   A 1 13 ? 4.664   12.729  -8.372  1.00 49.34  ? 13  C   A "C2'" 1 
ATOM   263  O  "O2'" . C   A 1 13 ? 3.846   13.814  -7.971  1.00 51.29  ? 13  C   A "O2'" 1 
ATOM   264  C  "C1'" . C   A 1 13 ? 4.950   12.870  -9.862  1.00 51.53  ? 13  C   A "C1'" 1 
ATOM   265  N  N1    . C   A 1 13 ? 5.146   11.562  -10.526 1.00 54.51  ? 13  C   A N1    1 
ATOM   266  C  C2    . C   A 1 13 ? 4.031   10.763  -10.795 1.00 56.64  ? 13  C   A C2    1 
ATOM   267  O  O2    . C   A 1 13 ? 2.900   11.163  -10.459 1.00 56.29  ? 13  C   A O2    1 
ATOM   268  N  N3    . C   A 1 13 ? 4.211   9.570   -11.410 1.00 55.44  ? 13  C   A N3    1 
ATOM   269  C  C4    . C   A 1 13 ? 5.433   9.169   -11.753 1.00 54.19  ? 13  C   A C4    1 
ATOM   270  N  N4    . C   A 1 13 ? 5.553   7.982   -12.354 1.00 51.52  ? 13  C   A N4    1 
ATOM   271  C  C5    . C   A 1 13 ? 6.579   9.967   -11.485 1.00 51.23  ? 13  C   A C5    1 
ATOM   272  C  C6    . C   A 1 13 ? 6.394   11.143  -10.881 1.00 51.11  ? 13  C   A C6    1 
ATOM   273  P  P     . C   A 1 14 ? 6.342   12.288  -5.265  1.00 49.74  ? 14  C   A P     1 
ATOM   274  O  OP1   . C   A 1 14 ? 6.133   13.020  -3.987  1.00 50.30  ? 14  C   A OP1   1 
ATOM   275  O  OP2   . C   A 1 14 ? 7.639   11.577  -5.520  1.00 48.55  ? 14  C   A OP2   1 
ATOM   276  O  "O5'" . C   A 1 14 ? 5.189   11.218  -5.430  1.00 48.32  ? 14  C   A "O5'" 1 
ATOM   277  C  "C5'" . C   A 1 14 ? 3.834   11.599  -5.246  1.00 51.44  ? 14  C   A "C5'" 1 
ATOM   278  C  "C4'" . C   A 1 14 ? 2.934   10.448  -5.557  1.00 47.34  ? 14  C   A "C4'" 1 
ATOM   279  O  "O4'" . C   A 1 14 ? 3.011   10.138  -6.972  1.00 51.77  ? 14  C   A "O4'" 1 
ATOM   280  C  "C3'" . C   A 1 14 ? 3.323   9.149   -4.886  1.00 48.26  ? 14  C   A "C3'" 1 
ATOM   281  O  "O3'" . C   A 1 14 ? 2.917   9.098   -3.534  1.00 45.48  ? 14  C   A "O3'" 1 
ATOM   282  C  "C2'" . C   A 1 14 ? 2.668   8.113   -5.782  1.00 51.59  ? 14  C   A "C2'" 1 
ATOM   283  O  "O2'" . C   A 1 14 ? 1.275   8.065   -5.536  1.00 54.31  ? 14  C   A "O2'" 1 
ATOM   284  C  "C1'" . C   A 1 14 ? 2.871   8.747   -7.160  1.00 53.22  ? 14  C   A "C1'" 1 
ATOM   285  N  N1    . C   A 1 14 ? 4.081   8.241   -7.840  1.00 53.86  ? 14  C   A N1    1 
ATOM   286  C  C2    . C   A 1 14 ? 4.005   7.015   -8.515  1.00 54.54  ? 14  C   A C2    1 
ATOM   287  O  O2    . C   A 1 14 ? 2.929   6.389   -8.503  1.00 53.21  ? 14  C   A O2    1 
ATOM   288  N  N3    . C   A 1 14 ? 5.116   6.540   -9.144  1.00 52.34  ? 14  C   A N3    1 
ATOM   289  C  C4    . C   A 1 14 ? 6.262   7.244   -9.135  1.00 48.98  ? 14  C   A C4    1 
ATOM   290  N  N4    . C   A 1 14 ? 7.325   6.732   -9.778  1.00 49.21  ? 14  C   A N4    1 
ATOM   291  C  C5    . C   A 1 14 ? 6.361   8.491   -8.460  1.00 48.25  ? 14  C   A C5    1 
ATOM   292  C  C6    . C   A 1 14 ? 5.262   8.952   -7.827  1.00 52.25  ? 14  C   A C6    1 
ATOM   293  P  P     . C   A 1 15 ? 3.964   8.696   -2.396  1.00 49.34  ? 15  C   A P     1 
ATOM   294  O  OP1   . C   A 1 15 ? 3.310   8.906   -1.085  1.00 45.34  ? 15  C   A OP1   1 
ATOM   295  O  OP2   . C   A 1 15 ? 5.289   9.328   -2.699  1.00 51.28  ? 15  C   A OP2   1 
ATOM   296  O  "O5'" . C   A 1 15 ? 4.132   7.126   -2.586  1.00 45.28  ? 15  C   A "O5'" 1 
ATOM   297  C  "C5'" . C   A 1 15 ? 3.021   6.258   -2.420  1.00 48.18  ? 15  C   A "C5'" 1 
ATOM   298  C  "C4'" . C   A 1 15 ? 3.230   4.970   -3.160  1.00 42.92  ? 15  C   A "C4'" 1 
ATOM   299  O  "O4'" . C   A 1 15 ? 3.547   5.251   -4.544  1.00 43.96  ? 15  C   A "O4'" 1 
ATOM   300  C  "C3'" . C   A 1 15 ? 4.388   4.128   -2.669  1.00 48.47  ? 15  C   A "C3'" 1 
ATOM   301  O  "O3'" . C   A 1 15 ? 4.003   3.316   -1.572  1.00 45.49  ? 15  C   A "O3'" 1 
ATOM   302  C  "C2'" . C   A 1 15 ? 4.784   3.321   -3.906  1.00 48.56  ? 15  C   A "C2'" 1 
ATOM   303  O  "O2'" . C   A 1 15 ? 3.940   2.194   -4.055  1.00 52.33  ? 15  C   A "O2'" 1 
ATOM   304  C  "C1'" . C   A 1 15 ? 4.470   4.302   -5.034  1.00 51.51  ? 15  C   A "C1'" 1 
ATOM   305  N  N1    . C   A 1 15 ? 5.677   5.015   -5.498  1.00 48.62  ? 15  C   A N1    1 
ATOM   306  C  C2    . C   A 1 15 ? 6.512   4.384   -6.414  1.00 47.76  ? 15  C   A C2    1 
ATOM   307  O  O2    . C   A 1 15 ? 6.220   3.245   -6.804  1.00 45.92  ? 15  C   A O2    1 
ATOM   308  N  N3    . C   A 1 15 ? 7.624   5.034   -6.839  1.00 47.85  ? 15  C   A N3    1 
ATOM   309  C  C4    . C   A 1 15 ? 7.915   6.259   -6.393  1.00 48.37  ? 15  C   A C4    1 
ATOM   310  N  N4    . C   A 1 15 ? 9.027   6.854   -6.856  1.00 51.71  ? 15  C   A N4    1 
ATOM   311  C  C5    . C   A 1 15 ? 7.076   6.928   -5.453  1.00 51.70  ? 15  C   A C5    1 
ATOM   312  C  C6    . C   A 1 15 ? 5.970   6.276   -5.041  1.00 51.06  ? 15  C   A C6    1 
ATOM   313  P  P     . G   A 1 16 ? 4.358   3.721   -0.058  1.00 48.00  ? 16  G   A P     1 
ATOM   314  O  OP1   . G   A 1 16 ? 3.268   3.186   0.792   1.00 48.15  ? 16  G   A OP1   1 
ATOM   315  O  OP2   . G   A 1 16 ? 4.753   5.155   0.002   1.00 50.60  ? 16  G   A OP2   1 
ATOM   316  O  "O5'" . G   A 1 16 ? 5.668   2.859   0.274   1.00 46.25  ? 16  G   A "O5'" 1 
ATOM   317  C  "C5'" . G   A 1 16 ? 6.882   3.061   -0.440  1.00 43.52  ? 16  G   A "C5'" 1 
ATOM   318  C  "C4'" . G   A 1 16 ? 7.960   2.104   0.004   1.00 45.37  ? 16  G   A "C4'" 1 
ATOM   319  O  "O4'" . G   A 1 16 ? 8.254   2.295   1.421   1.00 42.98  ? 16  G   A "O4'" 1 
ATOM   320  C  "C3'" . G   A 1 16 ? 7.627   0.624   -0.103  1.00 43.18  ? 16  G   A "C3'" 1 
ATOM   321  O  "O3'" . G   A 1 16 ? 7.795   0.135   -1.418  1.00 51.09  ? 16  G   A "O3'" 1 
ATOM   322  C  "C2'" . G   A 1 16 ? 8.586   0.012   0.912   1.00 48.95  ? 16  G   A "C2'" 1 
ATOM   323  O  "O2'" . G   A 1 16 ? 9.918   0.025   0.417   1.00 46.12  ? 16  G   A "O2'" 1 
ATOM   324  C  "C1'" . G   A 1 16 ? 8.497   1.044   2.032   1.00 44.53  ? 16  G   A "C1'" 1 
ATOM   325  N  N9    . G   A 1 16 ? 7.357   0.754   2.917   1.00 44.97  ? 16  G   A N9    1 
ATOM   326  C  C8    . G   A 1 16 ? 6.250   1.556   3.115   1.00 49.01  ? 16  G   A C8    1 
ATOM   327  N  N7    . G   A 1 16 ? 5.388   1.030   3.945   1.00 49.58  ? 16  G   A N7    1 
ATOM   328  C  C5    . G   A 1 16 ? 5.975   -0.185  4.316   1.00 45.72  ? 16  G   A C5    1 
ATOM   329  C  C6    . G   A 1 16 ? 5.514   -1.185  5.199   1.00 46.63  ? 16  G   A C6    1 
ATOM   330  O  O6    . G   A 1 16 ? 4.458   -1.218  5.856   1.00 47.43  ? 16  G   A O6    1 
ATOM   331  N  N1    . G   A 1 16 ? 6.407   -2.248  5.279   1.00 41.13  ? 16  G   A N1    1 
ATOM   332  C  C2    . G   A 1 16 ? 7.607   -2.350  4.610   1.00 47.45  ? 16  G   A C2    1 
ATOM   333  N  N2    . G   A 1 16 ? 8.310   -3.470  4.842   1.00 40.33  ? 16  G   A N2    1 
ATOM   334  N  N3    . G   A 1 16 ? 8.056   -1.424  3.777   1.00 42.77  ? 16  G   A N3    1 
ATOM   335  C  C4    . G   A 1 16 ? 7.190   -0.376  3.684   1.00 44.12  ? 16  G   A C4    1 
ATOM   336  P  P     . U   A 1 17 ? 6.652   -0.739  -2.135  1.00 48.99  ? 17  U   A P     1 
ATOM   337  O  OP1   . U   A 1 17 ? 7.036   -0.761  -3.579  1.00 41.30  ? 17  U   A OP1   1 
ATOM   338  O  OP2   . U   A 1 17 ? 5.311   -0.334  -1.661  1.00 47.94  ? 17  U   A OP2   1 
ATOM   339  O  "O5'" . U   A 1 17 ? 6.917   -2.217  -1.601  1.00 47.53  ? 17  U   A "O5'" 1 
ATOM   340  C  "C5'" . U   A 1 17 ? 8.145   -2.872  -1.905  1.00 46.76  ? 17  U   A "C5'" 1 
ATOM   341  C  "C4'" . U   A 1 17 ? 8.231   -4.224  -1.248  1.00 40.70  ? 17  U   A "C4'" 1 
ATOM   342  O  "O4'" . U   A 1 17 ? 8.374   -4.059  0.187   1.00 40.14  ? 17  U   A "O4'" 1 
ATOM   343  C  "C3'" . U   A 1 17 ? 7.013   -5.121  -1.385  1.00 39.07  ? 17  U   A "C3'" 1 
ATOM   344  O  "O3'" . U   A 1 17 ? 6.932   -5.792  -2.629  1.00 35.53  ? 17  U   A "O3'" 1 
ATOM   345  C  "C2'" . U   A 1 17 ? 7.188   -6.066  -0.208  1.00 45.83  ? 17  U   A "C2'" 1 
ATOM   346  O  "O2'" . U   A 1 17 ? 8.213   -7.011  -0.482  1.00 37.26  ? 17  U   A "O2'" 1 
ATOM   347  C  "C1'" . U   A 1 17 ? 7.708   -5.108  0.859   1.00 42.55  ? 17  U   A "C1'" 1 
ATOM   348  N  N1    . U   A 1 17 ? 6.587   -4.532  1.629   1.00 42.82  ? 17  U   A N1    1 
ATOM   349  C  C2    . U   A 1 17 ? 5.948   -5.373  2.523   1.00 46.98  ? 17  U   A C2    1 
ATOM   350  O  O2    . U   A 1 17 ? 6.282   -6.541  2.709   1.00 42.64  ? 17  U   A O2    1 
ATOM   351  N  N3    . U   A 1 17 ? 4.898   -4.811  3.204   1.00 38.54  ? 17  U   A N3    1 
ATOM   352  C  C4    . U   A 1 17 ? 4.438   -3.515  3.098   1.00 48.48  ? 17  U   A C4    1 
ATOM   353  O  O4    . U   A 1 17 ? 3.467   -3.167  3.788   1.00 46.11  ? 17  U   A O4    1 
ATOM   354  C  C5    . U   A 1 17 ? 5.145   -2.711  2.147   1.00 43.70  ? 17  U   A C5    1 
ATOM   355  C  C6    . U   A 1 17 ? 6.184   -3.233  1.467   1.00 42.39  ? 17  U   A C6    1 
ATOM   356  P  P     . U   A 1 18 ? 5.497   -6.080  -3.300  1.00 44.71  ? 18  U   A P     1 
ATOM   357  O  OP1   . U   A 1 18 ? 5.786   -6.604  -4.661  1.00 39.79  ? 18  U   A OP1   1 
ATOM   358  O  OP2   . U   A 1 18 ? 4.687   -4.857  -3.082  1.00 37.06  ? 18  U   A OP2   1 
ATOM   359  O  "O5'" . U   A 1 18 ? 4.890   -7.260  -2.423  1.00 38.32  ? 18  U   A "O5'" 1 
ATOM   360  C  "C5'" . U   A 1 18 ? 5.655   -8.447  -2.201  1.00 40.47  ? 18  U   A "C5'" 1 
ATOM   361  C  "C4'" . U   A 1 18 ? 5.100   -9.280  -1.072  1.00 38.35  ? 18  U   A "C4'" 1 
ATOM   362  O  "O4'" . U   A 1 18 ? 5.165   -8.532  0.170   1.00 42.14  ? 18  U   A "O4'" 1 
ATOM   363  C  "C3'" . U   A 1 18 ? 3.629   -9.663  -1.216  1.00 39.91  ? 18  U   A "C3'" 1 
ATOM   364  O  "O3'" . U   A 1 18 ? 3.467   -10.831 -2.011  1.00 39.53  ? 18  U   A "O3'" 1 
ATOM   365  C  "C2'" . U   A 1 18 ? 3.177   -9.850  0.230   1.00 44.19  ? 18  U   A "C2'" 1 
ATOM   366  O  "O2'" . U   A 1 18 ? 3.521   -11.146 0.696   1.00 42.30  ? 18  U   A "O2'" 1 
ATOM   367  C  "C1'" . U   A 1 18 ? 4.026   -8.808  0.969   1.00 47.46  ? 18  U   A "C1'" 1 
ATOM   368  N  N1    . U   A 1 18 ? 3.268   -7.551  1.201   1.00 41.35  ? 18  U   A N1    1 
ATOM   369  C  C2    . U   A 1 18 ? 2.356   -7.526  2.246   1.00 41.67  ? 18  U   A C2    1 
ATOM   370  O  O2    . U   A 1 18 ? 2.174   -8.470  2.981   1.00 38.41  ? 18  U   A O2    1 
ATOM   371  N  N3    . U   A 1 18 ? 1.644   -6.361  2.417   1.00 40.74  ? 18  U   A N3    1 
ATOM   372  C  C4    . U   A 1 18 ? 1.748   -5.222  1.651   1.00 43.08  ? 18  U   A C4    1 
ATOM   373  O  O4    . U   A 1 18 ? 1.047   -4.244  1.937   1.00 43.03  ? 18  U   A O4    1 
ATOM   374  C  C5    . U   A 1 18 ? 2.705   -5.322  0.578   1.00 43.80  ? 18  U   A C5    1 
ATOM   375  C  C6    . U   A 1 18 ? 3.407   -6.446  0.399   1.00 42.48  ? 18  U   A C6    1 
ATOM   376  P  P     . C   A 1 19 ? 2.107   -11.137 -2.835  1.00 41.64  ? 19  C   A P     1 
ATOM   377  O  OP1   . C   A 1 19 ? 2.395   -12.327 -3.673  1.00 42.21  ? 19  C   A OP1   1 
ATOM   378  O  OP2   . C   A 1 19 ? 1.542   -9.900  -3.413  1.00 37.66  ? 19  C   A OP2   1 
ATOM   379  O  "O5'" . C   A 1 19 ? 1.088   -11.607 -1.710  1.00 45.03  ? 19  C   A "O5'" 1 
ATOM   380  C  "C5'" . C   A 1 19 ? 1.270   -12.843 -1.043  1.00 40.46  ? 19  C   A "C5'" 1 
ATOM   381  C  "C4'" . C   A 1 19 ? 0.293   -12.979 0.091   1.00 40.08  ? 19  C   A "C4'" 1 
ATOM   382  O  "O4'" . C   A 1 19 ? 0.569   -11.991 1.120   1.00 39.97  ? 19  C   A "O4'" 1 
ATOM   383  C  "C3'" . C   A 1 19 ? -1.156  -12.705 -0.263  1.00 38.95  ? 19  C   A "C3'" 1 
ATOM   384  O  "O3'" . C   A 1 19 ? -1.739  -13.764 -0.990  1.00 40.53  ? 19  C   A "O3'" 1 
ATOM   385  C  "C2'" . C   A 1 19 ? -1.760  -12.459 1.114   1.00 41.75  ? 19  C   A "C2'" 1 
ATOM   386  O  "O2'" . C   A 1 19 ? -1.849  -13.686 1.838   1.00 40.32  ? 19  C   A "O2'" 1 
ATOM   387  C  "C1'" . C   A 1 19 ? -0.651  -11.631 1.764   1.00 40.94  ? 19  C   A "C1'" 1 
ATOM   388  N  N1    . C   A 1 19 ? -0.875  -10.167 1.620   1.00 40.71  ? 19  C   A N1    1 
ATOM   389  C  C2    . C   A 1 19 ? -1.637  -9.466  2.574   1.00 43.87  ? 19  C   A C2    1 
ATOM   390  O  O2    . C   A 1 19 ? -2.112  -10.063 3.546   1.00 39.94  ? 19  C   A O2    1 
ATOM   391  N  N3    . C   A 1 19 ? -1.828  -8.138  2.427   1.00 41.89  ? 19  C   A N3    1 
ATOM   392  C  C4    . C   A 1 19 ? -1.306  -7.503  1.374   1.00 41.98  ? 19  C   A C4    1 
ATOM   393  N  N4    . C   A 1 19 ? -1.515  -6.193  1.269   1.00 36.06  ? 19  C   A N4    1 
ATOM   394  C  C5    . C   A 1 19 ? -0.552  -8.180  0.376   1.00 38.21  ? 19  C   A C5    1 
ATOM   395  C  C6    . C   A 1 19 ? -0.369  -9.491  0.549   1.00 41.78  ? 19  C   A C6    1 
ATOM   396  P  P     . G   A 1 20 ? -2.885  -13.468 -2.068  1.00 43.97  ? 20  G   A P     1 
ATOM   397  O  OP1   . G   A 1 20 ? -3.133  -14.767 -2.754  1.00 39.13  ? 20  G   A OP1   1 
ATOM   398  O  OP2   . G   A 1 20 ? -2.627  -12.224 -2.814  1.00 40.69  ? 20  G   A OP2   1 
ATOM   399  O  "O5'" . G   A 1 20 ? -4.155  -13.146 -1.151  1.00 37.80  ? 20  G   A "O5'" 1 
ATOM   400  C  "C5'" . G   A 1 20 ? -4.697  -14.152 -0.303  1.00 46.23  ? 20  G   A "C5'" 1 
ATOM   401  C  "C4'" . G   A 1 20 ? -5.837  -13.642 0.558   1.00 41.48  ? 20  G   A "C4'" 1 
ATOM   402  O  "O4'" . G   A 1 20 ? -5.351  -12.706 1.564   1.00 44.30  ? 20  G   A "O4'" 1 
ATOM   403  C  "C3'" . G   A 1 20 ? -6.934  -12.870 -0.150  1.00 44.17  ? 20  G   A "C3'" 1 
ATOM   404  O  "O3'" . G   A 1 20 ? -7.832  -13.715 -0.848  1.00 45.03  ? 20  G   A "O3'" 1 
ATOM   405  C  "C2'" . G   A 1 20 ? -7.580  -12.110 1.006   1.00 43.99  ? 20  G   A "C2'" 1 
ATOM   406  O  "O2'" . G   A 1 20 ? -8.376  -12.993 1.787   1.00 39.37  ? 20  G   A "O2'" 1 
ATOM   407  C  "C1'" . G   A 1 20 ? -6.349  -11.743 1.840   1.00 44.47  ? 20  G   A "C1'" 1 
ATOM   408  N  N9    . G   A 1 20 ? -5.833  -10.409 1.493   1.00 37.89  ? 20  G   A N9    1 
ATOM   409  C  C8    . G   A 1 20 ? -4.859  -10.113 0.571   1.00 40.54  ? 20  G   A C8    1 
ATOM   410  N  N7    . G   A 1 20 ? -4.621  -8.830  0.480   1.00 39.77  ? 20  G   A N7    1 
ATOM   411  C  C5    . G   A 1 20 ? -5.499  -8.265  1.389   1.00 40.02  ? 20  G   A C5    1 
ATOM   412  C  C6    . G   A 1 20 ? -5.697  -6.915  1.730   1.00 42.74  ? 20  G   A C6    1 
ATOM   413  O  O6    . G   A 1 20 ? -5.113  -5.925  1.260   1.00 39.40  ? 20  G   A O6    1 
ATOM   414  N  N1    . G   A 1 20 ? -6.696  -6.782  2.710   1.00 38.04  ? 20  G   A N1    1 
ATOM   415  C  C2    . G   A 1 20 ? -7.422  -7.792  3.299   1.00 43.07  ? 20  G   A C2    1 
ATOM   416  N  N2    . G   A 1 20 ? -8.348  -7.433  4.236   1.00 32.98  ? 20  G   A N2    1 
ATOM   417  N  N3    . G   A 1 20 ? -7.231  -9.056  2.971   1.00 38.27  ? 20  G   A N3    1 
ATOM   418  C  C4    . G   A 1 20 ? -6.266  -9.215  2.026   1.00 42.78  ? 20  G   A C4    1 
ATOM   419  P  P     . G   A 1 21 ? -8.488  -13.232 -2.230  1.00 46.93  ? 21  G   A P     1 
ATOM   420  O  OP1   . G   A 1 21 ? -9.153  -14.439 -2.781  1.00 50.56  ? 21  G   A OP1   1 
ATOM   421  O  OP2   . G   A 1 21 ? -7.552  -12.427 -3.044  1.00 48.87  ? 21  G   A OP2   1 
ATOM   422  O  "O5'" . G   A 1 21 ? -9.621  -12.205 -1.779  1.00 44.31  ? 21  G   A "O5'" 1 
ATOM   423  C  "C5'" . G   A 1 21 ? -10.741 -12.636 -1.038  1.00 43.54  ? 21  G   A "C5'" 1 
ATOM   424  C  "C4'" . G   A 1 21 ? -11.501 -11.453 -0.484  1.00 44.78  ? 21  G   A "C4'" 1 
ATOM   425  O  "O4'" . G   A 1 21 ? -10.675 -10.735 0.472   1.00 40.94  ? 21  G   A "O4'" 1 
ATOM   426  C  "C3'" . G   A 1 21 ? -11.889 -10.379 -1.482  1.00 42.25  ? 21  G   A "C3'" 1 
ATOM   427  O  "O3'" . G   A 1 21 ? -12.999 -10.726 -2.303  1.00 41.72  ? 21  G   A "O3'" 1 
ATOM   428  C  "C2'" . G   A 1 21 ? -12.124 -9.181  -0.577  1.00 40.67  ? 21  G   A "C2'" 1 
ATOM   429  O  "O2'" . G   A 1 21 ? -13.350 -9.323  0.113   1.00 45.98  ? 21  G   A "O2'" 1 
ATOM   430  C  "C1'" . G   A 1 21 ? -10.976 -9.357  0.420   1.00 40.52  ? 21  G   A "C1'" 1 
ATOM   431  N  N9    . G   A 1 21 ? -9.787  -8.645  -0.060  1.00 42.23  ? 21  G   A N9    1 
ATOM   432  C  C8    . G   A 1 21 ? -8.744  -9.139  -0.810  1.00 39.81  ? 21  G   A C8    1 
ATOM   433  N  N7    . G   A 1 21 ? -7.880  -8.204  -1.097  1.00 45.01  ? 21  G   A N7    1 
ATOM   434  C  C5    . G   A 1 21 ? -8.397  -7.039  -0.520  1.00 41.19  ? 21  G   A C5    1 
ATOM   435  C  C6    . G   A 1 21 ? -7.914  -5.706  -0.501  1.00 42.79  ? 21  G   A C6    1 
ATOM   436  O  O6    . G   A 1 21 ? -6.880  -5.258  -1.010  1.00 46.10  ? 21  G   A O6    1 
ATOM   437  N  N1    . G   A 1 21 ? -8.753  -4.846  0.205   1.00 41.59  ? 21  G   A N1    1 
ATOM   438  C  C2    . G   A 1 21 ? -9.941  -5.222  0.796   1.00 42.64  ? 21  G   A C2    1 
ATOM   439  N  N2    . G   A 1 21 ? -10.641 -4.268  1.441   1.00 41.53  ? 21  G   A N2    1 
ATOM   440  N  N3    . G   A 1 21 ? -10.392 -6.461  0.780   1.00 41.55  ? 21  G   A N3    1 
ATOM   441  C  C4    . G   A 1 21 ? -9.579  -7.300  0.109   1.00 41.61  ? 21  G   A C4    1 
ATOM   442  P  P     . C   A 1 22 ? -13.016 -10.233 -3.834  1.00 44.72  ? 22  C   A P     1 
ATOM   443  O  OP1   . C   A 1 22 ? -14.135 -10.881 -4.552  1.00 52.81  ? 22  C   A OP1   1 
ATOM   444  O  OP2   . C   A 1 22 ? -11.633 -10.412 -4.353  1.00 52.74  ? 22  C   A OP2   1 
ATOM   445  O  "O5'" . C   A 1 22 ? -13.267 -8.665  -3.717  1.00 44.34  ? 22  C   A "O5'" 1 
ATOM   446  C  "C5'" . C   A 1 22 ? -14.474 -8.177  -3.141  1.00 49.64  ? 22  C   A "C5'" 1 
ATOM   447  C  "C4'" . C   A 1 22 ? -14.409 -6.694  -2.881  1.00 45.33  ? 22  C   A "C4'" 1 
ATOM   448  O  "O4'" . C   A 1 22 ? -13.308 -6.399  -1.976  1.00 44.53  ? 22  C   A "O4'" 1 
ATOM   449  C  "C3'" . C   A 1 22 ? -14.122 -5.801  -4.083  1.00 46.28  ? 22  C   A "C3'" 1 
ATOM   450  O  "O3'" . C   A 1 22 ? -15.242 -5.582  -4.930  1.00 46.11  ? 22  C   A "O3'" 1 
ATOM   451  C  "C2'" . C   A 1 22 ? -13.619 -4.536  -3.412  1.00 43.02  ? 22  C   A "C2'" 1 
ATOM   452  O  "O2'" . C   A 1 22 ? -14.711 -3.832  -2.836  1.00 48.17  ? 22  C   A "O2'" 1 
ATOM   453  C  "C1'" . C   A 1 22 ? -12.765 -5.128  -2.291  1.00 39.25  ? 22  C   A "C1'" 1 
ATOM   454  N  N1    . C   A 1 22 ? -11.383 -5.323  -2.774  1.00 44.26  ? 22  C   A N1    1 
ATOM   455  C  C2    . C   A 1 22 ? -10.542 -4.212  -2.796  1.00 43.78  ? 22  C   A C2    1 
ATOM   456  O  O2    . C   A 1 22 ? -10.951 -3.113  -2.377  1.00 42.62  ? 22  C   A O2    1 
ATOM   457  N  N3    . C   A 1 22 ? -9.276  -4.355  -3.254  1.00 43.14  ? 22  C   A N3    1 
ATOM   458  C  C4    . C   A 1 22 ? -8.845  -5.526  -3.704  1.00 41.76  ? 22  C   A C4    1 
ATOM   459  N  N4    . C   A 1 22 ? -7.583  -5.586  -4.160  1.00 47.35  ? 22  C   A N4    1 
ATOM   460  C  C5    . C   A 1 22 ? -9.686  -6.671  -3.715  1.00 47.51  ? 22  C   A C5    1 
ATOM   461  C  C6    . C   A 1 22 ? -10.938 -6.536  -3.251  1.00 42.39  ? 22  C   A C6    1 
ATOM   462  P  P     . G   A 1 23 ? -15.012 -5.193  -6.473  1.00 51.88  ? 23  G   A P     1 
ATOM   463  O  OP1   . G   A 1 23 ? -16.337 -5.094  -7.111  1.00 53.31  ? 23  G   A OP1   1 
ATOM   464  O  OP2   . G   A 1 23 ? -14.031 -6.129  -7.057  1.00 43.25  ? 23  G   A OP2   1 
ATOM   465  O  "O5'" . G   A 1 23 ? -14.279 -3.769  -6.429  1.00 51.03  ? 23  G   A "O5'" 1 
ATOM   466  C  "C5'" . G   A 1 23 ? -14.960 -2.583  -6.041  1.00 53.02  ? 23  G   A "C5'" 1 
ATOM   467  C  "C4'" . G   A 1 23 ? -14.070 -1.369  -6.186  1.00 48.92  ? 23  G   A "C4'" 1 
ATOM   468  O  "O4'" . G   A 1 23 ? -12.885 -1.508  -5.352  1.00 48.47  ? 23  G   A "O4'" 1 
ATOM   469  C  "C3'" . G   A 1 23 ? -13.503 -1.124  -7.575  1.00 49.35  ? 23  G   A "C3'" 1 
ATOM   470  O  "O3'" . G   A 1 23 ? -14.432 -0.504  -8.433  1.00 56.81  ? 23  G   A "O3'" 1 
ATOM   471  C  "C2'" . G   A 1 23 ? -12.277 -0.269  -7.287  1.00 52.42  ? 23  G   A "C2'" 1 
ATOM   472  O  "O2'" . G   A 1 23 ? -12.663 1.063   -6.969  1.00 48.05  ? 23  G   A "O2'" 1 
ATOM   473  C  "C1'" . G   A 1 23 ? -11.761 -0.934  -6.012  1.00 43.22  ? 23  G   A "C1'" 1 
ATOM   474  N  N9    . G   A 1 23 ? -10.774 -1.988  -6.307  1.00 45.78  ? 23  G   A N9    1 
ATOM   475  C  C8    . G   A 1 23 ? -10.943 -3.353  -6.278  1.00 46.26  ? 23  G   A C8    1 
ATOM   476  N  N7    . G   A 1 23 ? -9.835  -4.008  -6.586  1.00 46.19  ? 23  G   A N7    1 
ATOM   477  C  C5    . G   A 1 23 ? -8.895  -3.029  -6.849  1.00 43.22  ? 23  G   A C5    1 
ATOM   478  C  C6    . G   A 1 23 ? -7.516  -3.133  -7.237  1.00 52.65  ? 23  G   A C6    1 
ATOM   479  O  O6    . G   A 1 23 ? -6.847  -4.149  -7.439  1.00 44.71  ? 23  G   A O6    1 
ATOM   480  N  N1    . G   A 1 23 ? -6.920  -1.886  -7.404  1.00 45.26  ? 23  G   A N1    1 
ATOM   481  C  C2    . G   A 1 23 ? -7.563  -0.691  -7.207  1.00 53.42  ? 23  G   A C2    1 
ATOM   482  N  N2    . G   A 1 23 ? -6.829  0.417   -7.402  1.00 49.64  ? 23  G   A N2    1 
ATOM   483  N  N3    . G   A 1 23 ? -8.840  -0.586  -6.844  1.00 46.79  ? 23  G   A N3    1 
ATOM   484  C  C4    . G   A 1 23 ? -9.446  -1.784  -6.684  1.00 45.04  ? 23  G   A C4    1 
ATOM   485  P  P     . C   A 1 24 ? -14.499 -0.947  -9.969  1.00 57.00  ? 24  C   A P     1 
ATOM   486  O  OP1   . C   A 1 24 ? -15.711 -0.305  -10.521 1.00 57.24  ? 24  C   A OP1   1 
ATOM   487  O  OP2   . C   A 1 24 ? -14.196 -2.392  -10.138 1.00 53.77  ? 24  C   A OP2   1 
ATOM   488  O  "O5'" . C   A 1 24 ? -13.212 -0.257  -10.604 1.00 57.93  ? 24  C   A "O5'" 1 
ATOM   489  C  "C5'" . C   A 1 24 ? -13.094 1.154   -10.692 1.00 58.42  ? 24  C   A "C5'" 1 
ATOM   490  C  "C4'" . C   A 1 24 ? -11.837 1.521   -11.443 1.00 59.64  ? 24  C   A "C4'" 1 
ATOM   491  O  "O4'" . C   A 1 24 ? -10.675 1.156   -10.646 1.00 56.64  ? 24  C   A "O4'" 1 
ATOM   492  C  "C3'" . C   A 1 24 ? -11.638 0.779   -12.756 1.00 61.80  ? 24  C   A "C3'" 1 
ATOM   493  O  "O3'" . C   A 1 24 ? -12.350 1.370   -13.831 1.00 70.41  ? 24  C   A "O3'" 1 
ATOM   494  C  "C2'" . C   A 1 24 ? -10.126 0.805   -12.924 1.00 67.67  ? 24  C   A "C2'" 1 
ATOM   495  O  "O2'" . C   A 1 24 ? -9.697  2.081   -13.376 1.00 61.17  ? 24  C   A "O2'" 1 
ATOM   496  C  "C1'" . C   A 1 24 ? -9.668  0.625   -11.476 1.00 57.41  ? 24  C   A "C1'" 1 
ATOM   497  N  N1    . C   A 1 24 ? -9.495  -0.804  -11.134 1.00 58.22  ? 24  C   A N1    1 
ATOM   498  C  C2    . C   A 1 24 ? -8.321  -1.446  -11.539 1.00 65.49  ? 24  C   A C2    1 
ATOM   499  O  O2    . C   A 1 24 ? -7.473  -0.796  -12.159 1.00 65.88  ? 24  C   A O2    1 
ATOM   500  N  N3    . C   A 1 24 ? -8.139  -2.756  -11.248 1.00 64.93  ? 24  C   A N3    1 
ATOM   501  C  C4    . C   A 1 24 ? -9.070  -3.424  -10.575 1.00 62.59  ? 24  C   A C4    1 
ATOM   502  N  N4    . C   A 1 24 ? -8.835  -4.716  -10.316 1.00 70.00  ? 24  C   A N4    1 
ATOM   503  C  C5    . C   A 1 24 ? -10.290 -2.802  -10.145 1.00 60.39  ? 24  C   A C5    1 
ATOM   504  C  C6    . C   A 1 24 ? -10.453 -1.500  -10.439 1.00 58.03  ? 24  C   A C6    1 
ATOM   505  P  P     . U   A 1 25 ? -13.192 0.461   -14.864 1.00 71.42  ? 25  U   A P     1 
ATOM   506  O  OP1   . U   A 1 25 ? -14.188 1.370   -15.491 1.00 78.10  ? 25  U   A OP1   1 
ATOM   507  O  OP2   . U   A 1 25 ? -13.655 -0.789  -14.203 1.00 73.72  ? 25  U   A OP2   1 
ATOM   508  O  "O5'" . U   A 1 25 ? -12.117 0.034   -15.954 1.00 73.89  ? 25  U   A "O5'" 1 
ATOM   509  C  "C5'" . U   A 1 25 ? -11.384 1.014   -16.670 1.00 80.80  ? 25  U   A "C5'" 1 
ATOM   510  C  "C4'" . U   A 1 25 ? -10.271 0.373   -17.450 1.00 82.10  ? 25  U   A "C4'" 1 
ATOM   511  O  "O4'" . U   A 1 25 ? -9.257  -0.101  -16.529 1.00 79.17  ? 25  U   A "O4'" 1 
ATOM   512  C  "C3'" . U   A 1 25 ? -10.667 -0.870  -18.224 1.00 90.32  ? 25  U   A "C3'" 1 
ATOM   513  O  "O3'" . U   A 1 25 ? -11.293 -0.581  -19.461 1.00 97.11  ? 25  U   A "O3'" 1 
ATOM   514  C  "C2'" . U   A 1 25 ? -9.349  -1.613  -18.352 1.00 89.79  ? 25  U   A "C2'" 1 
ATOM   515  O  "O2'" . U   A 1 25 ? -8.541  -1.018  -19.357 1.00 92.94  ? 25  U   A "O2'" 1 
ATOM   516  C  "C1'" . U   A 1 25 ? -8.718  -1.320  -16.991 1.00 85.95  ? 25  U   A "C1'" 1 
ATOM   517  N  N1    . U   A 1 25 ? -9.020  -2.374  -15.995 1.00 84.37  ? 25  U   A N1    1 
ATOM   518  C  C2    . U   A 1 25 ? -8.230  -3.503  -16.011 1.00 85.83  ? 25  U   A C2    1 
ATOM   519  O  O2    . U   A 1 25 ? -7.320  -3.647  -16.805 1.00 90.16  ? 25  U   A O2    1 
ATOM   520  N  N3    . U   A 1 25 ? -8.535  -4.456  -15.073 1.00 86.49  ? 25  U   A N3    1 
ATOM   521  C  C4    . U   A 1 25 ? -9.538  -4.400  -14.127 1.00 86.68  ? 25  U   A C4    1 
ATOM   522  O  O4    . U   A 1 25 ? -9.690  -5.348  -13.347 1.00 87.47  ? 25  U   A O4    1 
ATOM   523  C  C5    . U   A 1 25 ? -10.318 -3.195  -14.172 1.00 79.54  ? 25  U   A C5    1 
ATOM   524  C  C6    . U   A 1 25 ? -10.038 -2.249  -15.077 1.00 79.55  ? 25  U   A C6    1 
ATOM   525  P  P     . C   A 1 26 ? -12.508 -1.499  -19.974 1.00 98.64  ? 26  C   A P     1 
ATOM   526  O  OP1   . C   A 1 26 ? -13.154 -0.796  -21.118 1.00 95.54  ? 26  C   A OP1   1 
ATOM   527  O  OP2   . C   A 1 26 ? -13.341 -1.864  -18.798 1.00 95.06  ? 26  C   A OP2   1 
ATOM   528  O  "O5'" . C   A 1 26 ? -11.784 -2.820  -20.500 1.00 97.71  ? 26  C   A "O5'" 1 
ATOM   529  C  "C5'" . C   A 1 26 ? -10.837 -2.761  -21.557 1.00 95.81  ? 26  C   A "C5'" 1 
ATOM   530  C  "C4'" . C   A 1 26 ? -10.166 -4.093  -21.778 1.00 98.25  ? 26  C   A "C4'" 1 
ATOM   531  O  "O4'" . C   A 1 26 ? -9.276  -4.386  -20.672 1.00 94.99  ? 26  C   A "O4'" 1 
ATOM   532  C  "C3'" . C   A 1 26 ? -11.085 -5.302  -21.834 1.00 102.26 ? 26  C   A "C3'" 1 
ATOM   533  O  "O3'" . C   A 1 26 ? -11.726 -5.475  -23.086 1.00 106.00 ? 26  C   A "O3'" 1 
ATOM   534  C  "C2'" . C   A 1 26 ? -10.152 -6.444  -21.461 1.00 101.93 ? 26  C   A "C2'" 1 
ATOM   535  O  "O2'" . C   A 1 26 ? -9.342  -6.828  -22.563 1.00 102.75 ? 26  C   A "O2'" 1 
ATOM   536  C  "C1'" . C   A 1 26 ? -9.273  -5.775  -20.410 1.00 99.68  ? 26  C   A "C1'" 1 
ATOM   537  N  N1    . C   A 1 26 ? -9.826  -6.003  -19.061 1.00 100.44 ? 26  C   A N1    1 
ATOM   538  C  C2    . C   A 1 26 ? -9.606  -7.250  -18.469 1.00 102.51 ? 26  C   A C2    1 
ATOM   539  O  O2    . C   A 1 26 ? -8.940  -8.107  -19.080 1.00 102.83 ? 26  C   A O2    1 
ATOM   540  N  N3    . C   A 1 26 ? -10.119 -7.481  -17.236 1.00 102.84 ? 26  C   A N3    1 
ATOM   541  C  C4    . C   A 1 26 ? -10.826 -6.537  -16.609 1.00 100.48 ? 26  C   A C4    1 
ATOM   542  N  N4    . C   A 1 26 ? -11.308 -6.819  -15.396 1.00 100.17 ? 26  C   A N4    1 
ATOM   543  C  C5    . C   A 1 26 ? -11.073 -5.262  -17.201 1.00 98.41  ? 26  C   A C5    1 
ATOM   544  C  C6    . C   A 1 26 ? -10.561 -5.042  -18.419 1.00 98.55  ? 26  C   A C6    1 
ATOM   545  P  P     . G   A 1 27 ? -13.296 -5.829  -23.140 1.00 115.99 ? 27  G   A P     1 
ATOM   546  O  OP1   . G   A 1 27 ? -13.918 -4.983  -24.196 1.00 108.56 ? 27  G   A OP1   1 
ATOM   547  O  OP2   . G   A 1 27 ? -13.836 -5.746  -21.758 1.00 111.14 ? 27  G   A OP2   1 
ATOM   548  O  "O5'" . G   A 1 27 ? -13.349 -7.363  -23.590 1.00 111.06 ? 27  G   A "O5'" 1 
ATOM   549  C  "C5'" . G   A 1 27 ? -12.309 -8.273  -23.260 1.00 106.46 ? 27  G   A "C5'" 1 
ATOM   550  C  "C4'" . G   A 1 27 ? -12.817 -9.497  -22.537 1.00 107.27 ? 27  G   A "C4'" 1 
ATOM   551  O  "O4'" . G   A 1 27 ? -12.161 -9.620  -21.244 1.00 105.45 ? 27  G   A "O4'" 1 
ATOM   552  C  "C3'" . G   A 1 27 ? -14.298 -9.531  -22.187 1.00 112.65 ? 27  G   A "C3'" 1 
ATOM   553  O  "O3'" . G   A 1 27 ? -15.152 -9.821  -23.286 1.00 116.98 ? 27  G   A "O3'" 1 
ATOM   554  C  "C2'" . G   A 1 27 ? -14.334 -10.568 -21.068 1.00 111.49 ? 27  G   A "C2'" 1 
ATOM   555  O  "O2'" . G   A 1 27 ? -14.219 -11.887 -21.586 1.00 110.93 ? 27  G   A "O2'" 1 
ATOM   556  C  "C1'" . G   A 1 27 ? -13.045 -10.227 -20.316 1.00 107.72 ? 27  G   A "C1'" 1 
ATOM   557  N  N9    . G   A 1 27 ? -13.321 -9.286  -19.209 1.00 108.22 ? 27  G   A N9    1 
ATOM   558  C  C8    . G   A 1 27 ? -13.535 -7.930  -19.304 1.00 108.33 ? 27  G   A C8    1 
ATOM   559  N  N7    . G   A 1 27 ? -13.790 -7.355  -18.157 1.00 105.94 ? 27  G   A N7    1 
ATOM   560  C  C5    . G   A 1 27 ? -13.758 -8.397  -17.237 1.00 107.64 ? 27  G   A C5    1 
ATOM   561  C  C6    . G   A 1 27 ? -13.963 -8.385  -15.827 1.00 107.23 ? 27  G   A C6    1 
ATOM   562  O  O6    . G   A 1 27 ? -14.218 -7.428  -15.083 1.00 105.52 ? 27  G   A O6    1 
ATOM   563  N  N1    . G   A 1 27 ? -13.841 -9.660  -15.288 1.00 107.33 ? 27  G   A N1    1 
ATOM   564  C  C2    . G   A 1 27 ? -13.562 -10.799 -16.007 1.00 109.53 ? 27  G   A C2    1 
ATOM   565  N  N2    . G   A 1 27 ? -13.479 -11.935 -15.297 1.00 112.22 ? 27  G   A N2    1 
ATOM   566  N  N3    . G   A 1 27 ? -13.369 -10.825 -17.317 1.00 108.65 ? 27  G   A N3    1 
ATOM   567  C  C4    . G   A 1 27 ? -13.479 -9.596  -17.871 1.00 108.09 ? 27  G   A C4    1 
ATOM   568  P  P     . A   A 1 28 ? -16.598 -9.110  -23.405 1.00 122.64 ? 28  A   A P     1 
ATOM   569  O  OP1   . A   A 1 28 ? -17.303 -9.668  -24.587 1.00 120.51 ? 28  A   A OP1   1 
ATOM   570  O  OP2   . A   A 1 28 ? -16.452 -7.633  -23.286 1.00 118.40 ? 28  A   A OP2   1 
ATOM   571  O  "O5'" . A   A 1 28 ? -17.371 -9.604  -22.106 1.00 111.45 ? 28  A   A "O5'" 1 
ATOM   572  C  "C5'" . A   A 1 28 ? -18.298 -8.752  -21.448 1.00 107.23 ? 28  A   A "C5'" 1 
ATOM   573  C  "C4'" . A   A 1 28 ? -19.146 -9.525  -20.474 1.00 105.20 ? 28  A   A "C4'" 1 
ATOM   574  O  "O4'" . A   A 1 28 ? -20.321 -10.030 -21.167 1.00 105.41 ? 28  A   A "O4'" 1 
ATOM   575  C  "C3'" . A   A 1 28 ? -18.460 -10.733 -19.826 1.00 108.02 ? 28  A   A "C3'" 1 
ATOM   576  O  "O3'" . A   A 1 28 ? -18.733 -10.786 -18.423 1.00 108.06 ? 28  A   A "O3'" 1 
ATOM   577  C  "C2'" . A   A 1 28 ? -19.096 -11.937 -20.527 1.00 107.23 ? 28  A   A "C2'" 1 
ATOM   578  O  "O2'" . A   A 1 28 ? -19.189 -13.083 -19.708 1.00 109.12 ? 28  A   A "O2'" 1 
ATOM   579  C  "C1'" . A   A 1 28 ? -20.483 -11.410 -20.902 1.00 105.19 ? 28  A   A "C1'" 1 
ATOM   580  N  N9    . A   A 1 28 ? -21.115 -12.051 -22.075 1.00 106.11 ? 28  A   A N9    1 
ATOM   581  C  C8    . A   A 1 28 ? -22.474 -12.068 -22.331 1.00 99.44  ? 28  A   A C8    1 
ATOM   582  N  N7    . A   A 1 28 ? -22.826 -12.687 -23.433 1.00 103.37 ? 28  A   A N7    1 
ATOM   583  C  C5    . A   A 1 28 ? -21.614 -13.116 -23.968 1.00 110.11 ? 28  A   A C5    1 
ATOM   584  C  C6    . A   A 1 28 ? -21.303 -13.840 -25.143 1.00 107.57 ? 28  A   A C6    1 
ATOM   585  N  N6    . A   A 1 28 ? -22.215 -14.274 -26.019 1.00 105.76 ? 28  A   A N6    1 
ATOM   586  N  N1    . A   A 1 28 ? -20.004 -14.115 -25.399 1.00 109.69 ? 28  A   A N1    1 
ATOM   587  C  C2    . A   A 1 28 ? -19.079 -13.687 -24.530 1.00 110.13 ? 28  A   A C2    1 
ATOM   588  N  N3    . A   A 1 28 ? -19.242 -13.002 -23.398 1.00 111.11 ? 28  A   A N3    1 
ATOM   589  C  C4    . A   A 1 28 ? -20.547 -12.732 -23.153 1.00 111.38 ? 28  A   A C4    1 
ATOM   590  P  P     . A   A 1 29 ? -17.515 -10.965 -17.383 1.00 115.74 ? 29  A   A P     1 
ATOM   591  O  OP1   . A   A 1 29 ? -18.000 -10.685 -16.002 1.00 112.34 ? 29  A   A OP1   1 
ATOM   592  O  OP2   . A   A 1 29 ? -16.357 -10.209 -17.924 1.00 109.38 ? 29  A   A OP2   1 
ATOM   593  O  "O5'" . A   A 1 29 ? -17.168 -12.519 -17.457 1.00 114.71 ? 29  A   A "O5'" 1 
ATOM   594  C  "C5'" . A   A 1 29 ? -15.958 -13.014 -16.897 1.00 116.04 ? 29  A   A "C5'" 1 
ATOM   595  C  "C4'" . A   A 1 29 ? -16.155 -14.342 -16.215 1.00 117.35 ? 29  A   A "C4'" 1 
ATOM   596  O  "O4'" . A   A 1 29 ? -16.715 -15.253 -17.188 1.00 116.52 ? 29  A   A "O4'" 1 
ATOM   597  C  "C3'" . A   A 1 29 ? -14.873 -14.977 -15.695 1.00 119.72 ? 29  A   A "C3'" 1 
ATOM   598  O  "O3'" . A   A 1 29 ? -15.055 -15.584 -14.416 1.00 123.02 ? 29  A   A "O3'" 1 
ATOM   599  C  "C2'" . A   A 1 29 ? -14.497 -16.004 -16.764 1.00 120.13 ? 29  A   A "C2'" 1 
ATOM   600  O  "O2'" . A   A 1 29 ? -13.901 -17.186 -16.273 1.00 120.37 ? 29  A   A "O2'" 1 
ATOM   601  C  "C1'" . A   A 1 29 ? -15.818 -16.305 -17.479 1.00 118.62 ? 29  A   A "C1'" 1 
ATOM   602  N  N9    . A   A 1 29 ? -15.591 -16.281 -18.924 1.00 120.89 ? 29  A   A N9    1 
ATOM   603  C  C8    . A   A 1 29 ? -14.400 -16.681 -19.461 1.00 120.18 ? 29  A   A C8    1 
ATOM   604  N  N7    . A   A 1 29 ? -14.301 -16.580 -20.757 1.00 120.33 ? 29  A   A N7    1 
ATOM   605  C  C5    . A   A 1 29 ? -15.533 -16.058 -21.112 1.00 119.48 ? 29  A   A C5    1 
ATOM   606  C  C6    . A   A 1 29 ? -16.048 -15.725 -22.377 1.00 117.05 ? 29  A   A C6    1 
ATOM   607  N  N6    . A   A 1 29 ? -15.362 -15.878 -23.515 1.00 115.44 ? 29  A   A N6    1 
ATOM   608  N  N1    . A   A 1 29 ? -17.300 -15.229 -22.428 1.00 115.40 ? 29  A   A N1    1 
ATOM   609  C  C2    . A   A 1 29 ? -17.964 -15.096 -21.278 1.00 113.09 ? 29  A   A C2    1 
ATOM   610  N  N3    . A   A 1 29 ? -17.595 -15.360 -20.023 1.00 115.28 ? 29  A   A N3    1 
ATOM   611  C  C4    . A   A 1 29 ? -16.348 -15.858 -20.000 1.00 117.69 ? 29  A   A C4    1 
ATOM   612  P  P     . A   A 1 30 ? -14.203 -15.019 -13.165 1.00 132.22 ? 30  A   A P     1 
ATOM   613  O  OP1   . A   A 1 30 ? -15.158 -14.625 -12.096 1.00 128.70 ? 30  A   A OP1   1 
ATOM   614  O  OP2   . A   A 1 30 ? -13.198 -14.044 -13.677 1.00 120.19 ? 30  A   A OP2   1 
ATOM   615  O  "O5'" . A   A 1 30 ? -13.377 -16.275 -12.642 1.00 127.03 ? 30  A   A "O5'" 1 
ATOM   616  C  "C5'" . A   A 1 30 ? -13.496 -17.530 -13.287 1.00 124.40 ? 30  A   A "C5'" 1 
ATOM   617  C  "C4'" . A   A 1 30 ? -12.153 -18.129 -13.619 1.00 122.28 ? 30  A   A "C4'" 1 
ATOM   618  O  "O4'" . A   A 1 30 ? -12.289 -18.919 -14.832 1.00 122.66 ? 30  A   A "O4'" 1 
ATOM   619  C  "C3'" . A   A 1 30 ? -11.026 -17.165 -13.962 1.00 121.05 ? 30  A   A "C3'" 1 
ATOM   620  O  "O3'" . A   A 1 30 ? -10.463 -16.433 -12.862 1.00 122.18 ? 30  A   A "O3'" 1 
ATOM   621  C  "C2'" . A   A 1 30 ? -10.078 -18.053 -14.769 1.00 120.08 ? 30  A   A "C2'" 1 
ATOM   622  O  "O2'" . A   A 1 30 ? -9.347  -18.941 -13.938 1.00 118.59 ? 30  A   A "O2'" 1 
ATOM   623  C  "C1'" . A   A 1 30 ? -11.077 -18.892 -15.563 1.00 122.44 ? 30  A   A "C1'" 1 
ATOM   624  N  N9    . A   A 1 30 ? -11.317 -18.376 -16.931 1.00 123.87 ? 30  A   A N9    1 
ATOM   625  C  C8    . A   A 1 30 ? -11.791 -19.143 -17.969 1.00 123.63 ? 30  A   A C8    1 
ATOM   626  N  N7    . A   A 1 30 ? -11.921 -18.507 -19.105 1.00 122.90 ? 30  A   A N7    1 
ATOM   627  C  C5    . A   A 1 30 ? -11.495 -17.222 -18.814 1.00 123.16 ? 30  A   A C5    1 
ATOM   628  C  C6    . A   A 1 30 ? -11.405 -16.070 -19.622 1.00 120.32 ? 30  A   A C6    1 
ATOM   629  N  N6    . A   A 1 30 ? -11.747 -16.046 -20.912 1.00 117.47 ? 30  A   A N6    1 
ATOM   630  N  N1    . A   A 1 30 ? -10.956 -14.932 -19.059 1.00 118.30 ? 30  A   A N1    1 
ATOM   631  C  C2    . A   A 1 30 ? -10.623 -14.965 -17.765 1.00 116.47 ? 30  A   A C2    1 
ATOM   632  N  N3    . A   A 1 30 ? -10.666 -15.981 -16.903 1.00 117.12 ? 30  A   A N3    1 
ATOM   633  C  C4    . A   A 1 30 ? -11.119 -17.112 -17.482 1.00 122.35 ? 30  A   A C4    1 
ATOM   634  P  P     . G   A 1 31 ? -9.422  -17.054 -11.791 1.00 128.66 ? 31  G   A P     1 
ATOM   635  O  OP1   . G   A 1 31 ? -9.994  -18.309 -11.241 1.00 129.35 ? 31  G   A OP1   1 
ATOM   636  O  OP2   . G   A 1 31 ? -9.040  -15.969 -10.848 1.00 122.26 ? 31  G   A OP2   1 
ATOM   637  O  "O5'" . G   A 1 31 ? -8.114  -17.414 -12.635 1.00 121.66 ? 31  G   A "O5'" 1 
ATOM   638  C  "C5'" . G   A 1 31 ? -7.065  -16.474 -12.804 1.00 117.65 ? 31  G   A "C5'" 1 
ATOM   639  C  "C4'" . G   A 1 31 ? -6.828  -16.155 -14.261 1.00 117.89 ? 31  G   A "C4'" 1 
ATOM   640  O  "O4'" . G   A 1 31 ? -8.083  -15.789 -14.894 1.00 117.52 ? 31  G   A "O4'" 1 
ATOM   641  C  "C3'" . G   A 1 31 ? -5.915  -14.970 -14.524 1.00 115.95 ? 31  G   A "C3'" 1 
ATOM   642  O  "O3'" . G   A 1 31 ? -4.545  -15.313 -14.460 1.00 115.47 ? 31  G   A "O3'" 1 
ATOM   643  C  "C2'" . G   A 1 31 ? -6.368  -14.481 -15.896 1.00 114.21 ? 31  G   A "C2'" 1 
ATOM   644  O  "O2'" . G   A 1 31 ? -5.793  -15.272 -16.928 1.00 111.33 ? 31  G   A "O2'" 1 
ATOM   645  C  "C1'" . G   A 1 31 ? -7.873  -14.759 -15.838 1.00 115.39 ? 31  G   A "C1'" 1 
ATOM   646  N  N9    . G   A 1 31 ? -8.666  -13.584 -15.412 1.00 113.56 ? 31  G   A N9    1 
ATOM   647  C  C8    . G   A 1 31 ? -9.192  -13.411 -14.151 1.00 112.38 ? 31  G   A C8    1 
ATOM   648  N  N7    . G   A 1 31 ? -9.862  -12.301 -14.008 1.00 110.15 ? 31  G   A N7    1 
ATOM   649  C  C5    . G   A 1 31 ? -9.785  -11.697 -15.254 1.00 109.20 ? 31  G   A C5    1 
ATOM   650  C  C6    . G   A 1 31 ? -10.329 -10.461 -15.691 1.00 105.71 ? 31  G   A C6    1 
ATOM   651  O  O6    . G   A 1 31 ? -10.999 -9.648  -15.042 1.00 104.07 ? 31  G   A O6    1 
ATOM   652  N  N1    . G   A 1 31 ? -10.026 -10.209 -17.027 1.00 104.94 ? 31  G   A N1    1 
ATOM   653  C  C2    . G   A 1 31 ? -9.293  -11.035 -17.842 1.00 106.83 ? 31  G   A C2    1 
ATOM   654  N  N2    . G   A 1 31 ? -9.118  -10.600 -19.102 1.00 104.02 ? 31  G   A N2    1 
ATOM   655  N  N3    . G   A 1 31 ? -8.778  -12.194 -17.443 1.00 110.47 ? 31  G   A N3    1 
ATOM   656  C  C4    . G   A 1 31 ? -9.056  -12.469 -16.143 1.00 111.23 ? 31  G   A C4    1 
ATOM   657  P  P     . A   A 1 32 ? -3.546  -14.410 -13.589 1.00 118.35 ? 32  A   A P     1 
ATOM   658  O  OP1   . A   A 1 32 ? -2.362  -15.229 -13.219 1.00 115.44 ? 32  A   A OP1   1 
ATOM   659  O  OP2   . A   A 1 32 ? -4.354  -13.772 -12.520 1.00 114.62 ? 32  A   A OP2   1 
ATOM   660  O  "O5'" . A   A 1 32 ? -3.093  -13.266 -14.602 1.00 114.76 ? 32  A   A "O5'" 1 
ATOM   661  C  "C5'" . A   A 1 32 ? -2.612  -13.586 -15.901 1.00 112.61 ? 32  A   A "C5'" 1 
ATOM   662  C  "C4'" . A   A 1 32 ? -2.751  -12.416 -16.841 1.00 110.70 ? 32  A   A "C4'" 1 
ATOM   663  O  "O4'" . A   A 1 32 ? -4.158  -12.196 -17.141 1.00 110.05 ? 32  A   A "O4'" 1 
ATOM   664  C  "C3'" . A   A 1 32 ? -2.270  -11.075 -16.303 1.00 108.25 ? 32  A   A "C3'" 1 
ATOM   665  O  "O3'" . A   A 1 32 ? -0.866  -10.896 -16.411 1.00 109.57 ? 32  A   A "O3'" 1 
ATOM   666  C  "C2'" . A   A 1 32 ? -3.090  -10.082 -17.117 1.00 107.93 ? 32  A   A "C2'" 1 
ATOM   667  O  "O2'" . A   A 1 32 ? -2.561  -9.950  -18.430 1.00 105.31 ? 32  A   A "O2'" 1 
ATOM   668  C  "C1'" . A   A 1 32 ? -4.429  -10.811 -17.203 1.00 107.92 ? 32  A   A "C1'" 1 
ATOM   669  N  N9    . A   A 1 32 ? -5.308  -10.475 -16.062 1.00 108.86 ? 32  A   A N9    1 
ATOM   670  C  C8    . A   A 1 32 ? -5.453  -11.211 -14.907 1.00 108.28 ? 32  A   A C8    1 
ATOM   671  N  N7    . A   A 1 32 ? -6.292  -10.697 -14.043 1.00 105.14 ? 32  A   A N7    1 
ATOM   672  C  C5    . A   A 1 32 ? -6.738  -9.539  -14.664 1.00 102.27 ? 32  A   A C5    1 
ATOM   673  C  C6    . A   A 1 32 ? -7.650  -8.550  -14.254 1.00 100.10 ? 32  A   A C6    1 
ATOM   674  N  N6    . A   A 1 32 ? -8.291  -8.581  -13.081 1.00 98.33  ? 32  A   A N6    1 
ATOM   675  N  N1    . A   A 1 32 ? -7.881  -7.520  -15.098 1.00 97.91  ? 32  A   A N1    1 
ATOM   676  C  C2    . A   A 1 32 ? -7.225  -7.501  -16.269 1.00 98.73  ? 32  A   A C2    1 
ATOM   677  N  N3    . A   A 1 32 ? -6.352  -8.374  -16.770 1.00 101.27 ? 32  A   A N3    1 
ATOM   678  C  C4    . A   A 1 32 ? -6.144  -9.386  -15.909 1.00 103.39 ? 32  A   A C4    1 
ATOM   679  P  P     . G   A 1 33 ? -0.057  -10.090 -15.275 1.00 113.31 ? 33  G   A P     1 
ATOM   680  O  OP1   . G   A 1 33 ? 1.394   -10.389 -15.401 1.00 105.36 ? 33  G   A OP1   1 
ATOM   681  O  OP2   . G   A 1 33 ? -0.732  -10.333 -13.974 1.00 109.21 ? 33  G   A OP2   1 
ATOM   682  O  "O5'" . G   A 1 33 ? -0.268  -8.566  -15.688 1.00 108.02 ? 33  G   A "O5'" 1 
ATOM   683  C  "C5'" . G   A 1 33 ? -0.162  -8.160  -17.047 1.00 104.79 ? 33  G   A "C5'" 1 
ATOM   684  C  "C4'" . G   A 1 33 ? -0.910  -6.877  -17.295 1.00 103.85 ? 33  G   A "C4'" 1 
ATOM   685  O  "O4'" . G   A 1 33 ? -2.330  -7.081  -17.094 1.00 105.40 ? 33  G   A "O4'" 1 
ATOM   686  C  "C3'" . G   A 1 33 ? -0.561  -5.733  -16.359 1.00 103.12 ? 33  G   A "C3'" 1 
ATOM   687  O  "O3'" . G   A 1 33 ? 0.616   -5.058  -16.769 1.00 103.09 ? 33  G   A "O3'" 1 
ATOM   688  C  "C2'" . G   A 1 33 ? -1.814  -4.861  -16.386 1.00 100.60 ? 33  G   A "C2'" 1 
ATOM   689  O  "O2'" . G   A 1 33 ? -1.796  -3.980  -17.501 1.00 102.30 ? 33  G   A "O2'" 1 
ATOM   690  C  "C1'" . G   A 1 33 ? -2.923  -5.899  -16.600 1.00 101.48 ? 33  G   A "C1'" 1 
ATOM   691  N  N9    . G   A 1 33 ? -3.694  -6.208  -15.374 1.00 99.25  ? 33  G   A N9    1 
ATOM   692  C  C8    . G   A 1 33 ? -3.764  -7.420  -14.723 1.00 99.08  ? 33  G   A C8    1 
ATOM   693  N  N7    . G   A 1 33 ? -4.543  -7.403  -13.675 1.00 93.87  ? 33  G   A N7    1 
ATOM   694  C  C5    . G   A 1 33 ? -5.031  -6.104  -13.633 1.00 93.13  ? 33  G   A C5    1 
ATOM   695  C  C6    . G   A 1 33 ? -5.927  -5.487  -12.717 1.00 88.37  ? 33  G   A C6    1 
ATOM   696  O  O6    . G   A 1 33 ? -6.477  -5.987  -11.730 1.00 85.83  ? 33  G   A O6    1 
ATOM   697  N  N1    . G   A 1 33 ? -6.161  -4.153  -13.033 1.00 87.11  ? 33  G   A N1    1 
ATOM   698  C  C2    . G   A 1 33 ? -5.604  -3.487  -14.095 1.00 87.03  ? 33  G   A C2    1 
ATOM   699  N  N2    . G   A 1 33 ? -5.954  -2.196  -14.236 1.00 77.35  ? 33  G   A N2    1 
ATOM   700  N  N3    . G   A 1 33 ? -4.768  -4.051  -14.957 1.00 92.26  ? 33  G   A N3    1 
ATOM   701  C  C4    . G   A 1 33 ? -4.526  -5.353  -14.674 1.00 94.03  ? 33  G   A C4    1 
ATOM   702  P  P     . G   A 1 34 ? 1.891   -4.993  -15.795 1.00 100.71 ? 34  G   A P     1 
ATOM   703  O  OP1   . G   A 1 34 ? 3.107   -4.891  -16.645 1.00 105.56 ? 34  G   A OP1   1 
ATOM   704  O  OP2   . G   A 1 34 ? 1.759   -6.086  -14.792 1.00 95.89  ? 34  G   A OP2   1 
ATOM   705  O  "O5'" . G   A 1 34 ? 1.712   -3.603  -15.034 1.00 98.83  ? 34  G   A "O5'" 1 
ATOM   706  C  "C5'" . G   A 1 34 ? 0.963   -2.538  -15.616 1.00 96.59  ? 34  G   A "C5'" 1 
ATOM   707  C  "C4'" . G   A 1 34 ? 0.152   -1.791  -14.582 1.00 94.14  ? 34  G   A "C4'" 1 
ATOM   708  O  "O4'" . G   A 1 34 ? -0.921  -2.650  -14.088 1.00 93.64  ? 34  G   A "O4'" 1 
ATOM   709  C  "C3'" . G   A 1 34 ? 0.935   -1.331  -13.350 1.00 88.03  ? 34  G   A "C3'" 1 
ATOM   710  O  "O3'" . G   A 1 34 ? 0.409   -0.080  -12.897 1.00 86.13  ? 34  G   A "O3'" 1 
ATOM   711  C  "C2'" . G   A 1 34 ? 0.623   -2.429  -12.333 1.00 86.62  ? 34  G   A "C2'" 1 
ATOM   712  O  "O2'" . G   A 1 34 ? 0.771   -2.053  -10.981 1.00 81.40  ? 34  G   A "O2'" 1 
ATOM   713  C  "C1'" . G   A 1 34 ? -0.826  -2.769  -12.678 1.00 90.72  ? 34  G   A "C1'" 1 
ATOM   714  N  N9    . G   A 1 34 ? -1.227  -4.128  -12.279 1.00 93.58  ? 34  G   A N9    1 
ATOM   715  C  C8    . G   A 1 34 ? -0.569  -5.300  -12.586 1.00 94.54  ? 34  G   A C8    1 
ATOM   716  N  N7    . G   A 1 34 ? -1.139  -6.368  -12.087 1.00 93.60  ? 34  G   A N7    1 
ATOM   717  C  C5    . G   A 1 34 ? -2.242  -5.880  -11.395 1.00 92.09  ? 34  G   A C5    1 
ATOM   718  C  C6    . G   A 1 34 ? -3.242  -6.571  -10.649 1.00 90.47  ? 34  G   A C6    1 
ATOM   719  O  O6    . G   A 1 34 ? -3.349  -7.788  -10.442 1.00 92.23  ? 34  G   A O6    1 
ATOM   720  N  N1    . G   A 1 34 ? -4.184  -5.696  -10.108 1.00 85.37  ? 34  G   A N1    1 
ATOM   721  C  C2    . G   A 1 34 ? -4.173  -4.330  -10.265 1.00 82.61  ? 34  G   A C2    1 
ATOM   722  N  N2    . G   A 1 34 ? -5.173  -3.660  -9.667  1.00 73.90  ? 34  G   A N2    1 
ATOM   723  N  N3    . G   A 1 34 ? -3.250  -3.674  -10.963 1.00 87.59  ? 34  G   A N3    1 
ATOM   724  C  C4    . G   A 1 34 ? -2.314  -4.499  -11.500 1.00 92.01  ? 34  G   A C4    1 
ATOM   725  P  P     . U   A 1 35 ? 1.378   1.104   -12.384 1.00 86.46  ? 35  U   A P     1 
ATOM   726  O  OP1   . U   A 1 35 ? 1.833   1.898   -13.556 1.00 82.30  ? 35  U   A OP1   1 
ATOM   727  O  OP2   . U   A 1 35 ? 2.407   0.529   -11.473 1.00 84.13  ? 35  U   A OP2   1 
ATOM   728  O  "O5'" . U   A 1 35 ? 0.387   2.022   -11.531 1.00 76.02  ? 35  U   A "O5'" 1 
ATOM   729  C  "C5'" . U   A 1 35 ? 0.636   2.309   -10.160 1.00 68.29  ? 35  U   A "C5'" 1 
ATOM   730  C  "C4'" . U   A 1 35 ? -0.407  1.695   -9.256  1.00 64.73  ? 35  U   A "C4'" 1 
ATOM   731  O  "O4'" . U   A 1 35 ? -1.738  2.110   -9.690  1.00 71.10  ? 35  U   A "O4'" 1 
ATOM   732  C  "C3'" . U   A 1 35 ? -0.423  0.169   -9.226  1.00 67.23  ? 35  U   A "C3'" 1 
ATOM   733  O  "O3'" . U   A 1 35 ? -0.726  -0.285  -7.907  1.00 66.66  ? 35  U   A "O3'" 1 
ATOM   734  C  "C2'" . U   A 1 35 ? -1.569  -0.180  -10.173 1.00 70.26  ? 35  U   A "C2'" 1 
ATOM   735  O  "O2'" . U   A 1 35 ? -2.178  -1.427  -9.927  1.00 70.95  ? 35  U   A "O2'" 1 
ATOM   736  C  "C1'" . U   A 1 35 ? -2.540  0.970   -9.937  1.00 67.53  ? 35  U   A "C1'" 1 
ATOM   737  N  N1    . U   A 1 35 ? -3.398  1.242   -11.097 1.00 65.82  ? 35  U   A N1    1 
ATOM   738  C  C2    . U   A 1 35 ? -4.690  0.780   -11.038 1.00 63.09  ? 35  U   A C2    1 
ATOM   739  O  O2    . U   A 1 35 ? -5.122  0.180   -10.070 1.00 62.71  ? 35  U   A O2    1 
ATOM   740  N  N3    . U   A 1 35 ? -5.447  1.043   -12.148 1.00 64.24  ? 35  U   A N3    1 
ATOM   741  C  C4    . U   A 1 35 ? -5.034  1.707   -13.285 1.00 65.57  ? 35  U   A C4    1 
ATOM   742  O  O4    . U   A 1 35 ? -5.832  1.869   -14.206 1.00 71.62  ? 35  U   A O4    1 
ATOM   743  C  C5    . U   A 1 35 ? -3.676  2.150   -13.273 1.00 66.85  ? 35  U   A C5    1 
ATOM   744  C  C6    . U   A 1 35 ? -2.915  1.903   -12.202 1.00 69.88  ? 35  U   A C6    1 
ATOM   745  P  P     . G   A 1 36 ? 0.469   -0.591  -6.873  1.00 61.03  ? 36  G   A P     1 
ATOM   746  O  OP1   . G   A 1 36 ? 1.628   -1.127  -7.627  1.00 64.98  ? 36  G   A OP1   1 
ATOM   747  O  OP2   . G   A 1 36 ? -0.095  -1.335  -5.714  1.00 54.54  ? 36  G   A OP2   1 
ATOM   748  O  "O5'" . G   A 1 36 ? 0.875   0.847   -6.339  1.00 58.53  ? 36  G   A "O5'" 1 
ATOM   749  C  "C5'" . G   A 1 36 ? -0.012  1.573   -5.510  1.00 56.05  ? 36  G   A "C5'" 1 
ATOM   750  C  "C4'" . G   A 1 36 ? 0.371   3.024   -5.437  1.00 53.43  ? 36  G   A "C4'" 1 
ATOM   751  O  "O4'" . G   A 1 36 ? 0.565   3.543   -6.768  1.00 49.40  ? 36  G   A "O4'" 1 
ATOM   752  C  "C3'" . G   A 1 36 ? -0.682  3.919   -4.811  1.00 50.97  ? 36  G   A "C3'" 1 
ATOM   753  O  "O3'" . G   A 1 36 ? -0.492  4.034   -3.411  1.00 45.13  ? 36  G   A "O3'" 1 
ATOM   754  C  "C2'" . G   A 1 36 ? -0.522  5.267   -5.526  1.00 49.04  ? 36  G   A "C2'" 1 
ATOM   755  O  "O2'" . G   A 1 36 ? 0.268   6.147   -4.748  1.00 48.86  ? 36  G   A "O2'" 1 
ATOM   756  C  "C1'" . G   A 1 36 ? 0.219   4.902   -6.819  1.00 54.14  ? 36  G   A "C1'" 1 
ATOM   757  N  N9    . G   A 1 36 ? -0.557  5.131   -8.049  1.00 57.64  ? 36  G   A N9    1 
ATOM   758  C  C8    . G   A 1 36 ? -0.058  5.689   -9.205  1.00 58.88  ? 36  G   A C8    1 
ATOM   759  N  N7    . G   A 1 36 ? -0.938  5.742   -10.166 1.00 61.13  ? 36  G   A N7    1 
ATOM   760  C  C5    . G   A 1 36 ? -2.077  5.172   -9.610  1.00 59.55  ? 36  G   A C5    1 
ATOM   761  C  C6    . G   A 1 36 ? -3.363  4.954   -10.169 1.00 60.80  ? 36  G   A C6    1 
ATOM   762  O  O6    . G   A 1 36 ? -3.738  5.236   -11.308 1.00 63.14  ? 36  G   A O6    1 
ATOM   763  N  N1    . G   A 1 36 ? -4.247  4.349   -9.271  1.00 55.42  ? 36  G   A N1    1 
ATOM   764  C  C2    . G   A 1 36 ? -3.923  3.998   -7.984  1.00 55.88  ? 36  G   A C2    1 
ATOM   765  N  N2    . G   A 1 36 ? -4.897  3.417   -7.256  1.00 51.15  ? 36  G   A N2    1 
ATOM   766  N  N3    . G   A 1 36 ? -2.722  4.189   -7.454  1.00 54.07  ? 36  G   A N3    1 
ATOM   767  C  C4    . G   A 1 36 ? -1.858  4.782   -8.308  1.00 55.98  ? 36  G   A C4    1 
ATOM   768  P  P     . G   A 1 37 ? -1.353  3.168   -2.364  1.00 52.56  ? 37  G   A P     1 
ATOM   769  O  OP1   . G   A 1 37 ? -1.116  3.774   -1.027  1.00 50.31  ? 37  G   A OP1   1 
ATOM   770  O  OP2   . G   A 1 37 ? -1.066  1.723   -2.542  1.00 58.53  ? 37  G   A OP2   1 
ATOM   771  O  "O5'" . G   A 1 37 ? -2.871  3.444   -2.798  1.00 48.10  ? 37  G   A "O5'" 1 
ATOM   772  C  "C5'" . G   A 1 37 ? -3.362  4.768   -2.934  1.00 48.77  ? 37  G   A "C5'" 1 
ATOM   773  C  "C4'" . G   A 1 37 ? -4.866  4.752   -2.975  1.00 43.53  ? 37  G   A "C4'" 1 
ATOM   774  O  "O4'" . G   A 1 37 ? -5.305  3.976   -4.123  1.00 43.66  ? 37  G   A "O4'" 1 
ATOM   775  C  "C3'" . G   A 1 37 ? -5.501  4.056   -1.791  1.00 43.66  ? 37  G   A "C3'" 1 
ATOM   776  O  "O3'" . G   A 1 37 ? -5.615  4.922   -0.674  1.00 42.83  ? 37  G   A "O3'" 1 
ATOM   777  C  "C2'" . G   A 1 37 ? -6.834  3.579   -2.358  1.00 45.58  ? 37  G   A "C2'" 1 
ATOM   778  O  "O2'" . G   A 1 37 ? -7.719  4.672   -2.460  1.00 37.79  ? 37  G   A "O2'" 1 
ATOM   779  C  "C1'" . G   A 1 37 ? -6.430  3.193   -3.775  1.00 44.13  ? 37  G   A "C1'" 1 
ATOM   780  N  N9    . G   A 1 37 ? -6.063  1.772   -3.901  1.00 44.15  ? 37  G   A N9    1 
ATOM   781  C  C8    . G   A 1 37 ? -4.826  1.284   -4.259  1.00 44.04  ? 37  G   A C8    1 
ATOM   782  N  N7    . G   A 1 37 ? -4.800  -0.019  -4.309  1.00 45.42  ? 37  G   A N7    1 
ATOM   783  C  C5    . G   A 1 37 ? -6.102  -0.408  -3.986  1.00 46.15  ? 37  G   A C5    1 
ATOM   784  C  C6    . G   A 1 37 ? -6.662  -1.703  -3.889  1.00 43.53  ? 37  G   A C6    1 
ATOM   785  O  O6    . G   A 1 37 ? -6.094  -2.778  -4.084  1.00 42.41  ? 37  G   A O6    1 
ATOM   786  N  N1    . G   A 1 37 ? -8.014  -1.673  -3.541  1.00 41.93  ? 37  G   A N1    1 
ATOM   787  C  C2    . G   A 1 37 ? -8.731  -0.514  -3.299  1.00 45.90  ? 37  G   A C2    1 
ATOM   788  N  N2    . G   A 1 37 ? -10.024 -0.685  -2.984  1.00 38.99  ? 37  G   A N2    1 
ATOM   789  N  N3    . G   A 1 37 ? -8.218  0.708   -3.384  1.00 42.01  ? 37  G   A N3    1 
ATOM   790  C  C4    . G   A 1 37 ? -6.903  0.682   -3.739  1.00 45.69  ? 37  G   A C4    1 
ATOM   791  P  P     . C   A 1 38 ? -5.441  4.367   0.824   1.00 49.25  ? 38  C   A P     1 
ATOM   792  O  OP1   . C   A 1 38 ? -5.333  5.543   1.729   1.00 57.95  ? 38  C   A OP1   1 
ATOM   793  O  OP2   . C   A 1 38 ? -4.431  3.281   0.821   1.00 46.27  ? 38  C   A OP2   1 
ATOM   794  O  "O5'" . C   A 1 38 ? -6.819  3.624   1.146   1.00 49.62  ? 38  C   A "O5'" 1 
ATOM   795  C  "C5'" . C   A 1 38 ? -8.068  4.293   1.061   1.00 52.11  ? 38  C   A "C5'" 1 
ATOM   796  C  "C4'" . C   A 1 38 ? -9.182  3.344   1.407   1.00 41.37  ? 38  C   A "C4'" 1 
ATOM   797  O  "O4'" . C   A 1 38 ? -9.363  2.413   0.311   1.00 41.38  ? 38  C   A "O4'" 1 
ATOM   798  C  "C3'" . C   A 1 38 ? -8.907  2.446   2.597   1.00 45.64  ? 38  C   A "C3'" 1 
ATOM   799  O  "O3'" . C   A 1 38 ? -9.168  3.074   3.838   1.00 45.96  ? 38  C   A "O3'" 1 
ATOM   800  C  "C2'" . C   A 1 38 ? -9.809  1.265   2.327   1.00 43.70  ? 38  C   A "C2'" 1 
ATOM   801  O  "O2'" . C   A 1 38 ? -11.155 1.653   2.588   1.00 49.38  ? 38  C   A "O2'" 1 
ATOM   802  C  "C1'" . C   A 1 38 ? -9.651  1.128   0.819   1.00 42.21  ? 38  C   A "C1'" 1 
ATOM   803  N  N1    . C   A 1 38 ? -8.568  0.202   0.393   1.00 41.57  ? 38  C   A N1    1 
ATOM   804  C  C2    . C   A 1 38 ? -8.814  -1.178  0.393   1.00 43.82  ? 38  C   A C2    1 
ATOM   805  O  O2    . C   A 1 38 ? -9.896  -1.618  0.813   1.00 42.84  ? 38  C   A O2    1 
ATOM   806  N  N3    . C   A 1 38 ? -7.864  -2.031  -0.038  1.00 40.12  ? 38  C   A N3    1 
ATOM   807  C  C4    . C   A 1 38 ? -6.694  -1.581  -0.479  1.00 44.23  ? 38  C   A C4    1 
ATOM   808  N  N4    . C   A 1 38 ? -5.829  -2.522  -0.891  1.00 42.55  ? 38  C   A N4    1 
ATOM   809  C  C5    . C   A 1 38 ? -6.399  -0.183  -0.519  1.00 43.87  ? 38  C   A C5    1 
ATOM   810  C  C6    . C   A 1 38 ? -7.359  0.665   -0.079  1.00 45.50  ? 38  C   A C6    1 
ATOM   811  P  P     . C   A 1 39 ? -8.213  2.763   5.086   1.00 53.79  ? 39  C   A P     1 
ATOM   812  O  OP1   . C   A 1 39 ? -8.583  3.724   6.161   1.00 58.23  ? 39  C   A OP1   1 
ATOM   813  O  OP2   . C   A 1 39 ? -6.821  2.689   4.618   1.00 49.88  ? 39  C   A OP2   1 
ATOM   814  O  "O5'" . C   A 1 39 ? -8.694  1.323   5.572   1.00 49.69  ? 39  C   A "O5'" 1 
ATOM   815  C  "C5'" . C   A 1 39 ? -10.069 1.127   5.923   1.00 46.74  ? 39  C   A "C5'" 1 
ATOM   816  C  "C4'" . C   A 1 39 ? -10.392 -0.331  6.134   1.00 44.29  ? 39  C   A "C4'" 1 
ATOM   817  O  "O4'" . C   A 1 39 ? -10.396 -1.025  4.854   1.00 43.52  ? 39  C   A "O4'" 1 
ATOM   818  C  "C3'" . C   A 1 39 ? -9.382  -1.106  6.966   1.00 46.03  ? 39  C   A "C3'" 1 
ATOM   819  O  "O3'" . C   A 1 39 ? -9.529  -0.906  8.362   1.00 46.71  ? 39  C   A "O3'" 1 
ATOM   820  C  "C2'" . C   A 1 39 ? -9.625  -2.540  6.519   1.00 46.27  ? 39  C   A "C2'" 1 
ATOM   821  O  "O2'" . C   A 1 39 ? -10.794 -3.064  7.139   1.00 40.04  ? 39  C   A "O2'" 1 
ATOM   822  C  "C1'" . C   A 1 39 ? -9.898  -2.341  5.023   1.00 43.53  ? 39  C   A "C1'" 1 
ATOM   823  N  N1    . C   A 1 39 ? -8.653  -2.499  4.220   1.00 42.76  ? 39  C   A N1    1 
ATOM   824  C  C2    . C   A 1 39 ? -8.213  -3.797  3.905   1.00 44.58  ? 39  C   A C2    1 
ATOM   825  O  O2    . C   A 1 39 ? -8.862  -4.779  4.281   1.00 44.51  ? 39  C   A O2    1 
ATOM   826  N  N3    . C   A 1 39 ? -7.075  -3.984  3.194   1.00 43.36  ? 39  C   A N3    1 
ATOM   827  C  C4    . C   A 1 39 ? -6.344  -2.949  2.798   1.00 44.83  ? 39  C   A C4    1 
ATOM   828  N  N4    . C   A 1 39 ? -5.236  -3.234  2.106   1.00 43.58  ? 39  C   A N4    1 
ATOM   829  C  C5    . C   A 1 39 ? -6.747  -1.610  3.091   1.00 47.88  ? 39  C   A C5    1 
ATOM   830  C  C6    . C   A 1 39 ? -7.889  -1.430  3.797   1.00 43.04  ? 39  C   A C6    1 
ATOM   831  P  P     . G   A 1 40 ? -8.224  -0.805  9.298   1.00 53.70  ? 40  G   A P     1 
ATOM   832  O  OP1   . G   A 1 40 ? -8.656  -0.398  10.659  1.00 53.07  ? 40  G   A OP1   1 
ATOM   833  O  OP2   . G   A 1 40 ? -7.215  -0.008  8.566   1.00 49.03  ? 40  G   A OP2   1 
ATOM   834  O  "O5'" . G   A 1 40 ? -7.703  -2.313  9.380   1.00 44.66  ? 40  G   A "O5'" 1 
ATOM   835  C  "C5'" . G   A 1 40 ? -8.475  -3.309  10.044  1.00 45.21  ? 40  G   A "C5'" 1 
ATOM   836  C  "C4'" . G   A 1 40 ? -7.995  -4.698  9.712   1.00 36.48  ? 40  G   A "C4'" 1 
ATOM   837  O  "O4'" . G   A 1 40 ? -8.155  -4.952  8.286   1.00 44.60  ? 40  G   A "O4'" 1 
ATOM   838  C  "C3'" . G   A 1 40 ? -6.518  -4.967  9.942   1.00 41.47  ? 40  G   A "C3'" 1 
ATOM   839  O  "O3'" . G   A 1 40 ? -6.183  -5.162  11.308  1.00 41.21  ? 40  G   A "O3'" 1 
ATOM   840  C  "C2'" . G   A 1 40 ? -6.291  -6.192  9.076   1.00 38.21  ? 40  G   A "C2'" 1 
ATOM   841  O  "O2'" . G   A 1 40 ? -6.889  -7.334  9.677   1.00 42.00  ? 40  G   A "O2'" 1 
ATOM   842  C  "C1'" . G   A 1 40 ? -7.121  -5.825  7.844   1.00 42.31  ? 40  G   A "C1'" 1 
ATOM   843  N  N9    . G   A 1 40 ? -6.246  -5.159  6.868   1.00 38.23  ? 40  G   A N9    1 
ATOM   844  C  C8    . G   A 1 40 ? -5.989  -3.829  6.657   1.00 40.28  ? 40  G   A C8    1 
ATOM   845  N  N7    . G   A 1 40 ? -5.047  -3.638  5.758   1.00 46.04  ? 40  G   A N7    1 
ATOM   846  C  C5    . G   A 1 40 ? -4.649  -4.914  5.360   1.00 38.56  ? 40  G   A C5    1 
ATOM   847  C  C6    . G   A 1 40 ? -3.670  -5.352  4.410   1.00 44.46  ? 40  G   A C6    1 
ATOM   848  O  O6    . G   A 1 40 ? -2.920  -4.682  3.676   1.00 43.55  ? 40  G   A O6    1 
ATOM   849  N  N1    . G   A 1 40 ? -3.611  -6.743  4.326   1.00 39.40  ? 40  G   A N1    1 
ATOM   850  C  C2    . G   A 1 40 ? -4.380  -7.607  5.078   1.00 39.46  ? 40  G   A C2    1 
ATOM   851  N  N2    . G   A 1 40 ? -4.173  -8.924  4.908   1.00 37.80  ? 40  G   A N2    1 
ATOM   852  N  N3    . G   A 1 40 ? -5.271  -7.208  5.967   1.00 43.64  ? 40  G   A N3    1 
ATOM   853  C  C4    . G   A 1 40 ? -5.367  -5.857  6.049   1.00 41.91  ? 40  G   A C4    1 
ATOM   854  P  P     . G   A 1 41 ? -4.668  -4.972  11.795  1.00 46.13  ? 41  G   A P     1 
ATOM   855  O  OP1   . G   A 1 41 ? -4.725  -5.020  13.280  1.00 46.08  ? 41  G   A OP1   1 
ATOM   856  O  OP2   . G   A 1 41 ? -4.063  -3.821  11.082  1.00 43.79  ? 41  G   A OP2   1 
ATOM   857  O  "O5'" . G   A 1 41 ? -3.945  -6.289  11.275  1.00 43.22  ? 41  G   A "O5'" 1 
ATOM   858  C  "C5'" . G   A 1 41 ? -4.345  -7.560  11.767  1.00 39.63  ? 41  G   A "C5'" 1 
ATOM   859  C  "C4'" . G   A 1 41 ? -3.486  -8.663  11.194  1.00 42.03  ? 41  G   A "C4'" 1 
ATOM   860  O  "O4'" . G   A 1 41 ? -3.736  -8.818  9.772   1.00 43.59  ? 41  G   A "O4'" 1 
ATOM   861  C  "C3'" . G   A 1 41 ? -1.976  -8.471  11.248  1.00 45.90  ? 41  G   A "C3'" 1 
ATOM   862  O  "O3'" . G   A 1 41 ? -1.433  -8.659  12.541  1.00 47.34  ? 41  G   A "O3'" 1 
ATOM   863  C  "C2'" . G   A 1 41 ? -1.517  -9.512  10.234  1.00 45.21  ? 41  G   A "C2'" 1 
ATOM   864  O  "O2'" . G   A 1 41 ? -1.726  -10.811 10.774  1.00 45.12  ? 41  G   A "O2'" 1 
ATOM   865  C  "C1'" . G   A 1 41 ? -2.567  -9.321  9.140   1.00 42.57  ? 41  G   A "C1'" 1 
ATOM   866  N  N9    . G   A 1 41 ? -2.117  -8.364  8.111   1.00 41.56  ? 41  G   A N9    1 
ATOM   867  C  C8    . G   A 1 41 ? -2.494  -7.042  7.999   1.00 38.89  ? 41  G   A C8    1 
ATOM   868  N  N7    . G   A 1 41 ? -1.925  -6.433  6.996   1.00 39.39  ? 41  G   A N7    1 
ATOM   869  C  C5    . G   A 1 41 ? -1.111  -7.406  6.409   1.00 43.17  ? 41  G   A C5    1 
ATOM   870  C  C6    . G   A 1 41 ? -0.241  -7.328  5.288   1.00 40.66  ? 41  G   A C6    1 
ATOM   871  O  O6    . G   A 1 41 ? -0.007  -6.362  4.551   1.00 41.27  ? 41  G   A O6    1 
ATOM   872  N  N1    . G   A 1 41 ? 0.383   -8.542  5.024   1.00 39.22  ? 41  G   A N1    1 
ATOM   873  C  C2    . G   A 1 41 ? 0.200   -9.691  5.758   1.00 43.74  ? 41  G   A C2    1 
ATOM   874  N  N2    . G   A 1 41 ? 0.908   -10.762 5.362   1.00 47.80  ? 41  G   A N2    1 
ATOM   875  N  N3    . G   A 1 41 ? -0.592  -9.777  6.817   1.00 42.08  ? 41  G   A N3    1 
ATOM   876  C  C4    . G   A 1 41 ? -1.216  -8.605  7.087   1.00 42.89  ? 41  G   A C4    1 
ATOM   877  P  P     . A   A 1 42 ? -0.093  -7.885  12.994  1.00 46.90  ? 42  A   A P     1 
ATOM   878  O  OP1   . A   A 1 42 ? 0.107   -8.227  14.427  1.00 50.90  ? 42  A   A OP1   1 
ATOM   879  O  OP2   . A   A 1 42 ? -0.098  -6.470  12.583  1.00 41.15  ? 42  A   A OP2   1 
ATOM   880  O  "O5'" . A   A 1 42 ? 1.057   -8.566  12.140  1.00 47.31  ? 42  A   A "O5'" 1 
ATOM   881  C  "C5'" . A   A 1 42 ? 1.356   -9.945  12.275  1.00 48.39  ? 42  A   A "C5'" 1 
ATOM   882  C  "C4'" . A   A 1 42 ? 2.310   -10.394 11.195  1.00 42.61  ? 42  A   A "C4'" 1 
ATOM   883  O  "O4'" . A   A 1 42 ? 1.715   -10.178 9.889   1.00 46.54  ? 42  A   A "O4'" 1 
ATOM   884  C  "C3'" . A   A 1 42 ? 3.632   -9.651  11.115  1.00 48.36  ? 42  A   A "C3'" 1 
ATOM   885  O  "O3'" . A   A 1 42 ? 4.557   -10.097 12.096  1.00 44.41  ? 42  A   A "O3'" 1 
ATOM   886  C  "C2'" . A   A 1 42 ? 4.068   -9.932  9.682   1.00 45.60  ? 42  A   A "C2'" 1 
ATOM   887  O  "O2'" . A   A 1 42 ? 4.555   -11.261 9.576   1.00 43.68  ? 42  A   A "O2'" 1 
ATOM   888  C  "C1'" . A   A 1 42 ? 2.722   -9.870  8.950   1.00 42.71  ? 42  A   A "C1'" 1 
ATOM   889  N  N9    . A   A 1 42 ? 2.452   -8.523  8.421   1.00 39.93  ? 42  A   A N9    1 
ATOM   890  C  C8    . A   A 1 42 ? 1.670   -7.556  8.990   1.00 40.62  ? 42  A   A C8    1 
ATOM   891  N  N7    . A   A 1 42 ? 1.645   -6.442  8.291   1.00 43.31  ? 42  A   A N7    1 
ATOM   892  C  C5    . A   A 1 42 ? 2.466   -6.683  7.209   1.00 41.43  ? 42  A   A C5    1 
ATOM   893  C  C6    . A   A 1 42 ? 2.836   -5.893  6.115   1.00 41.26  ? 42  A   A C6    1 
ATOM   894  N  N6    . A   A 1 42 ? 2.405   -4.643  5.942   1.00 38.43  ? 42  A   A N6    1 
ATOM   895  N  N1    . A   A 1 42 ? 3.687   -6.431  5.207   1.00 44.56  ? 42  A   A N1    1 
ATOM   896  C  C2    . A   A 1 42 ? 4.110   -7.685  5.397   1.00 44.31  ? 42  A   A C2    1 
ATOM   897  N  N3    . A   A 1 42 ? 3.828   -8.527  6.393   1.00 45.93  ? 42  A   A N3    1 
ATOM   898  C  C4    . A   A 1 42 ? 2.986   -7.959  7.275   1.00 44.50  ? 42  A   A C4    1 
ATOM   899  P  P     . C   A 1 43 ? 5.539   -9.060  12.826  1.00 49.97  ? 43  C   A P     1 
ATOM   900  O  OP1   . C   A 1 43 ? 6.077   -9.678  14.066  1.00 61.21  ? 43  C   A OP1   1 
ATOM   901  O  OP2   . C   A 1 43 ? 4.977   -7.684  12.863  1.00 50.33  ? 43  C   A OP2   1 
ATOM   902  O  "O5'" . C   A 1 43 ? 6.770   -9.062  11.851  1.00 50.70  ? 43  C   A "O5'" 1 
ATOM   903  C  "C5'" . C   A 1 43 ? 6.887   -8.021  10.943  1.00 47.49  ? 43  C   A "C5'" 1 
ATOM   904  C  "C4'" . C   A 1 43 ? 7.840   -8.329  9.824   1.00 47.74  ? 43  C   A "C4'" 1 
ATOM   905  O  "O4'" . C   A 1 43 ? 7.055   -8.415  8.590   1.00 46.43  ? 43  C   A "O4'" 1 
ATOM   906  C  "C3'" . C   A 1 43 ? 8.790   -7.163  9.614   1.00 46.94  ? 43  C   A "C3'" 1 
ATOM   907  O  "O3'" . C   A 1 43 ? 9.998   -7.297  10.347  1.00 50.46  ? 43  C   A "O3'" 1 
ATOM   908  C  "C2'" . C   A 1 43 ? 8.917   -7.063  8.103   1.00 47.32  ? 43  C   A "C2'" 1 
ATOM   909  O  "O2'" . C   A 1 43 ? 9.832   -8.027  7.617   1.00 45.50  ? 43  C   A "O2'" 1 
ATOM   910  C  "C1'" . C   A 1 43 ? 7.500   -7.456  7.668   1.00 45.56  ? 43  C   A "C1'" 1 
ATOM   911  N  N1    . C   A 1 43 ? 6.582   -6.285  7.762   1.00 42.62  ? 43  C   A N1    1 
ATOM   912  C  C2    . C   A 1 43 ? 6.597   -5.304  6.781   1.00 46.57  ? 43  C   A C2    1 
ATOM   913  O  O2    . C   A 1 43 ? 7.355   -5.446  5.817   1.00 45.25  ? 43  C   A O2    1 
ATOM   914  N  N3    . C   A 1 43 ? 5.770   -4.225  6.905   1.00 46.14  ? 43  C   A N3    1 
ATOM   915  C  C4    . C   A 1 43 ? 4.966   -4.087  7.960   1.00 43.34  ? 43  C   A C4    1 
ATOM   916  N  N4    . C   A 1 43 ? 4.181   -3.015  8.041   1.00 46.40  ? 43  C   A N4    1 
ATOM   917  C  C5    . C   A 1 43 ? 4.920   -5.057  8.989   1.00 47.06  ? 43  C   A C5    1 
ATOM   918  C  C6    . C   A 1 43 ? 5.716   -6.115  8.818   1.00 42.43  ? 43  C   A C6    1 
ATOM   919  P  P     . U   A 1 44 ? 10.459  -6.106  11.324  1.00 57.84  ? 44  U   A P     1 
ATOM   920  O  OP1   . U   A 1 44 ? 11.638  -6.561  12.110  1.00 60.83  ? 44  U   A OP1   1 
ATOM   921  O  OP2   . U   A 1 44 ? 9.254   -5.650  12.065  1.00 55.63  ? 44  U   A OP2   1 
ATOM   922  O  "O5'" . U   A 1 44 ? 10.907  -4.962  10.306  1.00 49.57  ? 44  U   A "O5'" 1 
ATOM   923  C  "C5'" . U   A 1 44 ? 11.837  -5.269  9.271   1.00 54.06  ? 44  U   A "C5'" 1 
ATOM   924  C  "C4'" . U   A 1 44 ? 12.182  -4.066  8.432   1.00 56.01  ? 44  U   A "C4'" 1 
ATOM   925  O  "O4'" . U   A 1 44 ? 11.136  -3.814  7.459   1.00 53.05  ? 44  U   A "O4'" 1 
ATOM   926  C  "C3'" . U   A 1 44 ? 12.317  -2.739  9.161   1.00 57.66  ? 44  U   A "C3'" 1 
ATOM   927  O  "O3'" . U   A 1 44 ? 13.551  -2.590  9.850   1.00 59.37  ? 44  U   A "O3'" 1 
ATOM   928  C  "C2'" . U   A 1 44 ? 12.138  -1.743  8.029   1.00 53.05  ? 44  U   A "C2'" 1 
ATOM   929  O  "O2'" . U   A 1 44 ? 13.303  -1.709  7.228   1.00 53.46  ? 44  U   A "O2'" 1 
ATOM   930  C  "C1'" . U   A 1 44 ? 11.044  -2.425  7.212   1.00 51.93  ? 44  U   A "C1'" 1 
ATOM   931  N  N1    . U   A 1 44 ? 9.706   -1.946  7.616   1.00 48.70  ? 44  U   A N1    1 
ATOM   932  C  C2    . U   A 1 44 ? 9.339   -0.713  7.115   1.00 52.18  ? 44  U   A C2    1 
ATOM   933  O  O2    . U   A 1 44 ? 10.057  -0.052  6.378   1.00 53.36  ? 44  U   A O2    1 
ATOM   934  N  N3    . U   A 1 44 ? 8.099   -0.282  7.500   1.00 52.34  ? 44  U   A N3    1 
ATOM   935  C  C4    . U   A 1 44 ? 7.219   -0.944  8.331   1.00 48.93  ? 44  U   A C4    1 
ATOM   936  O  O4    . U   A 1 44 ? 6.149   -0.403  8.591   1.00 49.63  ? 44  U   A O4    1 
ATOM   937  C  C5    . U   A 1 44 ? 7.677   -2.207  8.829   1.00 50.95  ? 44  U   A C5    1 
ATOM   938  C  C6    . U   A 1 44 ? 8.887   -2.664  8.462   1.00 48.24  ? 44  U   A C6    1 
ATOM   939  P  P     . G   A 1 45 ? 13.595  -1.799  11.250  1.00 66.54  ? 45  G   A P     1 
ATOM   940  O  OP1   . G   A 1 45 ? 14.980  -1.947  11.768  1.00 77.08  ? 45  G   A OP1   1 
ATOM   941  O  OP2   . G   A 1 45 ? 12.450  -2.232  12.098  1.00 61.45  ? 45  G   A OP2   1 
ATOM   942  O  "O5'" . G   A 1 45 ? 13.311  -0.278  10.866  1.00 57.09  ? 45  G   A "O5'" 1 
ATOM   943  C  "C5'" . G   A 1 45 ? 14.256  0.481   10.128  1.00 63.42  ? 45  G   A "C5'" 1 
ATOM   944  C  "C4'" . G   A 1 45 ? 13.667  1.746   9.540   1.00 62.23  ? 45  G   A "C4'" 1 
ATOM   945  O  "O4'" . G   A 1 45 ? 12.496  1.441   8.729   1.00 64.51  ? 45  G   A "O4'" 1 
ATOM   946  C  "C3'" . G   A 1 45 ? 13.160  2.826   10.489  1.00 65.63  ? 45  G   A "C3'" 1 
ATOM   947  O  "O3'" . G   A 1 45 ? 14.181  3.593   11.120  1.00 74.56  ? 45  G   A "O3'" 1 
ATOM   948  C  "C2'" . G   A 1 45 ? 12.295  3.656   9.555   1.00 66.29  ? 45  G   A "C2'" 1 
ATOM   949  O  "O2'" . G   A 1 45 ? 13.119  4.439   8.699   1.00 72.72  ? 45  G   A "O2'" 1 
ATOM   950  C  "C1'" . G   A 1 45 ? 11.629  2.556   8.721   1.00 61.92  ? 45  G   A "C1'" 1 
ATOM   951  N  N9    . G   A 1 45 ? 10.341  2.177   9.323   1.00 58.06  ? 45  G   A N9    1 
ATOM   952  C  C8    . G   A 1 45 ? 10.035  1.073   10.080  1.00 59.23  ? 45  G   A C8    1 
ATOM   953  N  N7    . G   A 1 45 ? 8.787   1.082   10.492  1.00 54.83  ? 45  G   A N7    1 
ATOM   954  C  C5    . G   A 1 45 ? 8.257   2.263   9.989   1.00 51.97  ? 45  G   A C5    1 
ATOM   955  C  C6    . G   A 1 45 ? 6.952   2.816   10.100  1.00 56.11  ? 45  G   A C6    1 
ATOM   956  O  O6    . G   A 1 45 ? 5.962   2.351   10.689  1.00 51.71  ? 45  G   A O6    1 
ATOM   957  N  N1    . G   A 1 45 ? 6.848   4.032   9.430   1.00 54.15  ? 45  G   A N1    1 
ATOM   958  C  C2    . G   A 1 45 ? 7.875   4.632   8.744   1.00 56.74  ? 45  G   A C2    1 
ATOM   959  N  N2    . G   A 1 45 ? 7.580   5.806   8.170   1.00 58.98  ? 45  G   A N2    1 
ATOM   960  N  N3    . G   A 1 45 ? 9.092   4.124   8.634   1.00 58.31  ? 45  G   A N3    1 
ATOM   961  C  C4    . G   A 1 45 ? 9.210   2.950   9.277   1.00 53.58  ? 45  G   A C4    1 
ATOM   962  P  P     . A   A 1 46 ? 13.849  4.513   12.411  1.00 75.31  ? 46  A   A P     1 
ATOM   963  O  OP1   . A   A 1 46 ? 15.147  5.100   12.839  1.00 82.91  ? 46  A   A OP1   1 
ATOM   964  O  OP2   . A   A 1 46 ? 13.049  3.720   13.377  1.00 70.86  ? 46  A   A OP2   1 
ATOM   965  O  "O5'" . A   A 1 46 ? 12.919  5.697   11.877  1.00 72.45  ? 46  A   A "O5'" 1 
ATOM   966  C  "C5'" . A   A 1 46 ? 13.463  6.758   11.106  1.00 77.06  ? 46  A   A "C5'" 1 
ATOM   967  C  "C4'" . A   A 1 46 ? 12.496  7.906   10.932  1.00 75.85  ? 46  A   A "C4'" 1 
ATOM   968  O  "O4'" . A   A 1 46 ? 11.312  7.470   10.216  1.00 73.68  ? 46  A   A "O4'" 1 
ATOM   969  C  "C3'" . A   A 1 46 ? 11.939  8.529   12.197  1.00 78.94  ? 46  A   A "C3'" 1 
ATOM   970  O  "O3'" . A   A 1 46 ? 12.845  9.413   12.827  1.00 84.27  ? 46  A   A "O3'" 1 
ATOM   971  C  "C2'" . A   A 1 46 ? 10.673  9.212   11.694  1.00 74.48  ? 46  A   A "C2'" 1 
ATOM   972  O  "O2'" . A   A 1 46 ? 10.987  10.415  11.008  1.00 76.87  ? 46  A   A "O2'" 1 
ATOM   973  C  "C1'" . A   A 1 46 ? 10.185  8.204   10.663  1.00 70.62  ? 46  A   A "C1'" 1 
ATOM   974  N  N9    . A   A 1 46 ? 9.195   7.265   11.224  1.00 66.23  ? 46  A   A N9    1 
ATOM   975  C  C8    . A   A 1 46 ? 9.421   5.990   11.685  1.00 66.17  ? 46  A   A C8    1 
ATOM   976  N  N7    . A   A 1 46 ? 8.333   5.388   12.115  1.00 69.36  ? 46  A   A N7    1 
ATOM   977  C  C5    . A   A 1 46 ? 7.325   6.330   11.928  1.00 65.27  ? 46  A   A C5    1 
ATOM   978  C  C6    . A   A 1 46 ? 5.938   6.305   12.181  1.00 67.06  ? 46  A   A C6    1 
ATOM   979  N  N6    . A   A 1 46 ? 5.316   5.248   12.704  1.00 67.56  ? 46  A   A N6    1 
ATOM   980  N  N1    . A   A 1 46 ? 5.204   7.404   11.885  1.00 64.07  ? 46  A   A N1    1 
ATOM   981  C  C2    . A   A 1 46 ? 5.843   8.457   11.355  1.00 67.81  ? 46  A   A C2    1 
ATOM   982  N  N3    . A   A 1 46 ? 7.141   8.599   11.068  1.00 67.96  ? 46  A   A N3    1 
ATOM   983  C  C4    . A   A 1 46 ? 7.842   7.491   11.382  1.00 66.18  ? 46  A   A C4    1 
ATOM   984  P  P     . A   A 1 47 ? 12.791  9.601   14.422  1.00 80.17  ? 47  A   A P     1 
ATOM   985  O  OP1   . A   A 1 47 ? 13.974  10.403  14.820  1.00 87.60  ? 47  A   A OP1   1 
ATOM   986  O  OP2   . A   A 1 47 ? 12.561  8.268   15.035  1.00 78.25  ? 47  A   A OP2   1 
ATOM   987  O  "O5'" . A   A 1 47 ? 11.497  10.499  14.650  1.00 78.53  ? 47  A   A "O5'" 1 
ATOM   988  C  "C5'" . A   A 1 47 ? 11.439  11.822  14.140  1.00 80.07  ? 47  A   A "C5'" 1 
ATOM   989  C  "C4'" . A   A 1 47 ? 10.040  12.363  14.211  1.00 82.15  ? 47  A   A "C4'" 1 
ATOM   990  O  "O4'" . A   A 1 47 ? 9.158   11.520  13.423  1.00 80.02  ? 47  A   A "O4'" 1 
ATOM   991  C  "C3'" . A   A 1 47 ? 9.404   12.362  15.591  1.00 84.06  ? 47  A   A "C3'" 1 
ATOM   992  O  "O3'" . A   A 1 47 ? 9.799   13.452  16.401  1.00 87.52  ? 47  A   A "O3'" 1 
ATOM   993  C  "C2'" . A   A 1 47 ? 7.919   12.348  15.265  1.00 81.97  ? 47  A   A "C2'" 1 
ATOM   994  O  "O2'" . A   A 1 47 ? 7.496   13.632  14.836  1.00 81.32  ? 47  A   A "O2'" 1 
ATOM   995  C  "C1'" . A   A 1 47 ? 7.902   11.406  14.063  1.00 79.38  ? 47  A   A "C1'" 1 
ATOM   996  N  N9    . A   A 1 47 ? 7.733   10.005  14.489  1.00 77.41  ? 47  A   A N9    1 
ATOM   997  C  C8    . A   A 1 47 ? 8.733   9.119   14.816  1.00 75.25  ? 47  A   A C8    1 
ATOM   998  N  N7    . A   A 1 47 ? 8.296   7.933   15.173  1.00 74.07  ? 47  A   A N7    1 
ATOM   999  C  C5    . A   A 1 47 ? 6.915   8.052   15.071  1.00 73.05  ? 47  A   A C5    1 
ATOM   1000 C  C6    . A   A 1 47 ? 5.882   7.135   15.321  1.00 74.98  ? 47  A   A C6    1 
ATOM   1001 N  N6    . A   A 1 47 ? 6.116   5.879   15.726  1.00 77.49  ? 47  A   A N6    1 
ATOM   1002 N  N1    . A   A 1 47 ? 4.606   7.558   15.130  1.00 72.54  ? 47  A   A N1    1 
ATOM   1003 C  C2    . A   A 1 47 ? 4.405   8.823   14.722  1.00 73.30  ? 47  A   A C2    1 
ATOM   1004 N  N3    . A   A 1 47 ? 5.300   9.777   14.458  1.00 74.14  ? 47  A   A N3    1 
ATOM   1005 C  C4    . A   A 1 47 ? 6.549   9.322   14.657  1.00 72.14  ? 47  A   A C4    1 
ATOM   1006 P  P     . G   A 1 48 ? 9.960   13.241  17.985  1.00 89.73  ? 48  G   A P     1 
ATOM   1007 O  OP1   . G   A 1 48 ? 10.495  14.519  18.521  1.00 90.68  ? 48  G   A OP1   1 
ATOM   1008 O  OP2   . G   A 1 48 ? 10.694  11.967  18.216  1.00 90.25  ? 48  G   A OP2   1 
ATOM   1009 O  "O5'" . G   A 1 48 ? 8.469   13.052  18.514  1.00 83.17  ? 48  G   A "O5'" 1 
ATOM   1010 C  "C5'" . G   A 1 48 ? 7.600   14.172  18.596  1.00 87.93  ? 48  G   A "C5'" 1 
ATOM   1011 C  "C4'" . G   A 1 48 ? 6.197   13.801  19.016  1.00 88.37  ? 48  G   A "C4'" 1 
ATOM   1012 O  "O4'" . G   A 1 48 ? 5.595   12.902  18.048  1.00 91.12  ? 48  G   A "O4'" 1 
ATOM   1013 C  "C3'" . G   A 1 48 ? 6.033   13.060  20.332  1.00 91.00  ? 48  G   A "C3'" 1 
ATOM   1014 O  "O3'" . G   A 1 48 ? 6.169   13.878  21.481  1.00 92.18  ? 48  G   A "O3'" 1 
ATOM   1015 C  "C2'" . G   A 1 48 ? 4.644   12.446  20.178  1.00 87.92  ? 48  G   A "C2'" 1 
ATOM   1016 O  "O2'" . G   A 1 48 ? 3.626   13.418  20.379  1.00 90.47  ? 48  G   A "O2'" 1 
ATOM   1017 C  "C1'" . G   A 1 48 ? 4.659   12.059  18.700  1.00 87.57  ? 48  G   A "C1'" 1 
ATOM   1018 N  N9    . G   A 1 48 ? 5.067   10.652  18.537  1.00 84.22  ? 48  G   A N9    1 
ATOM   1019 C  C8    . G   A 1 48 ? 6.321   10.158  18.255  1.00 82.06  ? 48  G   A C8    1 
ATOM   1020 N  N7    . G   A 1 48 ? 6.350   8.852   18.201  1.00 79.15  ? 48  G   A N7    1 
ATOM   1021 C  C5    . G   A 1 48 ? 5.038   8.464   18.472  1.00 80.73  ? 48  G   A C5    1 
ATOM   1022 C  C6    . G   A 1 48 ? 4.458   7.165   18.547  1.00 82.33  ? 48  G   A C6    1 
ATOM   1023 O  O6    . G   A 1 48 ? 5.016   6.062   18.382  1.00 82.64  ? 48  G   A O6    1 
ATOM   1024 N  N1    . G   A 1 48 ? 3.093   7.244   18.853  1.00 77.94  ? 48  G   A N1    1 
ATOM   1025 C  C2    . G   A 1 48 ? 2.374   8.407   19.053  1.00 78.95  ? 48  G   A C2    1 
ATOM   1026 N  N2    . G   A 1 48 ? 1.068   8.266   19.335  1.00 77.03  ? 48  G   A N2    1 
ATOM   1027 N  N3    . G   A 1 48 ? 2.904   9.620   18.983  1.00 79.82  ? 48  G   A N3    1 
ATOM   1028 C  C4    . G   A 1 48 ? 4.231   9.568   18.690  1.00 81.80  ? 48  G   A C4    1 
ATOM   1029 P  P     . C   A 1 49 ? 6.027   13.222  22.943  1.00 96.67  ? 49  C   A P     1 
ATOM   1030 O  OP1   . C   A 1 49 ? 6.684   14.126  23.921  1.00 97.78  ? 49  C   A OP1   1 
ATOM   1031 O  OP2   . C   A 1 49 ? 6.486   11.812  22.872  1.00 88.36  ? 49  C   A OP2   1 
ATOM   1032 O  "O5'" . C   A 1 49 ? 4.451   13.207  23.209  1.00 86.55  ? 49  C   A "O5'" 1 
ATOM   1033 C  "C5'" . C   A 1 49 ? 3.923   12.595  24.374  1.00 89.46  ? 49  C   A "C5'" 1 
ATOM   1034 C  "C4'" . C   A 1 49 ? 2.666   11.814  24.086  1.00 89.70  ? 49  C   A "C4'" 1 
ATOM   1035 O  "O4'" . C   A 1 49 ? 2.690   11.299  22.724  1.00 87.95  ? 49  C   A "O4'" 1 
ATOM   1036 C  "C3'" . C   A 1 49 ? 2.459   10.570  24.939  1.00 92.16  ? 49  C   A "C3'" 1 
ATOM   1037 O  "O3'" . C   A 1 49 ? 1.963   10.835  26.240  1.00 95.15  ? 49  C   A "O3'" 1 
ATOM   1038 C  "C2'" . C   A 1 49 ? 1.523   9.742   24.078  1.00 89.65  ? 49  C   A "C2'" 1 
ATOM   1039 O  "O2'" . C   A 1 49 ? 0.208   10.272  24.121  1.00 89.96  ? 49  C   A "O2'" 1 
ATOM   1040 C  "C1'" . C   A 1 49 ? 2.102   10.008  22.692  1.00 88.23  ? 49  C   A "C1'" 1 
ATOM   1041 N  N1    . C   A 1 49 ? 3.162   9.025   22.357  1.00 87.55  ? 49  C   A N1    1 
ATOM   1042 C  C2    . C   A 1 49 ? 2.887   7.641   22.291  1.00 83.29  ? 49  C   A C2    1 
ATOM   1043 O  O2    . C   A 1 49 ? 1.745   7.203   22.506  1.00 84.92  ? 49  C   A O2    1 
ATOM   1044 N  N3    . C   A 1 49 ? 3.892   6.784   21.987  1.00 81.79  ? 49  C   A N3    1 
ATOM   1045 C  C4    . C   A 1 49 ? 5.126   7.239   21.753  1.00 83.65  ? 49  C   A C4    1 
ATOM   1046 N  N4    . C   A 1 49 ? 6.081   6.351   21.453  1.00 83.73  ? 49  C   A N4    1 
ATOM   1047 C  C5    . C   A 1 49 ? 5.434   8.630   21.815  1.00 83.94  ? 49  C   A C5    1 
ATOM   1048 C  C6    . C   A 1 49 ? 4.435   9.472   22.114  1.00 85.52  ? 49  C   A C6    1 
ATOM   1049 P  P     . C   A 1 50 ? 2.673   10.154  27.512  1.00 96.25  ? 50  C   A P     1 
ATOM   1050 O  OP1   . C   A 1 50 ? 2.593   11.128  28.630  1.00 96.02  ? 50  C   A OP1   1 
ATOM   1051 O  OP2   . C   A 1 50 ? 4.003   9.656   27.070  1.00 92.19  ? 50  C   A OP2   1 
ATOM   1052 O  "O5'" . C   A 1 50 ? 1.760   8.889   27.860  1.00 93.87  ? 50  C   A "O5'" 1 
ATOM   1053 C  "C5'" . C   A 1 50 ? 1.233   8.706   29.170  1.00 96.71  ? 50  C   A "C5'" 1 
ATOM   1054 C  "C4'" . C   A 1 50 ? 1.053   7.244   29.507  1.00 98.91  ? 50  C   A "C4'" 1 
ATOM   1055 O  "O4'" . C   A 1 50 ? 0.829   6.490   28.288  1.00 98.65  ? 50  C   A "O4'" 1 
ATOM   1056 C  "C3'" . C   A 1 50 ? 2.243   6.554   30.161  1.00 96.95  ? 50  C   A "C3'" 1 
ATOM   1057 O  "O3'" . C   A 1 50 ? 2.301   6.768   31.559  1.00 95.31  ? 50  C   A "O3'" 1 
ATOM   1058 C  "C2'" . C   A 1 50 ? 2.039   5.094   29.784  1.00 94.33  ? 50  C   A "C2'" 1 
ATOM   1059 O  "O2'" . C   A 1 50 ? 1.081   4.485   30.637  1.00 91.22  ? 50  C   A "O2'" 1 
ATOM   1060 C  "C1'" . C   A 1 50 ? 1.438   5.221   28.382  1.00 97.40  ? 50  C   A "C1'" 1 
ATOM   1061 N  N1    . C   A 1 50 ? 2.467   5.125   27.320  1.00 98.65  ? 50  C   A N1    1 
ATOM   1062 C  C2    . C   A 1 50 ? 3.046   3.877   27.041  1.00 97.52  ? 50  C   A C2    1 
ATOM   1063 O  O2    . C   A 1 50 ? 2.689   2.880   27.699  1.00 98.93  ? 50  C   A O2    1 
ATOM   1064 N  N3    . C   A 1 50 ? 3.986   3.789   26.066  1.00 93.36  ? 50  C   A N3    1 
ATOM   1065 C  C4    . C   A 1 50 ? 4.349   4.881   25.387  1.00 91.01  ? 50  C   A C4    1 
ATOM   1066 N  N4    . C   A 1 50 ? 5.284   4.741   24.443  1.00 89.84  ? 50  C   A N4    1 
ATOM   1067 C  C5    . C   A 1 50 ? 3.770   6.161   25.650  1.00 91.50  ? 50  C   A C5    1 
ATOM   1068 C  C6    . C   A 1 50 ? 2.840   6.238   26.611  1.00 92.76  ? 50  C   A C6    1 
HETATM 1069 MG MG    . MG  B 2 .  ? 1.596   6.303   2.234   1.00 62.55  ? 101 MG  A MG    1 
HETATM 1070 MG MG    . MG  C 2 .  ? 9.691   9.938   -2.480  1.00 54.60  ? 102 MG  A MG    1 
HETATM 1071 MG MG    . MG  D 2 .  ? 5.716   12.444  0.120   1.00 57.29  ? 103 MG  A MG    1 
HETATM 1072 P  PA    . NAD E 3 .  ? 6.264   13.726  3.020   1.00 65.26  ? 104 NAD A PA    1 
HETATM 1073 O  O1A   . NAD E 3 .  ? 5.580   14.760  3.885   1.00 72.85  ? 104 NAD A O1A   1 
HETATM 1074 O  O2A   . NAD E 3 .  ? 5.490   12.992  1.951   1.00 56.35  ? 104 NAD A O2A   1 
HETATM 1075 O  O5B   . NAD E 3 .  ? 7.024   12.686  3.985   1.00 59.29  ? 104 NAD A O5B   1 
HETATM 1076 C  C5B   . NAD E 3 .  ? 7.445   13.070  5.285   1.00 64.34  ? 104 NAD A C5B   1 
HETATM 1077 C  C4B   . NAD E 3 .  ? 7.321   11.834  6.158   1.00 68.27  ? 104 NAD A C4B   1 
HETATM 1078 O  O4B   . NAD E 3 .  ? 8.270   10.836  5.762   1.00 68.10  ? 104 NAD A O4B   1 
HETATM 1079 C  C3B   . NAD E 3 .  ? 7.620   12.114  7.621   1.00 68.20  ? 104 NAD A C3B   1 
HETATM 1080 O  O3B   . NAD E 3 .  ? 6.456   12.526  8.341   1.00 72.15  ? 104 NAD A O3B   1 
HETATM 1081 C  C2B   . NAD E 3 .  ? 8.082   10.772  8.131   1.00 71.07  ? 104 NAD A C2B   1 
HETATM 1082 O  O2B   . NAD E 3 .  ? 6.942   10.080  8.640   1.00 66.05  ? 104 NAD A O2B   1 
HETATM 1083 C  C1B   . NAD E 3 .  ? 8.576   10.032  6.902   1.00 67.24  ? 104 NAD A C1B   1 
HETATM 1084 N  N9A   . NAD E 3 .  ? 10.035  9.851   7.009   1.00 71.28  ? 104 NAD A N9A   1 
HETATM 1085 C  C8A   . NAD E 3 .  ? 10.953  10.836  6.966   1.00 73.64  ? 104 NAD A C8A   1 
HETATM 1086 N  N7A   . NAD E 3 .  ? 12.204  10.334  7.097   1.00 69.86  ? 104 NAD A N7A   1 
HETATM 1087 C  C5A   . NAD E 3 .  ? 12.096  8.998   7.225   1.00 70.14  ? 104 NAD A C5A   1 
HETATM 1088 C  C6A   . NAD E 3 .  ? 13.028  7.859   7.396   1.00 74.78  ? 104 NAD A C6A   1 
HETATM 1089 N  N6A   . NAD E 3 .  ? 14.367  8.046   7.454   1.00 78.50  ? 104 NAD A N6A   1 
HETATM 1090 N  N1A   . NAD E 3 .  ? 12.494  6.622   7.488   1.00 69.49  ? 104 NAD A N1A   1 
HETATM 1091 C  C2A   . NAD E 3 .  ? 11.165  6.414   7.429   1.00 66.91  ? 104 NAD A C2A   1 
HETATM 1092 N  N3A   . NAD E 3 .  ? 10.264  7.398   7.279   1.00 67.23  ? 104 NAD A N3A   1 
HETATM 1093 C  C4A   . NAD E 3 .  ? 10.662  8.686   7.173   1.00 68.74  ? 104 NAD A C4A   1 
HETATM 1094 O  O3    . NAD E 3 .  ? 7.561   14.383  2.323   1.00 66.37  ? 104 NAD A O3    1 
HETATM 1095 P  PN    . NAD E 3 .  ? 7.697   14.747  0.756   1.00 71.29  ? 104 NAD A PN    1 
HETATM 1096 O  O1N   . NAD E 3 .  ? 6.960   13.774  -0.139  1.00 61.58  ? 104 NAD A O1N   1 
HETATM 1097 O  O2N   . NAD E 3 .  ? 9.161   15.031  0.508   1.00 67.43  ? 104 NAD A O2N   1 
HETATM 1098 O  O5D   . NAD E 3 .  ? 6.977   16.180  0.672   1.00 77.38  ? 104 NAD A O5D   1 
HETATM 1099 C  C5D   . NAD E 3 .  ? 7.722   17.234  0.061   1.00 81.93  ? 104 NAD A C5D   1 
HETATM 1100 C  C4D   . NAD E 3 .  ? 6.843   18.462  -0.086  1.00 87.00  ? 104 NAD A C4D   1 
HETATM 1101 O  O4D   . NAD E 3 .  ? 5.885   18.269  -1.137  1.00 89.56  ? 104 NAD A O4D   1 
HETATM 1102 C  C3D   . NAD E 3 .  ? 6.056   18.727  1.188   1.00 87.11  ? 104 NAD A C3D   1 
HETATM 1103 O  O3D   . NAD E 3 .  ? 6.724   19.688  2.022   1.00 90.99  ? 104 NAD A O3D   1 
HETATM 1104 C  C2D   . NAD E 3 .  ? 4.717   19.244  0.695   1.00 88.74  ? 104 NAD A C2D   1 
HETATM 1105 O  O2D   . NAD E 3 .  ? 4.681   20.663  0.850   1.00 93.30  ? 104 NAD A O2D   1 
HETATM 1106 C  C1D   . NAD E 3 .  ? 4.653   18.917  -0.793  1.00 90.04  ? 104 NAD A C1D   1 
HETATM 1107 N  N1N   . NAD E 3 .  ? 3.467   18.101  -1.116  1.00 87.53  ? 104 NAD A N1N   1 
HETATM 1108 C  C2N   . NAD E 3 .  ? 3.441   17.409  -2.270  1.00 82.42  ? 104 NAD A C2N   1 
HETATM 1109 C  C3N   . NAD E 3 .  ? 2.336   16.621  -2.608  1.00 83.47  ? 104 NAD A C3N   1 
HETATM 1110 C  C7N   . NAD E 3 .  ? 2.328   15.852  -3.910  1.00 80.76  ? 104 NAD A C7N   1 
HETATM 1111 O  O7N   . NAD E 3 .  ? 3.403   15.550  -4.434  1.00 74.49  ? 104 NAD A O7N   1 
HETATM 1112 N  N7N   . NAD E 3 .  ? 1.151   15.529  -4.470  1.00 73.42  ? 104 NAD A N7N   1 
HETATM 1113 C  C4N   . NAD E 3 .  ? 1.254   16.556  -1.732  1.00 79.94  ? 104 NAD A C4N   1 
HETATM 1114 C  C5N   . NAD E 3 .  ? 1.304   17.278  -0.542  1.00 79.57  ? 104 NAD A C5N   1 
HETATM 1115 C  C6N   . NAD E 3 .  ? 2.430   18.044  -0.254  1.00 81.48  ? 104 NAD A C6N   1 
HETATM 1116 O  O     . HOH F 4 .  ? -3.859  -3.635  -4.163  1.00 44.83  ? 201 HOH A O     1 
HETATM 1117 O  O     . HOH F 4 .  ? 4.021   11.139  0.640   1.00 48.16  ? 202 HOH A O     1 
HETATM 1118 O  O     . HOH F 4 .  ? -6.001  -8.588  -2.775  1.00 45.16  ? 203 HOH A O     1 
HETATM 1119 O  O     . HOH F 4 .  ? 5.672   11.695  -1.804  1.00 51.76  ? 204 HOH A O     1 
HETATM 1120 O  O     . HOH F 4 .  ? 3.157   7.177   0.803   1.00 52.62  ? 205 HOH A O     1 
HETATM 1121 O  O     . HOH F 4 .  ? 8.308   -8.138  3.000   1.00 45.27  ? 206 HOH A O     1 
HETATM 1122 O  O     . HOH F 4 .  ? 10.696  -6.353  -0.854  1.00 44.32  ? 207 HOH A O     1 
HETATM 1123 O  O     . HOH F 4 .  ? -0.384  -3.679  4.103   1.00 44.90  ? 208 HOH A O     1 
HETATM 1124 O  O     . HOH F 4 .  ? -2.148  -16.191 0.989   1.00 44.04  ? 209 HOH A O     1 
HETATM 1125 O  O     . HOH F 4 .  ? 8.966   11.887  -1.747  1.00 52.00  ? 210 HOH A O     1 
HETATM 1126 O  O     . HOH F 4 .  ? 7.811   9.559   -3.709  1.00 42.17  ? 211 HOH A O     1 
HETATM 1127 O  O     . HOH F 4 .  ? 9.349   9.903   -6.819  1.00 50.11  ? 212 HOH A O     1 
HETATM 1128 O  O     . HOH F 4 .  ? 11.147  3.078   -6.105  1.00 52.78  ? 213 HOH A O     1 
HETATM 1129 O  O     . HOH F 4 .  ? 12.803  10.526  -7.278  1.00 51.88  ? 214 HOH A O     1 
HETATM 1130 O  O     . HOH F 4 .  ? 4.154   13.850  -0.338  1.00 60.00  ? 215 HOH A O     1 
HETATM 1131 O  O     . HOH F 4 .  ? -3.510  -1.028  1.911   1.00 42.68  ? 216 HOH A O     1 
HETATM 1132 O  O     . HOH F 4 .  ? 2.698   1.962   3.955   1.00 48.96  ? 217 HOH A O     1 
HETATM 1133 O  O     . HOH F 4 .  ? 0.839   5.291   0.475   1.00 63.92  ? 218 HOH A O     1 
HETATM 1134 O  O     . HOH F 4 .  ? 2.016   4.933   4.619   1.00 63.02  ? 219 HOH A O     1 
HETATM 1135 O  O     . HOH F 4 .  ? 2.201   7.787   -12.524 1.00 65.99  ? 220 HOH A O     1 
HETATM 1136 O  O     . HOH F 4 .  ? -0.385  6.084   3.198   1.00 64.71  ? 221 HOH A O     1 
HETATM 1137 O  O     . HOH F 4 .  ? 10.339  10.569  -4.426  1.00 45.95  ? 222 HOH A O     1 
HETATM 1138 O  O     . HOH F 4 .  ? 0.425   7.499   0.754   1.00 59.69  ? 223 HOH A O     1 
HETATM 1139 O  O     . HOH F 4 .  ? -5.265  -11.290 6.527   1.00 44.77  ? 224 HOH A O     1 
HETATM 1140 O  O     . HOH F 4 .  ? -4.554  -5.728  -3.202  1.00 54.56  ? 225 HOH A O     1 
HETATM 1141 O  O     . HOH F 4 .  ? -7.413  -8.650  -5.584  1.00 62.06  ? 226 HOH A O     1 
HETATM 1142 O  O     . HOH F 4 .  ? -26.268 -14.689 -23.134 1.00 74.27  ? 227 HOH A O     1 
# 
loop_
_pdbx_poly_seq_scheme.asym_id 
_pdbx_poly_seq_scheme.entity_id 
_pdbx_poly_seq_scheme.seq_id 
_pdbx_poly_seq_scheme.mon_id 
_pdbx_poly_seq_scheme.ndb_seq_num 
_pdbx_poly_seq_scheme.pdb_seq_num 
_pdbx_poly_seq_scheme.auth_seq_num 
_pdbx_poly_seq_scheme.pdb_mon_id 
_pdbx_poly_seq_scheme.auth_mon_id 
_pdbx_poly_seq_scheme.pdb_strand_id 
_pdbx_poly_seq_scheme.pdb_ins_code 
_pdbx_poly_seq_scheme.hetero 
A 1 1  G 1  1  1  G G A . n 
A 1 2  G 2  2  2  G G A . n 
A 1 3  U 3  3  3  U U A . n 
A 1 4  U 4  4  4  U U A . n 
A 1 5  U 5  5  5  U U A . n 
A 1 6  C 6  6  6  C C A . n 
A 1 7  A 7  7  7  A A A . n 
A 1 8  A 8  8  8  A A A . n 
A 1 9  C 9  9  9  C C A . n 
A 1 10 A 10 10 10 A A A . n 
A 1 11 U 11 11 11 U U A . n 
A 1 12 C 12 12 12 C C A . n 
A 1 13 C 13 13 13 C C A . n 
A 1 14 C 14 14 14 C C A . n 
A 1 15 C 15 15 15 C C A . n 
A 1 16 G 16 16 16 G G A . n 
A 1 17 U 17 17 17 U U A . n 
A 1 18 U 18 18 18 U U A . n 
A 1 19 C 19 19 19 C C A . n 
A 1 20 G 20 20 20 G G A . n 
A 1 21 G 21 21 21 G G A . n 
A 1 22 C 22 22 22 C C A . n 
A 1 23 G 23 23 23 G G A . n 
A 1 24 C 24 24 24 C C A . n 
A 1 25 U 25 25 25 U U A . n 
A 1 26 C 26 26 26 C C A . n 
A 1 27 G 27 27 27 G G A . n 
A 1 28 A 28 28 28 A A A . n 
A 1 29 A 29 29 29 A A A . n 
A 1 30 A 30 30 30 A A A . n 
A 1 31 G 31 31 31 G G A . n 
A 1 32 A 32 32 32 A A A . n 
A 1 33 G 33 33 33 G G A . n 
A 1 34 G 34 34 34 G G A . n 
A 1 35 U 35 35 35 U U A . n 
A 1 36 G 36 36 36 G G A . n 
A 1 37 G 37 37 37 G G A . n 
A 1 38 C 38 38 38 C C A . n 
A 1 39 C 39 39 39 C C A . n 
A 1 40 G 40 40 40 G G A . n 
A 1 41 G 41 41 41 G G A . n 
A 1 42 A 42 42 42 A A A . n 
A 1 43 C 43 43 43 C C A . n 
A 1 44 U 44 44 44 U U A . n 
A 1 45 G 45 45 45 G G A . n 
A 1 46 A 46 46 46 A A A . n 
A 1 47 A 47 47 47 A A A . n 
A 1 48 G 48 48 48 G G A . n 
A 1 49 C 49 49 49 C C A . n 
A 1 50 C 50 50 50 C C A . n 
# 
loop_
_pdbx_nonpoly_scheme.asym_id 
_pdbx_nonpoly_scheme.entity_id 
_pdbx_nonpoly_scheme.mon_id 
_pdbx_nonpoly_scheme.ndb_seq_num 
_pdbx_nonpoly_scheme.pdb_seq_num 
_pdbx_nonpoly_scheme.auth_seq_num 
_pdbx_nonpoly_scheme.pdb_mon_id 
_pdbx_nonpoly_scheme.auth_mon_id 
_pdbx_nonpoly_scheme.pdb_strand_id 
_pdbx_nonpoly_scheme.pdb_ins_code 
B 2 MG  1  101 3  MG  MG  A . 
C 2 MG  1  102 4  MG  MG  A . 
D 2 MG  1  103 6  MG  MG  A . 
E 3 NAD 1  104 1  NAD NAD A . 
F 4 HOH 1  201 24 HOH HOH A . 
F 4 HOH 2  202 39 HOH HOH A . 
F 4 HOH 3  203 46 HOH HOH A . 
F 4 HOH 4  204 38 HOH HOH A . 
F 4 HOH 5  205 9  HOH HOH A . 
F 4 HOH 6  206 44 HOH HOH A . 
F 4 HOH 7  207 48 HOH HOH A . 
F 4 HOH 8  208 41 HOH HOH A . 
F 4 HOH 9  209 34 HOH HOH A . 
F 4 HOH 10 210 14 HOH HOH A . 
F 4 HOH 11 211 13 HOH HOH A . 
F 4 HOH 12 212 17 HOH HOH A . 
F 4 HOH 13 213 51 HOH HOH A . 
F 4 HOH 14 214 52 HOH HOH A . 
F 4 HOH 15 215 40 HOH HOH A . 
F 4 HOH 16 216 28 HOH HOH A . 
F 4 HOH 17 217 50 HOH HOH A . 
F 4 HOH 18 218 10 HOH HOH A . 
F 4 HOH 19 219 12 HOH HOH A . 
F 4 HOH 20 220 36 HOH HOH A . 
F 4 HOH 21 221 20 HOH HOH A . 
F 4 HOH 22 222 16 HOH HOH A . 
F 4 HOH 23 223 8  HOH HOH A . 
F 4 HOH 24 224 47 HOH HOH A . 
F 4 HOH 25 225 37 HOH HOH A . 
F 4 HOH 26 226 45 HOH HOH A . 
F 4 HOH 27 227 49 HOH HOH A . 
# 
_pdbx_struct_assembly.id                   1 
_pdbx_struct_assembly.details              author_and_software_defined_assembly 
_pdbx_struct_assembly.method_details       PISA 
_pdbx_struct_assembly.oligomeric_details   monomeric 
_pdbx_struct_assembly.oligomeric_count     1 
# 
_pdbx_struct_assembly_gen.assembly_id       1 
_pdbx_struct_assembly_gen.oper_expression   1 
_pdbx_struct_assembly_gen.asym_id_list      A,B,C,D,E,F 
# 
loop_
_pdbx_struct_assembly_prop.biol_id 
_pdbx_struct_assembly_prop.type 
_pdbx_struct_assembly_prop.value 
_pdbx_struct_assembly_prop.details 
1 'ABSA (A^2)' 100  ? 
1 MORE         -10  ? 
1 'SSA (A^2)'  8780 ? 
# 
_pdbx_struct_oper_list.id                   1 
_pdbx_struct_oper_list.type                 'identity operation' 
_pdbx_struct_oper_list.name                 1_555 
_pdbx_struct_oper_list.symmetry_operation   x,y,z 
_pdbx_struct_oper_list.matrix[1][1]         1.0000000000 
_pdbx_struct_oper_list.matrix[1][2]         0.0000000000 
_pdbx_struct_oper_list.matrix[1][3]         0.0000000000 
_pdbx_struct_oper_list.vector[1]            0.0000000000 
_pdbx_struct_oper_list.matrix[2][1]         0.0000000000 
_pdbx_struct_oper_list.matrix[2][2]         1.0000000000 
_pdbx_struct_oper_list.matrix[2][3]         0.0000000000 
_pdbx_struct_oper_list.vector[2]            0.0000000000 
_pdbx_struct_oper_list.matrix[3][1]         0.0000000000 
_pdbx_struct_oper_list.matrix[3][2]         0.0000000000 
_pdbx_struct_oper_list.matrix[3][3]         1.0000000000 
_pdbx_struct_oper_list.vector[3]            0.0000000000 
# 
loop_
_pdbx_struct_conn_angle.id 
_pdbx_struct_conn_angle.ptnr1_label_atom_id 
_pdbx_struct_conn_angle.ptnr1_label_alt_id 
_pdbx_struct_conn_angle.ptnr1_label_asym_id 
_pdbx_struct_conn_angle.ptnr1_label_comp_id 
_pdbx_struct_conn_angle.ptnr1_label_seq_id 
_pdbx_struct_conn_angle.ptnr1_auth_atom_id 
_pdbx_struct_conn_angle.ptnr1_auth_asym_id 
_pdbx_struct_conn_angle.ptnr1_auth_comp_id 
_pdbx_struct_conn_angle.ptnr1_auth_seq_id 
_pdbx_struct_conn_angle.ptnr1_PDB_ins_code 
_pdbx_struct_conn_angle.ptnr1_symmetry 
_pdbx_struct_conn_angle.ptnr2_label_atom_id 
_pdbx_struct_conn_angle.ptnr2_label_alt_id 
_pdbx_struct_conn_angle.ptnr2_label_asym_id 
_pdbx_struct_conn_angle.ptnr2_label_comp_id 
_pdbx_struct_conn_angle.ptnr2_label_seq_id 
_pdbx_struct_conn_angle.ptnr2_auth_atom_id 
_pdbx_struct_conn_angle.ptnr2_auth_asym_id 
_pdbx_struct_conn_angle.ptnr2_auth_comp_id 
_pdbx_struct_conn_angle.ptnr2_auth_seq_id 
_pdbx_struct_conn_angle.ptnr2_PDB_ins_code 
_pdbx_struct_conn_angle.ptnr2_symmetry 
_pdbx_struct_conn_angle.ptnr3_label_atom_id 
_pdbx_struct_conn_angle.ptnr3_label_alt_id 
_pdbx_struct_conn_angle.ptnr3_label_asym_id 
_pdbx_struct_conn_angle.ptnr3_label_comp_id 
_pdbx_struct_conn_angle.ptnr3_label_seq_id 
_pdbx_struct_conn_angle.ptnr3_auth_atom_id 
_pdbx_struct_conn_angle.ptnr3_auth_asym_id 
_pdbx_struct_conn_angle.ptnr3_auth_comp_id 
_pdbx_struct_conn_angle.ptnr3_auth_seq_id 
_pdbx_struct_conn_angle.ptnr3_PDB_ins_code 
_pdbx_struct_conn_angle.ptnr3_symmetry 
_pdbx_struct_conn_angle.value 
_pdbx_struct_conn_angle.value_esd 
1  OP2 ? A A   7 ? A A   7   ? 1_555 MG ? B MG . ? A MG 101 ? 1_555 O   ? F HOH . ? A HOH 205 ? 1_555 88.6  ? 
2  OP2 ? A A   7 ? A A   7   ? 1_555 MG ? B MG . ? A MG 101 ? 1_555 O   ? F HOH . ? A HOH 218 ? 1_555 148.0 ? 
3  O   ? F HOH . ? A HOH 205 ? 1_555 MG ? B MG . ? A MG 101 ? 1_555 O   ? F HOH . ? A HOH 218 ? 1_555 84.8  ? 
4  OP2 ? A A   7 ? A A   7   ? 1_555 MG ? B MG . ? A MG 101 ? 1_555 O   ? F HOH . ? A HOH 219 ? 1_555 86.9  ? 
5  O   ? F HOH . ? A HOH 205 ? 1_555 MG ? B MG . ? A MG 101 ? 1_555 O   ? F HOH . ? A HOH 219 ? 1_555 128.4 ? 
6  O   ? F HOH . ? A HOH 218 ? 1_555 MG ? B MG . ? A MG 101 ? 1_555 O   ? F HOH . ? A HOH 219 ? 1_555 121.3 ? 
7  OP2 ? A A   7 ? A A   7   ? 1_555 MG ? B MG . ? A MG 101 ? 1_555 O   ? F HOH . ? A HOH 221 ? 1_555 84.2  ? 
8  O   ? F HOH . ? A HOH 205 ? 1_555 MG ? B MG . ? A MG 101 ? 1_555 O   ? F HOH . ? A HOH 221 ? 1_555 156.8 ? 
9  O   ? F HOH . ? A HOH 218 ? 1_555 MG ? B MG . ? A MG 101 ? 1_555 O   ? F HOH . ? A HOH 221 ? 1_555 89.7  ? 
10 O   ? F HOH . ? A HOH 219 ? 1_555 MG ? B MG . ? A MG 101 ? 1_555 O   ? F HOH . ? A HOH 221 ? 1_555 73.3  ? 
11 OP2 ? A A   7 ? A A   7   ? 1_555 MG ? B MG . ? A MG 101 ? 1_555 O   ? F HOH . ? A HOH 223 ? 1_555 86.2  ? 
12 O   ? F HOH . ? A HOH 205 ? 1_555 MG ? B MG . ? A MG 101 ? 1_555 O   ? F HOH . ? A HOH 223 ? 1_555 74.9  ? 
13 O   ? F HOH . ? A HOH 218 ? 1_555 MG ? B MG . ? A MG 101 ? 1_555 O   ? F HOH . ? A HOH 223 ? 1_555 61.9  ? 
14 O   ? F HOH . ? A HOH 219 ? 1_555 MG ? B MG . ? A MG 101 ? 1_555 O   ? F HOH . ? A HOH 223 ? 1_555 155.6 ? 
15 O   ? F HOH . ? A HOH 221 ? 1_555 MG ? B MG . ? A MG 101 ? 1_555 O   ? F HOH . ? A HOH 223 ? 1_555 82.7  ? 
16 OP2 ? A A   8 ? A A   8   ? 1_555 MG ? C MG . ? A MG 102 ? 1_555 OP2 ? A C   9 ? A C   9   ? 1_555 97.7  ? 
17 OP2 ? A A   8 ? A A   8   ? 1_555 MG ? C MG . ? A MG 102 ? 1_555 O   ? F HOH . ? A HOH 210 ? 1_555 79.6  ? 
18 OP2 ? A C   9 ? A C   9   ? 1_555 MG ? C MG . ? A MG 102 ? 1_555 O   ? F HOH . ? A HOH 210 ? 1_555 82.6  ? 
19 OP2 ? A A   8 ? A A   8   ? 1_555 MG ? C MG . ? A MG 102 ? 1_555 O   ? F HOH . ? A HOH 211 ? 1_555 85.3  ? 
20 OP2 ? A C   9 ? A C   9   ? 1_555 MG ? C MG . ? A MG 102 ? 1_555 O   ? F HOH . ? A HOH 211 ? 1_555 174.3 ? 
21 O   ? F HOH . ? A HOH 210 ? 1_555 MG ? C MG . ? A MG 102 ? 1_555 O   ? F HOH . ? A HOH 211 ? 1_555 93.2  ? 
22 OP2 ? A A   8 ? A A   8   ? 1_555 MG ? C MG . ? A MG 102 ? 1_555 O   ? F HOH . ? A HOH 222 ? 1_555 163.9 ? 
23 OP2 ? A C   9 ? A C   9   ? 1_555 MG ? C MG . ? A MG 102 ? 1_555 O   ? F HOH . ? A HOH 222 ? 1_555 97.7  ? 
24 O   ? F HOH . ? A HOH 210 ? 1_555 MG ? C MG . ? A MG 102 ? 1_555 O   ? F HOH . ? A HOH 222 ? 1_555 98.1  ? 
25 O   ? F HOH . ? A HOH 211 ? 1_555 MG ? C MG . ? A MG 102 ? 1_555 O   ? F HOH . ? A HOH 222 ? 1_555 79.0  ? 
26 OP1 ? A A   8 ? A A   8   ? 1_555 MG ? D MG . ? A MG 103 ? 1_555 O2A ? E NAD . ? A NAD 104 ? 1_555 94.1  ? 
27 OP1 ? A A   8 ? A A   8   ? 1_555 MG ? D MG . ? A MG 103 ? 1_555 O1N ? E NAD . ? A NAD 104 ? 1_555 101.3 ? 
28 O2A ? E NAD . ? A NAD 104 ? 1_555 MG ? D MG . ? A MG 103 ? 1_555 O1N ? E NAD . ? A NAD 104 ? 1_555 90.4  ? 
29 OP1 ? A A   8 ? A A   8   ? 1_555 MG ? D MG . ? A MG 103 ? 1_555 O   ? F HOH . ? A HOH 202 ? 1_555 86.5  ? 
30 O2A ? E NAD . ? A NAD 104 ? 1_555 MG ? D MG . ? A MG 103 ? 1_555 O   ? F HOH . ? A HOH 202 ? 1_555 81.6  ? 
31 O1N ? E NAD . ? A NAD 104 ? 1_555 MG ? D MG . ? A MG 103 ? 1_555 O   ? F HOH . ? A HOH 202 ? 1_555 169.3 ? 
32 OP1 ? A A   8 ? A A   8   ? 1_555 MG ? D MG . ? A MG 103 ? 1_555 O   ? F HOH . ? A HOH 204 ? 1_555 86.8  ? 
33 O2A ? E NAD . ? A NAD 104 ? 1_555 MG ? D MG . ? A MG 103 ? 1_555 O   ? F HOH . ? A HOH 204 ? 1_555 170.8 ? 
34 O1N ? E NAD . ? A NAD 104 ? 1_555 MG ? D MG . ? A MG 103 ? 1_555 O   ? F HOH . ? A HOH 204 ? 1_555 98.4  ? 
35 O   ? F HOH . ? A HOH 202 ? 1_555 MG ? D MG . ? A MG 103 ? 1_555 O   ? F HOH . ? A HOH 204 ? 1_555 89.3  ? 
36 OP1 ? A A   8 ? A A   8   ? 1_555 MG ? D MG . ? A MG 103 ? 1_555 O   ? F HOH . ? A HOH 215 ? 1_555 169.4 ? 
37 O2A ? E NAD . ? A NAD 104 ? 1_555 MG ? D MG . ? A MG 103 ? 1_555 O   ? F HOH . ? A HOH 215 ? 1_555 86.0  ? 
38 O1N ? E NAD . ? A NAD 104 ? 1_555 MG ? D MG . ? A MG 103 ? 1_555 O   ? F HOH . ? A HOH 215 ? 1_555 89.3  ? 
39 O   ? F HOH . ? A HOH 202 ? 1_555 MG ? D MG . ? A MG 103 ? 1_555 O   ? F HOH . ? A HOH 215 ? 1_555 83.0  ? 
40 O   ? F HOH . ? A HOH 204 ? 1_555 MG ? D MG . ? A MG 103 ? 1_555 O   ? F HOH . ? A HOH 215 ? 1_555 91.4  ? 
# 
loop_
_pdbx_audit_revision_history.ordinal 
_pdbx_audit_revision_history.data_content_type 
_pdbx_audit_revision_history.major_revision 
_pdbx_audit_revision_history.minor_revision 
_pdbx_audit_revision_history.revision_date 
1 'Structure model' 1 0 2020-11-25 
2 'Structure model' 1 1 2020-12-02 
3 'Structure model' 1 2 2020-12-23 
4 'Structure model' 1 3 2023-11-29 
# 
_pdbx_audit_revision_details.ordinal             1 
_pdbx_audit_revision_details.revision_ordinal    1 
_pdbx_audit_revision_details.data_content_type   'Structure model' 
_pdbx_audit_revision_details.provider            repository 
_pdbx_audit_revision_details.type                'Initial release' 
_pdbx_audit_revision_details.description         ? 
_pdbx_audit_revision_details.details             ? 
# 
loop_
_pdbx_audit_revision_group.ordinal 
_pdbx_audit_revision_group.revision_ordinal 
_pdbx_audit_revision_group.data_content_type 
_pdbx_audit_revision_group.group 
1 2 'Structure model' 'Database references'    
2 3 'Structure model' 'Database references'    
3 4 'Structure model' 'Data collection'        
4 4 'Structure model' 'Database references'    
5 4 'Structure model' 'Refinement description' 
# 
loop_
_pdbx_audit_revision_category.ordinal 
_pdbx_audit_revision_category.revision_ordinal 
_pdbx_audit_revision_category.data_content_type 
_pdbx_audit_revision_category.category 
1 2 'Structure model' citation                      
2 2 'Structure model' citation_author               
3 3 'Structure model' citation                      
4 4 'Structure model' chem_comp_atom                
5 4 'Structure model' chem_comp_bond                
6 4 'Structure model' database_2                    
7 4 'Structure model' pdbx_initial_refinement_model 
# 
loop_
_pdbx_audit_revision_item.ordinal 
_pdbx_audit_revision_item.revision_ordinal 
_pdbx_audit_revision_item.data_content_type 
_pdbx_audit_revision_item.item 
1 2 'Structure model' '_citation.pdbx_database_id_PubMed'   
2 2 'Structure model' '_citation_author.identifier_ORCID'   
3 3 'Structure model' '_citation.journal_volume'            
4 3 'Structure model' '_citation.page_first'                
5 3 'Structure model' '_citation.page_last'                 
6 4 'Structure model' '_database_2.pdbx_DOI'                
7 4 'Structure model' '_database_2.pdbx_database_accession' 
# 
loop_
_software.citation_id 
_software.classification 
_software.compiler_name 
_software.compiler_version 
_software.contact_author 
_software.contact_author_email 
_software.date 
_software.description 
_software.dependencies 
_software.hardware 
_software.language 
_software.location 
_software.mods 
_software.name 
_software.os 
_software.os_version 
_software.type 
_software.version 
_software.pdbx_ordinal 
? 'data scaling'    ? ? ? ? ? ? ? ? ? ? ? HKL-3000    ? ? ? .         1 
? refinement        ? ? ? ? ? ? ? ? ? ? ? PHENIX      ? ? ? 1.14_3260 2 
? 'data extraction' ? ? ? ? ? ? ? ? ? ? ? PDB_EXTRACT ? ? ? 3.25      3 
? 'data reduction'  ? ? ? ? ? ? ? ? ? ? ? HKL-3000    ? ? ? .         4 
? phasing           ? ? ? ? ? ? ? ? ? ? ? PHASER      ? ? ? .         5 
# 
_pdbx_entry_details.entry_id                 7D81 
_pdbx_entry_details.nonpolymer_details       ? 
_pdbx_entry_details.sequence_details         ? 
_pdbx_entry_details.compound_details         ? 
_pdbx_entry_details.source_details           ? 
_pdbx_entry_details.has_ligand_of_interest   Y 
# 
_pdbx_validate_symm_contact.id                1 
_pdbx_validate_symm_contact.PDB_model_num     1 
_pdbx_validate_symm_contact.auth_atom_id_1    OP2 
_pdbx_validate_symm_contact.auth_asym_id_1    A 
_pdbx_validate_symm_contact.auth_comp_id_1    C 
_pdbx_validate_symm_contact.auth_seq_id_1     6 
_pdbx_validate_symm_contact.PDB_ins_code_1    ? 
_pdbx_validate_symm_contact.label_alt_id_1    ? 
_pdbx_validate_symm_contact.site_symmetry_1   1_555 
_pdbx_validate_symm_contact.auth_atom_id_2    O2D 
_pdbx_validate_symm_contact.auth_asym_id_2    A 
_pdbx_validate_symm_contact.auth_comp_id_2    NAD 
_pdbx_validate_symm_contact.auth_seq_id_2     104 
_pdbx_validate_symm_contact.PDB_ins_code_2    ? 
_pdbx_validate_symm_contact.label_alt_id_2    ? 
_pdbx_validate_symm_contact.site_symmetry_2   5_554 
_pdbx_validate_symm_contact.dist              2.10 
# 
loop_
_pdbx_validate_rmsd_angle.id 
_pdbx_validate_rmsd_angle.PDB_model_num 
_pdbx_validate_rmsd_angle.auth_atom_id_1 
_pdbx_validate_rmsd_angle.auth_asym_id_1 
_pdbx_validate_rmsd_angle.auth_comp_id_1 
_pdbx_validate_rmsd_angle.auth_seq_id_1 
_pdbx_validate_rmsd_angle.PDB_ins_code_1 
_pdbx_validate_rmsd_angle.label_alt_id_1 
_pdbx_validate_rmsd_angle.auth_atom_id_2 
_pdbx_validate_rmsd_angle.auth_asym_id_2 
_pdbx_validate_rmsd_angle.auth_comp_id_2 
_pdbx_validate_rmsd_angle.auth_seq_id_2 
_pdbx_validate_rmsd_angle.PDB_ins_code_2 
_pdbx_validate_rmsd_angle.label_alt_id_2 
_pdbx_validate_rmsd_angle.auth_atom_id_3 
_pdbx_validate_rmsd_angle.auth_asym_id_3 
_pdbx_validate_rmsd_angle.auth_comp_id_3 
_pdbx_validate_rmsd_angle.auth_seq_id_3 
_pdbx_validate_rmsd_angle.PDB_ins_code_3 
_pdbx_validate_rmsd_angle.label_alt_id_3 
_pdbx_validate_rmsd_angle.angle_value 
_pdbx_validate_rmsd_angle.angle_target_value 
_pdbx_validate_rmsd_angle.angle_deviation 
_pdbx_validate_rmsd_angle.angle_standard_deviation 
_pdbx_validate_rmsd_angle.linker_flag 
1 1 C6 A C 43 ? ? N1 A C 43 ? ? C2 A C 43 ? ? 117.49 120.30 -2.81 0.40 N 
2 1 C5 A C 43 ? ? C6 A C 43 ? ? N1 A C 43 ? ? 124.89 121.00 3.89  0.50 N 
# 
loop_
_chem_comp_atom.comp_id 
_chem_comp_atom.atom_id 
_chem_comp_atom.type_symbol 
_chem_comp_atom.pdbx_aromatic_flag 
_chem_comp_atom.pdbx_stereo_config 
_chem_comp_atom.pdbx_ordinal 
A   OP3    O  N N 1   
A   P      P  N N 2   
A   OP1    O  N N 3   
A   OP2    O  N N 4   
A   "O5'"  O  N N 5   
A   "C5'"  C  N N 6   
A   "C4'"  C  N R 7   
A   "O4'"  O  N N 8   
A   "C3'"  C  N S 9   
A   "O3'"  O  N N 10  
A   "C2'"  C  N R 11  
A   "O2'"  O  N N 12  
A   "C1'"  C  N R 13  
A   N9     N  Y N 14  
A   C8     C  Y N 15  
A   N7     N  Y N 16  
A   C5     C  Y N 17  
A   C6     C  Y N 18  
A   N6     N  N N 19  
A   N1     N  Y N 20  
A   C2     C  Y N 21  
A   N3     N  Y N 22  
A   C4     C  Y N 23  
A   HOP3   H  N N 24  
A   HOP2   H  N N 25  
A   "H5'"  H  N N 26  
A   "H5''" H  N N 27  
A   "H4'"  H  N N 28  
A   "H3'"  H  N N 29  
A   "HO3'" H  N N 30  
A   "H2'"  H  N N 31  
A   "HO2'" H  N N 32  
A   "H1'"  H  N N 33  
A   H8     H  N N 34  
A   H61    H  N N 35  
A   H62    H  N N 36  
A   H2     H  N N 37  
C   OP3    O  N N 38  
C   P      P  N N 39  
C   OP1    O  N N 40  
C   OP2    O  N N 41  
C   "O5'"  O  N N 42  
C   "C5'"  C  N N 43  
C   "C4'"  C  N R 44  
C   "O4'"  O  N N 45  
C   "C3'"  C  N S 46  
C   "O3'"  O  N N 47  
C   "C2'"  C  N R 48  
C   "O2'"  O  N N 49  
C   "C1'"  C  N R 50  
C   N1     N  N N 51  
C   C2     C  N N 52  
C   O2     O  N N 53  
C   N3     N  N N 54  
C   C4     C  N N 55  
C   N4     N  N N 56  
C   C5     C  N N 57  
C   C6     C  N N 58  
C   HOP3   H  N N 59  
C   HOP2   H  N N 60  
C   "H5'"  H  N N 61  
C   "H5''" H  N N 62  
C   "H4'"  H  N N 63  
C   "H3'"  H  N N 64  
C   "HO3'" H  N N 65  
C   "H2'"  H  N N 66  
C   "HO2'" H  N N 67  
C   "H1'"  H  N N 68  
C   H41    H  N N 69  
C   H42    H  N N 70  
C   H5     H  N N 71  
C   H6     H  N N 72  
G   OP3    O  N N 73  
G   P      P  N N 74  
G   OP1    O  N N 75  
G   OP2    O  N N 76  
G   "O5'"  O  N N 77  
G   "C5'"  C  N N 78  
G   "C4'"  C  N R 79  
G   "O4'"  O  N N 80  
G   "C3'"  C  N S 81  
G   "O3'"  O  N N 82  
G   "C2'"  C  N R 83  
G   "O2'"  O  N N 84  
G   "C1'"  C  N R 85  
G   N9     N  Y N 86  
G   C8     C  Y N 87  
G   N7     N  Y N 88  
G   C5     C  Y N 89  
G   C6     C  N N 90  
G   O6     O  N N 91  
G   N1     N  N N 92  
G   C2     C  N N 93  
G   N2     N  N N 94  
G   N3     N  N N 95  
G   C4     C  Y N 96  
G   HOP3   H  N N 97  
G   HOP2   H  N N 98  
G   "H5'"  H  N N 99  
G   "H5''" H  N N 100 
G   "H4'"  H  N N 101 
G   "H3'"  H  N N 102 
G   "HO3'" H  N N 103 
G   "H2'"  H  N N 104 
G   "HO2'" H  N N 105 
G   "H1'"  H  N N 106 
G   H8     H  N N 107 
G   H1     H  N N 108 
G   H21    H  N N 109 
G   H22    H  N N 110 
HOH O      O  N N 111 
HOH H1     H  N N 112 
HOH H2     H  N N 113 
MG  MG     MG N N 114 
NAD PA     P  N S 115 
NAD O1A    O  N N 116 
NAD O2A    O  N N 117 
NAD O5B    O  N N 118 
NAD C5B    C  N N 119 
NAD C4B    C  N R 120 
NAD O4B    O  N N 121 
NAD C3B    C  N S 122 
NAD O3B    O  N N 123 
NAD C2B    C  N R 124 
NAD O2B    O  N N 125 
NAD C1B    C  N R 126 
NAD N9A    N  Y N 127 
NAD C8A    C  Y N 128 
NAD N7A    N  Y N 129 
NAD C5A    C  Y N 130 
NAD C6A    C  Y N 131 
NAD N6A    N  N N 132 
NAD N1A    N  Y N 133 
NAD C2A    C  Y N 134 
NAD N3A    N  Y N 135 
NAD C4A    C  Y N 136 
NAD O3     O  N N 137 
NAD PN     P  N N 138 
NAD O1N    O  N N 139 
NAD O2N    O  N N 140 
NAD O5D    O  N N 141 
NAD C5D    C  N N 142 
NAD C4D    C  N R 143 
NAD O4D    O  N N 144 
NAD C3D    C  N S 145 
NAD O3D    O  N N 146 
NAD C2D    C  N R 147 
NAD O2D    O  N N 148 
NAD C1D    C  N R 149 
NAD N1N    N  Y N 150 
NAD C2N    C  Y N 151 
NAD C3N    C  Y N 152 
NAD C7N    C  N N 153 
NAD O7N    O  N N 154 
NAD N7N    N  N N 155 
NAD C4N    C  Y N 156 
NAD C5N    C  Y N 157 
NAD C6N    C  Y N 158 
NAD HOA2   H  N N 159 
NAD H51A   H  N N 160 
NAD H52A   H  N N 161 
NAD H4B    H  N N 162 
NAD H3B    H  N N 163 
NAD HO3A   H  N N 164 
NAD H2B    H  N N 165 
NAD HO2A   H  N N 166 
NAD H1B    H  N N 167 
NAD H8A    H  N N 168 
NAD H61A   H  N N 169 
NAD H62A   H  N N 170 
NAD H2A    H  N N 171 
NAD H51N   H  N N 172 
NAD H52N   H  N N 173 
NAD H4D    H  N N 174 
NAD H3D    H  N N 175 
NAD HO3N   H  N N 176 
NAD H2D    H  N N 177 
NAD HO2N   H  N N 178 
NAD H1D    H  N N 179 
NAD H2N    H  N N 180 
NAD H71N   H  N N 181 
NAD H72N   H  N N 182 
NAD H4N    H  N N 183 
NAD H5N    H  N N 184 
NAD H6N    H  N N 185 
U   OP3    O  N N 186 
U   P      P  N N 187 
U   OP1    O  N N 188 
U   OP2    O  N N 189 
U   "O5'"  O  N N 190 
U   "C5'"  C  N N 191 
U   "C4'"  C  N R 192 
U   "O4'"  O  N N 193 
U   "C3'"  C  N S 194 
U   "O3'"  O  N N 195 
U   "C2'"  C  N R 196 
U   "O2'"  O  N N 197 
U   "C1'"  C  N R 198 
U   N1     N  N N 199 
U   C2     C  N N 200 
U   O2     O  N N 201 
U   N3     N  N N 202 
U   C4     C  N N 203 
U   O4     O  N N 204 
U   C5     C  N N 205 
U   C6     C  N N 206 
U   HOP3   H  N N 207 
U   HOP2   H  N N 208 
U   "H5'"  H  N N 209 
U   "H5''" H  N N 210 
U   "H4'"  H  N N 211 
U   "H3'"  H  N N 212 
U   "HO3'" H  N N 213 
U   "H2'"  H  N N 214 
U   "HO2'" H  N N 215 
U   "H1'"  H  N N 216 
U   H3     H  N N 217 
U   H5     H  N N 218 
U   H6     H  N N 219 
# 
loop_
_chem_comp_bond.comp_id 
_chem_comp_bond.atom_id_1 
_chem_comp_bond.atom_id_2 
_chem_comp_bond.value_order 
_chem_comp_bond.pdbx_aromatic_flag 
_chem_comp_bond.pdbx_stereo_config 
_chem_comp_bond.pdbx_ordinal 
A   OP3   P      sing N N 1   
A   OP3   HOP3   sing N N 2   
A   P     OP1    doub N N 3   
A   P     OP2    sing N N 4   
A   P     "O5'"  sing N N 5   
A   OP2   HOP2   sing N N 6   
A   "O5'" "C5'"  sing N N 7   
A   "C5'" "C4'"  sing N N 8   
A   "C5'" "H5'"  sing N N 9   
A   "C5'" "H5''" sing N N 10  
A   "C4'" "O4'"  sing N N 11  
A   "C4'" "C3'"  sing N N 12  
A   "C4'" "H4'"  sing N N 13  
A   "O4'" "C1'"  sing N N 14  
A   "C3'" "O3'"  sing N N 15  
A   "C3'" "C2'"  sing N N 16  
A   "C3'" "H3'"  sing N N 17  
A   "O3'" "HO3'" sing N N 18  
A   "C2'" "O2'"  sing N N 19  
A   "C2'" "C1'"  sing N N 20  
A   "C2'" "H2'"  sing N N 21  
A   "O2'" "HO2'" sing N N 22  
A   "C1'" N9     sing N N 23  
A   "C1'" "H1'"  sing N N 24  
A   N9    C8     sing Y N 25  
A   N9    C4     sing Y N 26  
A   C8    N7     doub Y N 27  
A   C8    H8     sing N N 28  
A   N7    C5     sing Y N 29  
A   C5    C6     sing Y N 30  
A   C5    C4     doub Y N 31  
A   C6    N6     sing N N 32  
A   C6    N1     doub Y N 33  
A   N6    H61    sing N N 34  
A   N6    H62    sing N N 35  
A   N1    C2     sing Y N 36  
A   C2    N3     doub Y N 37  
A   C2    H2     sing N N 38  
A   N3    C4     sing Y N 39  
C   OP3   P      sing N N 40  
C   OP3   HOP3   sing N N 41  
C   P     OP1    doub N N 42  
C   P     OP2    sing N N 43  
C   P     "O5'"  sing N N 44  
C   OP2   HOP2   sing N N 45  
C   "O5'" "C5'"  sing N N 46  
C   "C5'" "C4'"  sing N N 47  
C   "C5'" "H5'"  sing N N 48  
C   "C5'" "H5''" sing N N 49  
C   "C4'" "O4'"  sing N N 50  
C   "C4'" "C3'"  sing N N 51  
C   "C4'" "H4'"  sing N N 52  
C   "O4'" "C1'"  sing N N 53  
C   "C3'" "O3'"  sing N N 54  
C   "C3'" "C2'"  sing N N 55  
C   "C3'" "H3'"  sing N N 56  
C   "O3'" "HO3'" sing N N 57  
C   "C2'" "O2'"  sing N N 58  
C   "C2'" "C1'"  sing N N 59  
C   "C2'" "H2'"  sing N N 60  
C   "O2'" "HO2'" sing N N 61  
C   "C1'" N1     sing N N 62  
C   "C1'" "H1'"  sing N N 63  
C   N1    C2     sing N N 64  
C   N1    C6     sing N N 65  
C   C2    O2     doub N N 66  
C   C2    N3     sing N N 67  
C   N3    C4     doub N N 68  
C   C4    N4     sing N N 69  
C   C4    C5     sing N N 70  
C   N4    H41    sing N N 71  
C   N4    H42    sing N N 72  
C   C5    C6     doub N N 73  
C   C5    H5     sing N N 74  
C   C6    H6     sing N N 75  
G   OP3   P      sing N N 76  
G   OP3   HOP3   sing N N 77  
G   P     OP1    doub N N 78  
G   P     OP2    sing N N 79  
G   P     "O5'"  sing N N 80  
G   OP2   HOP2   sing N N 81  
G   "O5'" "C5'"  sing N N 82  
G   "C5'" "C4'"  sing N N 83  
G   "C5'" "H5'"  sing N N 84  
G   "C5'" "H5''" sing N N 85  
G   "C4'" "O4'"  sing N N 86  
G   "C4'" "C3'"  sing N N 87  
G   "C4'" "H4'"  sing N N 88  
G   "O4'" "C1'"  sing N N 89  
G   "C3'" "O3'"  sing N N 90  
G   "C3'" "C2'"  sing N N 91  
G   "C3'" "H3'"  sing N N 92  
G   "O3'" "HO3'" sing N N 93  
G   "C2'" "O2'"  sing N N 94  
G   "C2'" "C1'"  sing N N 95  
G   "C2'" "H2'"  sing N N 96  
G   "O2'" "HO2'" sing N N 97  
G   "C1'" N9     sing N N 98  
G   "C1'" "H1'"  sing N N 99  
G   N9    C8     sing Y N 100 
G   N9    C4     sing Y N 101 
G   C8    N7     doub Y N 102 
G   C8    H8     sing N N 103 
G   N7    C5     sing Y N 104 
G   C5    C6     sing N N 105 
G   C5    C4     doub Y N 106 
G   C6    O6     doub N N 107 
G   C6    N1     sing N N 108 
G   N1    C2     sing N N 109 
G   N1    H1     sing N N 110 
G   C2    N2     sing N N 111 
G   C2    N3     doub N N 112 
G   N2    H21    sing N N 113 
G   N2    H22    sing N N 114 
G   N3    C4     sing N N 115 
HOH O     H1     sing N N 116 
HOH O     H2     sing N N 117 
NAD PA    O1A    doub N N 118 
NAD PA    O2A    sing N N 119 
NAD PA    O5B    sing N N 120 
NAD PA    O3     sing N N 121 
NAD O2A   HOA2   sing N N 122 
NAD O5B   C5B    sing N N 123 
NAD C5B   C4B    sing N N 124 
NAD C5B   H51A   sing N N 125 
NAD C5B   H52A   sing N N 126 
NAD C4B   O4B    sing N N 127 
NAD C4B   C3B    sing N N 128 
NAD C4B   H4B    sing N N 129 
NAD O4B   C1B    sing N N 130 
NAD C3B   O3B    sing N N 131 
NAD C3B   C2B    sing N N 132 
NAD C3B   H3B    sing N N 133 
NAD O3B   HO3A   sing N N 134 
NAD C2B   O2B    sing N N 135 
NAD C2B   C1B    sing N N 136 
NAD C2B   H2B    sing N N 137 
NAD O2B   HO2A   sing N N 138 
NAD C1B   N9A    sing N N 139 
NAD C1B   H1B    sing N N 140 
NAD N9A   C8A    sing Y N 141 
NAD N9A   C4A    sing Y N 142 
NAD C8A   N7A    doub Y N 143 
NAD C8A   H8A    sing N N 144 
NAD N7A   C5A    sing Y N 145 
NAD C5A   C6A    sing Y N 146 
NAD C5A   C4A    doub Y N 147 
NAD C6A   N6A    sing N N 148 
NAD C6A   N1A    doub Y N 149 
NAD N6A   H61A   sing N N 150 
NAD N6A   H62A   sing N N 151 
NAD N1A   C2A    sing Y N 152 
NAD C2A   N3A    doub Y N 153 
NAD C2A   H2A    sing N N 154 
NAD N3A   C4A    sing Y N 155 
NAD O3    PN     sing N N 156 
NAD PN    O1N    doub N N 157 
NAD PN    O2N    sing N N 158 
NAD PN    O5D    sing N N 159 
NAD O5D   C5D    sing N N 160 
NAD C5D   C4D    sing N N 161 
NAD C5D   H51N   sing N N 162 
NAD C5D   H52N   sing N N 163 
NAD C4D   O4D    sing N N 164 
NAD C4D   C3D    sing N N 165 
NAD C4D   H4D    sing N N 166 
NAD O4D   C1D    sing N N 167 
NAD C3D   O3D    sing N N 168 
NAD C3D   C2D    sing N N 169 
NAD C3D   H3D    sing N N 170 
NAD O3D   HO3N   sing N N 171 
NAD C2D   O2D    sing N N 172 
NAD C2D   C1D    sing N N 173 
NAD C2D   H2D    sing N N 174 
NAD O2D   HO2N   sing N N 175 
NAD C1D   N1N    sing N N 176 
NAD C1D   H1D    sing N N 177 
NAD N1N   C2N    sing Y N 178 
NAD N1N   C6N    doub Y N 179 
NAD C2N   C3N    doub Y N 180 
NAD C2N   H2N    sing N N 181 
NAD C3N   C7N    sing N N 182 
NAD C3N   C4N    sing Y N 183 
NAD C7N   O7N    doub N N 184 
NAD C7N   N7N    sing N N 185 
NAD N7N   H71N   sing N N 186 
NAD N7N   H72N   sing N N 187 
NAD C4N   C5N    doub Y N 188 
NAD C4N   H4N    sing N N 189 
NAD C5N   C6N    sing Y N 190 
NAD C5N   H5N    sing N N 191 
NAD C6N   H6N    sing N N 192 
U   OP3   P      sing N N 193 
U   OP3   HOP3   sing N N 194 
U   P     OP1    doub N N 195 
U   P     OP2    sing N N 196 
U   P     "O5'"  sing N N 197 
U   OP2   HOP2   sing N N 198 
U   "O5'" "C5'"  sing N N 199 
U   "C5'" "C4'"  sing N N 200 
U   "C5'" "H5'"  sing N N 201 
U   "C5'" "H5''" sing N N 202 
U   "C4'" "O4'"  sing N N 203 
U   "C4'" "C3'"  sing N N 204 
U   "C4'" "H4'"  sing N N 205 
U   "O4'" "C1'"  sing N N 206 
U   "C3'" "O3'"  sing N N 207 
U   "C3'" "C2'"  sing N N 208 
U   "C3'" "H3'"  sing N N 209 
U   "O3'" "HO3'" sing N N 210 
U   "C2'" "O2'"  sing N N 211 
U   "C2'" "C1'"  sing N N 212 
U   "C2'" "H2'"  sing N N 213 
U   "O2'" "HO2'" sing N N 214 
U   "C1'" N1     sing N N 215 
U   "C1'" "H1'"  sing N N 216 
U   N1    C2     sing N N 217 
U   N1    C6     sing N N 218 
U   C2    O2     doub N N 219 
U   C2    N3     sing N N 220 
U   N3    C4     sing N N 221 
U   N3    H3     sing N N 222 
U   C4    O4     doub N N 223 
U   C4    C5     sing N N 224 
U   C5    C6     doub N N 225 
U   C5    H5     sing N N 226 
U   C6    H6     sing N N 227 
# 
loop_
_ndb_struct_conf_na.entry_id 
_ndb_struct_conf_na.feature 
7D81 'double helix'         
7D81 'a-form double helix'  
7D81 'hairpin loop'         
7D81 'bulge loop'           
7D81 'mismatched base pair' 
# 
loop_
_ndb_struct_na_base_pair.model_number 
_ndb_struct_na_base_pair.i_label_asym_id 
_ndb_struct_na_base_pair.i_label_comp_id 
_ndb_struct_na_base_pair.i_label_seq_id 
_ndb_struct_na_base_pair.i_symmetry 
_ndb_struct_na_base_pair.j_label_asym_id 
_ndb_struct_na_base_pair.j_label_comp_id 
_ndb_struct_na_base_pair.j_label_seq_id 
_ndb_struct_na_base_pair.j_symmetry 
_ndb_struct_na_base_pair.shear 
_ndb_struct_na_base_pair.stretch 
_ndb_struct_na_base_pair.stagger 
_ndb_struct_na_base_pair.buckle 
_ndb_struct_na_base_pair.propeller 
_ndb_struct_na_base_pair.opening 
_ndb_struct_na_base_pair.pair_number 
_ndb_struct_na_base_pair.pair_name 
_ndb_struct_na_base_pair.i_auth_asym_id 
_ndb_struct_na_base_pair.i_auth_seq_id 
_ndb_struct_na_base_pair.i_PDB_ins_code 
_ndb_struct_na_base_pair.j_auth_asym_id 
_ndb_struct_na_base_pair.j_auth_seq_id 
_ndb_struct_na_base_pair.j_PDB_ins_code 
_ndb_struct_na_base_pair.hbond_type_28 
_ndb_struct_na_base_pair.hbond_type_12 
1 A G 1  1_555 A C 50 1_555 1.498  0.479  0.609  3.715   19.921  -7.558 1  A_G1:C50_A  A 1  ? A 50 ? ?  1 
1 A G 2  1_555 A C 49 1_555 -0.568 -0.488 0.116  1.337   -20.527 -8.209 2  A_G2:C49_A  A 2  ? A 49 ? 19 1 
1 A U 3  1_555 A G 48 1_555 1.728  -0.312 0.196  -3.388  -10.678 7.494  3  A_U3:G48_A  A 3  ? A 48 ? 28 1 
1 A U 4  1_555 A A 47 1_555 -0.710 0.050  0.119  -6.072  -22.816 6.887  4  A_U4:A47_A  A 4  ? A 47 ? 20 1 
1 A U 5  1_555 A A 46 1_555 -0.108 -0.223 0.188  0.963   -14.351 -2.646 5  A_U5:A46_A  A 5  ? A 46 ? 20 1 
1 A C 6  1_555 A G 45 1_555 -0.046 0.007  0.285  4.605   -21.218 0.446  6  A_C6:G45_A  A 6  ? A 45 ? 19 1 
1 A A 7  1_555 A U 44 1_555 -0.080 -0.001 0.018  5.447   -4.330  0.942  7  A_A7:U44_A  A 7  ? A 44 ? 20 1 
1 A G 16 1_555 A C 43 1_555 -0.298 -0.377 -0.252 -11.035 -18.239 5.121  8  A_G16:C43_A A 16 ? A 43 ? 19 1 
1 A U 17 1_555 A A 42 1_555 -0.050 -0.102 0.137  -14.407 -4.033  -2.568 9  A_U17:A42_A A 17 ? A 42 ? 20 1 
1 A U 18 1_555 A G 41 1_555 2.264  -0.637 0.055  -2.820  -4.501  -2.899 10 A_U18:G41_A A 18 ? A 41 ? 28 1 
1 A C 19 1_555 A G 40 1_555 0.085  0.026  0.044  5.503   -16.879 4.853  11 A_C19:G40_A A 19 ? A 40 ? 19 1 
1 A G 20 1_555 A C 39 1_555 -0.517 -0.277 0.214  8.376   -9.696  -0.645 12 A_G20:C39_A A 20 ? A 39 ? 19 1 
1 A G 21 1_555 A C 38 1_555 -0.457 -0.111 0.026  7.564   -8.721  1.217  13 A_G21:C38_A A 21 ? A 38 ? 19 1 
1 A C 22 1_555 A G 37 1_555 0.529  -0.061 -0.253 5.941   -10.599 4.959  14 A_C22:G37_A A 22 ? A 37 ? 19 1 
1 A G 23 1_555 A G 34 1_555 -4.444 1.558  -1.447 18.960  -1.619  5.552  15 A_G23:G34_A A 23 ? A 34 ? ?  ? 
1 A C 24 1_555 A G 33 1_555 0.368  -0.007 -0.588 19.393  -16.635 1.728  16 A_C24:G33_A A 24 ? A 33 ? 19 1 
1 A U 25 1_555 A A 32 1_555 -0.784 0.093  -0.848 -0.047  -15.141 12.311 17 A_U25:A32_A A 25 ? A 32 ? 20 1 
1 A C 26 1_555 A G 31 1_555 0.707  -0.549 -0.794 -9.765  -3.507  4.757  18 A_C26:G31_A A 26 ? A 31 ? 19 1 
# 
loop_
_ndb_struct_na_base_pair_step.model_number 
_ndb_struct_na_base_pair_step.i_label_asym_id_1 
_ndb_struct_na_base_pair_step.i_label_comp_id_1 
_ndb_struct_na_base_pair_step.i_label_seq_id_1 
_ndb_struct_na_base_pair_step.i_symmetry_1 
_ndb_struct_na_base_pair_step.j_label_asym_id_1 
_ndb_struct_na_base_pair_step.j_label_comp_id_1 
_ndb_struct_na_base_pair_step.j_label_seq_id_1 
_ndb_struct_na_base_pair_step.j_symmetry_1 
_ndb_struct_na_base_pair_step.i_label_asym_id_2 
_ndb_struct_na_base_pair_step.i_label_comp_id_2 
_ndb_struct_na_base_pair_step.i_label_seq_id_2 
_ndb_struct_na_base_pair_step.i_symmetry_2 
_ndb_struct_na_base_pair_step.j_label_asym_id_2 
_ndb_struct_na_base_pair_step.j_label_comp_id_2 
_ndb_struct_na_base_pair_step.j_label_seq_id_2 
_ndb_struct_na_base_pair_step.j_symmetry_2 
_ndb_struct_na_base_pair_step.shift 
_ndb_struct_na_base_pair_step.slide 
_ndb_struct_na_base_pair_step.rise 
_ndb_struct_na_base_pair_step.tilt 
_ndb_struct_na_base_pair_step.roll 
_ndb_struct_na_base_pair_step.twist 
_ndb_struct_na_base_pair_step.x_displacement 
_ndb_struct_na_base_pair_step.y_displacement 
_ndb_struct_na_base_pair_step.helical_rise 
_ndb_struct_na_base_pair_step.inclination 
_ndb_struct_na_base_pair_step.tip 
_ndb_struct_na_base_pair_step.helical_twist 
_ndb_struct_na_base_pair_step.step_number 
_ndb_struct_na_base_pair_step.step_name 
_ndb_struct_na_base_pair_step.i_auth_asym_id_1 
_ndb_struct_na_base_pair_step.i_auth_seq_id_1 
_ndb_struct_na_base_pair_step.i_PDB_ins_code_1 
_ndb_struct_na_base_pair_step.j_auth_asym_id_1 
_ndb_struct_na_base_pair_step.j_auth_seq_id_1 
_ndb_struct_na_base_pair_step.j_PDB_ins_code_1 
_ndb_struct_na_base_pair_step.i_auth_asym_id_2 
_ndb_struct_na_base_pair_step.i_auth_seq_id_2 
_ndb_struct_na_base_pair_step.i_PDB_ins_code_2 
_ndb_struct_na_base_pair_step.j_auth_asym_id_2 
_ndb_struct_na_base_pair_step.j_auth_seq_id_2 
_ndb_struct_na_base_pair_step.j_PDB_ins_code_2 
1 A G 1  1_555 A C 50 1_555 A G 2  1_555 A C 49 1_555 0.569  -2.217 3.236 2.250   18.857 35.144 -5.085 -0.617 1.885 28.783 -3.435  
39.804 1  AA_G1G2:C49C50_AA   A 1  ? A 50 ? A 2  ? A 49 ? 
1 A G 2  1_555 A C 49 1_555 A U 3  1_555 A G 48 1_555 0.842  -1.270 3.223 0.798   5.522  44.011 -2.176 -1.044 3.064 7.333  -1.060  
44.346 2  AA_G2U3:G48C49_AA   A 2  ? A 49 ? A 3  ? A 48 ? 
1 A U 3  1_555 A G 48 1_555 A U 4  1_555 A A 47 1_555 -0.461 -1.601 2.958 1.836   17.553 22.704 -6.161 1.237  1.355 38.054 -3.980  
28.685 3  AA_U3U4:A47G48_AA   A 3  ? A 48 ? A 4  ? A 47 ? 
1 A U 4  1_555 A A 47 1_555 A U 5  1_555 A A 46 1_555 -0.342 -0.869 3.109 -3.586  4.977  33.938 -2.192 0.055  2.975 8.440  6.082   
34.472 4  AA_U4U5:A46A47_AA   A 4  ? A 47 ? A 5  ? A 46 ? 
1 A U 5  1_555 A A 46 1_555 A C 6  1_555 A G 45 1_555 1.369  -2.319 3.031 2.378   7.475  27.685 -6.100 -2.301 2.440 15.239 -4.847  
28.754 5  AA_U5C6:G45A46_AA   A 5  ? A 46 ? A 6  ? A 45 ? 
1 A C 6  1_555 A G 45 1_555 A A 7  1_555 A U 44 1_555 -0.953 -1.710 3.036 -1.295  15.407 33.908 -4.383 1.352  2.122 24.876 2.091   
37.172 6  AA_C6A7:U44G45_AA   A 6  ? A 45 ? A 7  ? A 44 ? 
1 A A 7  1_555 A U 44 1_555 A G 16 1_555 A C 43 1_555 0.216  -2.808 3.564 1.164   16.635 29.032 -7.294 -0.208 1.748 30.242 -2.117  
33.391 7  AA_A7G16:C43U44_AA  A 7  ? A 44 ? A 16 ? A 43 ? 
1 A G 16 1_555 A C 43 1_555 A U 17 1_555 A A 42 1_555 -0.975 -2.142 3.225 -3.800  10.262 33.595 -4.916 1.096  2.572 17.196 6.368   
35.283 8  AA_G16U17:A42C43_AA A 16 ? A 43 ? A 17 ? A 42 ? 
1 A U 17 1_555 A A 42 1_555 A U 18 1_555 A G 41 1_555 0.031  -1.540 3.061 1.777   1.022  37.315 -2.529 0.169  3.018 1.596  -2.774  
37.369 9  AA_U17U18:G41A42_AA A 17 ? A 42 ? A 18 ? A 41 ? 
1 A U 18 1_555 A G 41 1_555 A C 19 1_555 A G 40 1_555 0.319  -1.939 2.746 5.124   11.665 25.036 -5.992 0.216  1.720 24.951 -10.961 
28.046 10 AA_U18C19:G40G41_AA A 18 ? A 41 ? A 19 ? A 40 ? 
1 A C 19 1_555 A G 40 1_555 A G 20 1_555 A C 39 1_555 -0.629 -1.457 3.081 -2.862  15.469 26.179 -5.355 0.719  1.986 30.860 5.709   
30.471 11 AA_C19G20:C39G40_AA A 19 ? A 40 ? A 20 ? A 39 ? 
1 A G 20 1_555 A C 39 1_555 A G 21 1_555 A C 38 1_555 0.238  -1.211 3.275 1.304   12.071 31.304 -3.962 -0.212 2.648 21.389 -2.311  
33.521 12 AA_G20G21:C38C39_AA A 20 ? A 39 ? A 21 ? A 38 ? 
1 A G 21 1_555 A C 38 1_555 A C 22 1_555 A G 37 1_555 0.935  -1.599 3.263 4.079   8.409  36.496 -3.528 -0.940 2.920 13.163 -6.385  
37.635 13 AA_G21C22:G37C38_AA A 21 ? A 38 ? A 22 ? A 37 ? 
1 A C 22 1_555 A G 37 1_555 A G 23 1_555 A G 34 1_555 3.695  -2.379 3.895 -12.272 4.751  37.273 -4.072 -6.889 2.303 7.166  18.508  
39.450 14 AA_C22G23:G34G37_AA A 22 ? A 37 ? A 23 ? A 34 ? 
1 A G 23 1_555 A G 34 1_555 A C 24 1_555 A G 33 1_555 -0.848 -0.537 3.317 -11.793 16.116 48.450 -1.709 0.160  3.119 18.741 13.714  
52.173 15 AA_G23C24:G33G34_AA A 23 ? A 34 ? A 24 ? A 33 ? 
1 A C 24 1_555 A G 33 1_555 A U 25 1_555 A A 32 1_555 0.081  -1.665 3.584 3.696   16.680 26.713 -6.021 0.508  2.185 32.251 -7.145  
31.625 16 AA_C24U25:A32G33_AA A 24 ? A 33 ? A 25 ? A 32 ? 
1 A U 25 1_555 A A 32 1_555 A C 26 1_555 A G 31 1_555 -0.317 -0.834 3.687 -3.455  13.693 38.753 -2.808 0.042  3.239 19.851 5.009   
41.153 17 AA_U25C26:G31A32_AA A 25 ? A 32 ? A 26 ? A 31 ? 
# 
_pdbx_audit_support.funding_organization   'National Natural Science Foundation of China (NSFC)' 
_pdbx_audit_support.country                China 
_pdbx_audit_support.grant_number           ? 
_pdbx_audit_support.ordinal                1 
# 
loop_
_pdbx_entity_instance_feature.ordinal 
_pdbx_entity_instance_feature.comp_id 
_pdbx_entity_instance_feature.asym_id 
_pdbx_entity_instance_feature.seq_num 
_pdbx_entity_instance_feature.auth_comp_id 
_pdbx_entity_instance_feature.auth_asym_id 
_pdbx_entity_instance_feature.auth_seq_num 
_pdbx_entity_instance_feature.feature_type 
_pdbx_entity_instance_feature.details 
1 MG  ? ? MG  ? ? 'SUBJECT OF INVESTIGATION' ? 
2 NAD ? ? NAD ? ? 'SUBJECT OF INVESTIGATION' ? 
# 
loop_
_pdbx_entity_nonpoly.entity_id 
_pdbx_entity_nonpoly.name 
_pdbx_entity_nonpoly.comp_id 
2 'MAGNESIUM ION'                   MG  
3 NICOTINAMIDE-ADENINE-DINUCLEOTIDE NAD 
4 water                             HOH 
# 
_pdbx_initial_refinement_model.id               1 
_pdbx_initial_refinement_model.entity_id_list   ? 
_pdbx_initial_refinement_model.type             'experimental model' 
_pdbx_initial_refinement_model.source_name      PDB 
_pdbx_initial_refinement_model.accession_code   7D7V 
_pdbx_initial_refinement_model.details          ? 
# 
_pdbx_struct_assembly_auth_evidence.id                     1 
_pdbx_struct_assembly_auth_evidence.assembly_id            1 
_pdbx_struct_assembly_auth_evidence.experimental_support   'isothermal titration calorimetry' 
_pdbx_struct_assembly_auth_evidence.details                ? 
# 
